data_8KDD
#
_entry.id   8KDD
#
_cell.length_a   1.00
_cell.length_b   1.00
_cell.length_c   1.00
_cell.angle_alpha   90.00
_cell.angle_beta   90.00
_cell.angle_gamma   90.00
#
_symmetry.space_group_name_H-M   'P 1'
#
loop_
_entity.id
_entity.type
_entity.pdbx_description
1 polymer '4F2 cell-surface antigen heavy chain'
2 polymer 'Large neutral amino acids transporter small subunit 1'
3 polymer 'Fab170 light chain'
4 polymer 'Fab170 heavy chain'
5 non-polymer 2-acetamido-2-deoxy-beta-D-glucopyranose
6 non-polymer Nanvuranlat
#
loop_
_entity_poly.entity_id
_entity_poly.type
_entity_poly.pdbx_seq_one_letter_code
_entity_poly.pdbx_strand_id
1 'polypeptide(L)'
;GSELQPPEASIAVVSIPRQLPGSHSEAGVQGLSAGDDSELGSHCVAQTGLELLASGDPLPSASQNAEMIETGSDCVTQAG
LQLLASSDPPALASKNAEVTGTMSQDTEVDMKEVELNELEPEKQPMNAASGAAMSLAGAEKNGLVKIKVAEDEAEAAAAA
KFTGLSKEELLKVAGSPGWVRTRWALLLLFWLGWLGMLAGAVVIIVRAPRCRELPAQKWWHTGALYRIGDLQAFQGHGAG
NLAGLKGRLDYLSSLKVKGLVLGPIHKNQKDDVAQTDLLQIDPNFGSKEDFDSLLQSAKKKSIRVILDLTPNYRGENSWF
STQVDTVATKVKDALEFWLQAGVDGFQVRDIENLKDASSFLAEWQNITKGFSEDRLLIAGTNSSDLQQILSLLESNKDLL
LTSSYLSDSGSTGEHTKSLVTQYLNATGNRWCSWSLSQARLLTSFLPAQLLRLYQLMLFTLPGTPVFSYGDEIGLDAAAL
PGQPMEAPVMLWDESSFPDIPGAVSANMTVKGQSEDPGSLLSLFRRLSDQRSKERSLLHGDFHAFSAGPGLFSYIRHWDQ
NERFLVVLNFGDVGLSAGLQASDLPASASLPAKADLLLSTQPGREEGSPLELERLKLEPHEGLLLRFPYAA
;
A
2 'polypeptide(L)'
;MAGAGPKRRALAAPAAEEKEEAREKMLAAKSADGSAPAGEGEGVTLQRNITLLNGVAIIVGTIIGSGIFVTPTGVLKEAG
SPGLALVVWAACGVFSIVGALCYAELGTTISKSGGDYAYMLEVYGSLPAFLKLWIELLIIRPSSQYIVALVFATYLLKPL
FPTCPVPEEAAKLVACLCVLLLTAVNCYSVKAATRVQDAFAAAKLLALALIILLGFVQIGKGDVSNLDPNFSFEGTKLDV
GNIVLALYSGLFAYGGWNYLNFVTEEMINPYRNLPLAIIISLPIVTLVYVLTNLAYFTTLSTEQMLSSEAVAVDFGNYHL
GVMSWIIPVFVGLSCFGSVNGSLFTSSRLFFVGSREGHLPSILSMIHPQLLTPVPSLVFTCVMTLLYAFSKDIFSVINFF
SFFNWLCVALAIIGMIWLRHRKPELERPIKVNLALPVFFILACLFLIAVSFWKTPVECGIGFTIILSGLPVYFFGVWWKN
KPKWLLQGIFSTTVLCQKLMQVVPQETDYKDDDDK
;
B
3 'polypeptide(L)'
;DIVLTQSPSSLAMSVGQKVTMNCKSSQSLLNNNNQKNYLAWYQQKPGQSPKLLVYFTSTRESGVPDRFIGSGSGTDFTLT
ISSVQAEDLALYYCQQHYTIPPTFGGGTKLEIKRADAAPTVSIFPPSSEQLTSGGASVVCFLNNFYPKDINVKWKIDGSE
RQNGVLNSWTDQDSKDSTYSMSSTLTLTKDEYERHNSYTCEATHKTSTSPIVKSFNRNEC
;
L
4 'polypeptide(L)'
;EVQLQQSGAELVKPGASVNLSCKASGYTFTNYWMHWVRLRPGQGLEWIGEIDPSDSYSYYSQNFKGKATLTVDQSSNTAY
LQLTSLTSEDSAVYYCARGRQTYYPWFPYWGQGTLVTVSAAKTTPPSDYPLAPGSAAQTNSMVTLGCLVKGYFPEPVTVT
WNSGSLSSGVHTFPAVLQSDLYTLSSSVTVPSSTWPSETVTCNVAHPASSTKVDKKIVPRDCGCKPCICT
;
H
#
# COMPACT_ATOMS: atom_id res chain seq x y z
N THR A 163 15.23 50.58 -31.65
CA THR A 163 16.41 49.67 -31.58
C THR A 163 17.27 50.11 -30.37
N GLY A 164 18.61 50.17 -30.52
CA GLY A 164 19.56 50.61 -29.50
C GLY A 164 20.78 51.32 -30.11
N LEU A 165 21.93 51.20 -29.44
CA LEU A 165 23.21 51.81 -29.86
C LEU A 165 23.68 51.28 -31.23
N SER A 166 24.33 52.17 -32.02
CA SER A 166 25.00 51.80 -33.26
C SER A 166 26.32 51.09 -32.95
N LYS A 167 26.88 50.40 -33.97
CA LYS A 167 28.15 49.68 -33.91
C LYS A 167 29.24 50.55 -33.27
N GLU A 168 29.52 51.71 -33.91
CA GLU A 168 30.59 52.62 -33.55
C GLU A 168 30.37 53.14 -32.13
N GLU A 169 29.12 53.59 -31.85
CA GLU A 169 28.71 54.13 -30.55
C GLU A 169 28.95 53.09 -29.45
N LEU A 170 28.49 51.85 -29.65
CA LEU A 170 28.68 50.78 -28.68
C LEU A 170 30.17 50.50 -28.43
N LEU A 171 30.99 50.39 -29.49
CA LEU A 171 32.44 50.15 -29.38
C LEU A 171 33.15 51.22 -28.57
N LYS A 172 32.88 52.51 -28.86
CA LYS A 172 33.60 53.61 -28.22
C LYS A 172 33.33 53.61 -26.70
N VAL A 173 32.08 53.33 -26.27
CA VAL A 173 31.72 53.36 -24.84
C VAL A 173 32.19 52.06 -24.16
N ALA A 174 31.99 50.88 -24.80
CA ALA A 174 32.47 49.58 -24.29
C ALA A 174 33.95 49.61 -23.90
N GLY A 175 34.78 50.30 -24.71
CA GLY A 175 36.22 50.46 -24.54
C GLY A 175 36.70 50.88 -23.14
N SER A 176 35.89 51.69 -22.40
CA SER A 176 36.21 52.24 -21.08
C SER A 176 36.83 51.18 -20.17
N PRO A 177 38.05 51.39 -19.58
CA PRO A 177 38.74 50.35 -18.81
C PRO A 177 37.89 49.63 -17.76
N GLY A 178 37.02 50.37 -17.03
CA GLY A 178 36.04 49.81 -16.10
C GLY A 178 35.24 48.64 -16.68
N TRP A 179 34.55 48.87 -17.84
CA TRP A 179 33.74 47.84 -18.50
C TRP A 179 34.61 46.70 -19.03
N VAL A 180 35.82 46.97 -19.59
CA VAL A 180 36.74 45.92 -20.06
C VAL A 180 37.13 44.99 -18.90
N ARG A 181 37.48 45.55 -17.73
CA ARG A 181 37.76 44.76 -16.54
C ARG A 181 36.50 44.00 -16.08
N THR A 182 35.30 44.60 -16.15
CA THR A 182 34.05 43.93 -15.78
C THR A 182 33.80 42.69 -16.65
N ARG A 183 33.98 42.82 -17.98
CA ARG A 183 33.89 41.72 -18.92
C ARG A 183 34.89 40.61 -18.57
N TRP A 184 36.15 40.96 -18.26
CA TRP A 184 37.17 40.01 -17.81
C TRP A 184 36.79 39.34 -16.50
N ALA A 185 36.28 40.14 -15.53
CA ALA A 185 35.80 39.62 -14.26
C ALA A 185 34.69 38.57 -14.44
N LEU A 186 33.65 38.91 -15.23
CA LEU A 186 32.50 38.03 -15.40
C LEU A 186 32.87 36.77 -16.18
N LEU A 187 33.71 36.83 -17.25
CA LEU A 187 34.31 35.63 -17.87
C LEU A 187 34.86 34.72 -16.77
N LEU A 188 35.74 35.28 -15.93
CA LEU A 188 36.46 34.49 -14.97
C LEU A 188 35.45 33.94 -13.94
N LEU A 189 34.53 34.81 -13.46
CA LEU A 189 33.45 34.44 -12.54
C LEU A 189 32.60 33.26 -13.05
N PHE A 190 32.11 33.32 -14.30
CA PHE A 190 31.33 32.27 -14.95
C PHE A 190 32.07 30.94 -14.95
N TRP A 191 33.30 30.91 -15.48
CA TRP A 191 34.12 29.71 -15.47
C TRP A 191 34.36 29.20 -14.06
N LEU A 192 34.61 30.11 -13.11
CA LEU A 192 34.77 29.68 -11.73
C LEU A 192 33.50 28.99 -11.21
N GLY A 193 32.30 29.57 -11.47
CA GLY A 193 31.01 29.03 -11.05
C GLY A 193 30.68 27.64 -11.62
N TRP A 194 30.95 27.45 -12.91
CA TRP A 194 30.84 26.17 -13.60
C TRP A 194 31.85 25.17 -13.06
N LEU A 195 33.09 25.60 -12.80
CA LEU A 195 34.06 24.66 -12.25
C LEU A 195 33.65 24.29 -10.83
N GLY A 196 33.10 25.25 -10.07
CA GLY A 196 32.58 24.99 -8.72
C GLY A 196 31.49 23.91 -8.72
N MET A 197 30.53 24.09 -9.61
CA MET A 197 29.48 23.12 -9.89
C MET A 197 30.11 21.78 -10.31
N LEU A 198 31.18 21.75 -11.15
CA LEU A 198 31.79 20.49 -11.56
C LEU A 198 32.41 19.81 -10.35
N ALA A 199 33.16 20.55 -9.54
CA ALA A 199 33.71 19.97 -8.34
C ALA A 199 32.57 19.48 -7.44
N GLY A 200 31.52 20.29 -7.25
CA GLY A 200 30.32 19.97 -6.47
C GLY A 200 29.64 18.68 -6.92
N ALA A 201 29.40 18.54 -8.22
CA ALA A 201 28.77 17.34 -8.74
C ALA A 201 29.72 16.16 -8.54
N VAL A 202 31.05 16.29 -8.76
CA VAL A 202 31.98 15.18 -8.48
C VAL A 202 31.96 14.83 -6.97
N VAL A 203 31.89 15.83 -6.10
CA VAL A 203 31.74 15.61 -4.67
C VAL A 203 30.48 14.77 -4.42
N ILE A 204 29.32 15.14 -5.01
CA ILE A 204 28.05 14.46 -4.75
C ILE A 204 28.15 13.01 -5.21
N ILE A 205 28.70 12.79 -6.40
CA ILE A 205 28.83 11.46 -6.96
C ILE A 205 29.67 10.56 -6.05
N VAL A 206 30.78 11.08 -5.50
CA VAL A 206 31.61 10.26 -4.61
C VAL A 206 30.95 10.12 -3.23
N ARG A 207 30.46 11.24 -2.65
CA ARG A 207 29.88 11.22 -1.31
C ARG A 207 28.39 10.86 -1.40
N ALA A 208 28.11 9.65 -1.94
CA ALA A 208 26.75 9.15 -2.14
C ALA A 208 26.77 7.62 -2.07
N PRO A 209 25.63 6.99 -1.62
CA PRO A 209 25.60 5.55 -1.35
C PRO A 209 25.69 4.73 -2.64
N ARG A 210 26.54 3.69 -2.66
CA ARG A 210 26.72 2.83 -3.84
C ARG A 210 25.57 1.81 -3.95
N CYS A 211 25.35 1.20 -5.14
CA CYS A 211 24.47 0.06 -5.28
C CYS A 211 25.09 -1.20 -4.64
N ARG A 212 24.23 -2.17 -4.29
CA ARG A 212 24.59 -3.50 -3.80
C ARG A 212 24.65 -4.43 -5.01
N GLU A 213 25.71 -5.23 -5.14
CA GLU A 213 25.84 -6.16 -6.27
C GLU A 213 24.67 -7.15 -6.29
N LEU A 214 24.07 -7.42 -7.47
CA LEU A 214 22.94 -8.35 -7.59
C LEU A 214 23.48 -9.75 -7.38
N PRO A 215 22.90 -10.56 -6.48
CA PRO A 215 23.43 -11.91 -6.26
C PRO A 215 23.13 -12.73 -7.52
N ALA A 216 24.07 -13.63 -7.89
CA ALA A 216 23.92 -14.37 -9.14
C ALA A 216 22.73 -15.29 -8.99
N GLN A 217 21.77 -15.29 -9.93
CA GLN A 217 20.50 -15.98 -9.68
C GLN A 217 20.35 -17.08 -10.74
N LYS A 218 20.25 -18.32 -10.22
CA LYS A 218 19.93 -19.47 -11.06
C LYS A 218 18.50 -19.32 -11.56
N TRP A 219 18.16 -20.04 -12.61
CA TRP A 219 16.83 -19.84 -13.15
C TRP A 219 15.71 -20.08 -12.15
N TRP A 220 15.85 -21.07 -11.29
CA TRP A 220 14.82 -21.39 -10.33
C TRP A 220 14.66 -20.35 -9.20
N HIS A 221 15.53 -19.40 -9.04
CA HIS A 221 15.11 -18.26 -8.23
C HIS A 221 14.01 -17.42 -8.88
N THR A 222 13.89 -17.37 -10.21
CA THR A 222 13.21 -16.27 -10.87
C THR A 222 11.70 -16.45 -10.94
N GLY A 223 11.13 -17.49 -10.28
CA GLY A 223 9.68 -17.62 -10.19
C GLY A 223 9.26 -19.06 -9.97
N ALA A 224 7.95 -19.28 -10.05
CA ALA A 224 7.36 -20.53 -9.56
C ALA A 224 7.62 -21.78 -10.42
N LEU A 225 7.96 -22.89 -9.85
CA LEU A 225 7.87 -24.19 -10.50
C LEU A 225 6.44 -24.69 -10.49
N TYR A 226 6.25 -25.96 -10.97
CA TYR A 226 4.91 -26.42 -11.31
C TYR A 226 5.01 -27.90 -11.63
N ARG A 227 4.37 -28.72 -10.81
CA ARG A 227 4.52 -30.14 -10.93
C ARG A 227 3.31 -30.85 -11.54
N ILE A 228 3.63 -31.79 -12.44
CA ILE A 228 2.65 -32.56 -13.15
C ILE A 228 2.90 -34.02 -12.82
N GLY A 229 2.24 -34.50 -11.77
CA GLY A 229 2.47 -35.85 -11.27
C GLY A 229 1.97 -36.97 -12.19
N ASP A 230 0.93 -36.71 -13.00
CA ASP A 230 0.54 -37.66 -14.04
C ASP A 230 0.02 -36.92 -15.27
N LEU A 231 0.76 -37.11 -16.38
CA LEU A 231 0.47 -36.54 -17.67
C LEU A 231 -0.94 -36.88 -18.16
N GLN A 232 -1.48 -38.04 -17.75
CA GLN A 232 -2.80 -38.47 -18.19
C GLN A 232 -3.87 -37.64 -17.50
N ALA A 233 -3.75 -37.53 -16.17
CA ALA A 233 -4.73 -36.80 -15.37
C ALA A 233 -4.76 -35.30 -15.72
N PHE A 234 -3.62 -34.75 -16.16
CA PHE A 234 -3.58 -33.35 -16.59
C PHE A 234 -4.33 -33.12 -17.90
N GLN A 235 -4.57 -34.18 -18.71
CA GLN A 235 -5.05 -34.02 -20.07
C GLN A 235 -6.44 -34.63 -20.35
N GLY A 236 -6.80 -35.73 -19.68
CA GLY A 236 -7.82 -36.64 -20.18
C GLY A 236 -7.20 -37.70 -21.08
N HIS A 237 -7.82 -38.89 -21.15
CA HIS A 237 -7.18 -40.06 -21.73
C HIS A 237 -7.09 -39.96 -23.26
N GLY A 238 -6.19 -40.77 -23.84
CA GLY A 238 -5.89 -40.74 -25.27
C GLY A 238 -4.89 -39.65 -25.62
N ALA A 239 -5.25 -38.39 -25.33
CA ALA A 239 -4.32 -37.26 -25.37
C ALA A 239 -3.29 -37.31 -24.23
N GLY A 240 -3.36 -38.28 -23.31
CA GLY A 240 -2.43 -38.44 -22.20
C GLY A 240 -1.08 -39.01 -22.67
N ASN A 241 -0.30 -38.15 -23.37
CA ASN A 241 1.06 -38.43 -23.81
C ASN A 241 1.85 -37.12 -23.92
N LEU A 242 3.18 -37.23 -23.99
CA LEU A 242 4.12 -36.09 -24.01
C LEU A 242 3.84 -35.12 -25.18
N ALA A 243 3.43 -35.63 -26.35
CA ALA A 243 3.09 -34.76 -27.46
C ALA A 243 1.80 -33.96 -27.18
N GLY A 244 0.92 -34.49 -26.32
CA GLY A 244 -0.19 -33.73 -25.77
C GLY A 244 0.28 -32.57 -24.90
N LEU A 245 1.24 -32.84 -24.00
CA LEU A 245 1.78 -31.80 -23.13
C LEU A 245 2.45 -30.70 -23.95
N LYS A 246 3.15 -31.05 -25.04
CA LYS A 246 3.77 -30.06 -25.91
C LYS A 246 2.72 -29.03 -26.37
N GLY A 247 1.43 -29.41 -26.44
CA GLY A 247 0.36 -28.49 -26.81
C GLY A 247 0.01 -27.44 -25.75
N ARG A 248 0.23 -27.75 -24.47
CA ARG A 248 -0.31 -26.96 -23.37
C ARG A 248 0.59 -25.82 -22.92
N LEU A 249 1.86 -25.81 -23.32
CA LEU A 249 2.81 -24.84 -22.80
C LEU A 249 2.37 -23.38 -22.98
N ASP A 250 1.41 -23.01 -23.85
CA ASP A 250 0.98 -21.61 -23.92
C ASP A 250 0.19 -21.20 -22.68
N TYR A 251 -0.49 -22.18 -22.05
CA TYR A 251 -1.11 -21.97 -20.74
C TYR A 251 -0.06 -21.72 -19.71
N LEU A 252 0.92 -22.64 -19.65
CA LEU A 252 1.98 -22.54 -18.68
C LEU A 252 2.71 -21.21 -18.86
N SER A 253 2.99 -20.81 -20.08
CA SER A 253 3.65 -19.54 -20.29
C SER A 253 2.78 -18.37 -19.79
N SER A 254 1.44 -18.47 -19.89
CA SER A 254 0.51 -17.51 -19.27
C SER A 254 0.56 -17.48 -17.74
N LEU A 255 0.75 -18.64 -17.10
CA LEU A 255 1.05 -18.70 -15.67
C LEU A 255 2.42 -18.18 -15.27
N LYS A 256 3.29 -17.93 -16.25
CA LYS A 256 4.63 -17.38 -16.05
C LYS A 256 5.48 -18.32 -15.19
N VAL A 257 5.13 -19.63 -15.21
CA VAL A 257 5.90 -20.64 -14.48
C VAL A 257 7.25 -20.91 -15.13
N LYS A 258 8.36 -20.52 -14.47
CA LYS A 258 9.74 -20.66 -14.91
C LYS A 258 10.20 -22.10 -14.68
N GLY A 259 9.34 -23.06 -14.92
CA GLY A 259 9.67 -24.43 -14.63
C GLY A 259 8.48 -25.38 -14.83
N LEU A 260 8.82 -26.69 -14.76
CA LEU A 260 7.93 -27.84 -14.91
C LEU A 260 8.60 -29.00 -14.22
N VAL A 261 7.82 -29.99 -13.81
CA VAL A 261 8.36 -31.19 -13.21
C VAL A 261 7.49 -32.32 -13.74
N LEU A 262 8.01 -33.16 -14.64
CA LEU A 262 7.22 -34.26 -15.19
C LEU A 262 7.37 -35.45 -14.27
N GLY A 263 6.27 -35.76 -13.58
CA GLY A 263 6.19 -36.92 -12.72
C GLY A 263 6.50 -38.16 -13.52
N PRO A 264 7.07 -39.17 -12.86
CA PRO A 264 7.97 -40.13 -13.51
C PRO A 264 7.40 -40.79 -14.75
N ILE A 265 8.24 -40.80 -15.78
CA ILE A 265 7.88 -41.37 -17.06
C ILE A 265 8.72 -42.58 -17.40
N HIS A 266 9.63 -42.99 -16.52
CA HIS A 266 10.49 -44.11 -16.84
C HIS A 266 9.72 -45.44 -16.74
N LYS A 267 10.25 -46.50 -17.37
CA LYS A 267 9.63 -47.82 -17.42
C LYS A 267 9.73 -48.54 -16.06
N ASN A 268 8.72 -48.31 -15.22
CA ASN A 268 8.61 -48.96 -13.92
C ASN A 268 7.54 -50.05 -14.01
N GLN A 269 7.90 -51.26 -13.54
CA GLN A 269 6.95 -52.33 -13.27
C GLN A 269 6.77 -52.44 -11.75
N LYS A 270 5.52 -52.48 -11.29
CA LYS A 270 5.22 -52.29 -9.87
C LYS A 270 5.98 -53.30 -9.00
N ASP A 271 6.75 -52.76 -8.04
CA ASP A 271 7.53 -53.48 -7.03
C ASP A 271 8.56 -54.47 -7.62
N ASP A 272 8.82 -54.44 -8.95
CA ASP A 272 9.83 -55.30 -9.56
C ASP A 272 11.10 -54.49 -9.82
N VAL A 273 12.13 -54.78 -9.01
CA VAL A 273 13.41 -54.08 -9.03
C VAL A 273 14.13 -54.32 -10.35
N ALA A 274 13.97 -55.53 -10.92
CA ALA A 274 14.74 -55.98 -12.08
C ALA A 274 14.11 -55.54 -13.40
N GLN A 275 12.77 -55.59 -13.51
CA GLN A 275 12.05 -55.15 -14.70
C GLN A 275 11.94 -53.62 -14.80
N THR A 276 12.17 -52.90 -13.69
CA THR A 276 12.20 -51.44 -13.69
C THR A 276 13.52 -50.89 -14.22
N ASP A 277 13.42 -49.88 -15.11
CA ASP A 277 14.54 -49.10 -15.61
C ASP A 277 14.22 -47.60 -15.47
N LEU A 278 15.24 -46.79 -15.13
CA LEU A 278 15.08 -45.33 -15.00
C LEU A 278 15.48 -44.61 -16.28
N LEU A 279 15.94 -45.34 -17.31
CA LEU A 279 16.47 -44.73 -18.51
C LEU A 279 15.48 -44.88 -19.67
N GLN A 280 15.00 -46.10 -19.96
CA GLN A 280 13.95 -46.29 -20.96
C GLN A 280 12.63 -45.70 -20.48
N ILE A 281 11.94 -44.87 -21.32
CA ILE A 281 10.63 -44.31 -20.93
C ILE A 281 9.53 -45.35 -21.12
N ASP A 282 8.48 -45.23 -20.29
CA ASP A 282 7.29 -46.07 -20.35
C ASP A 282 6.51 -45.69 -21.60
N PRO A 283 6.38 -46.60 -22.60
CA PRO A 283 5.90 -46.21 -23.93
C PRO A 283 4.49 -45.63 -23.99
N ASN A 284 3.64 -45.86 -22.97
CA ASN A 284 2.32 -45.22 -22.88
C ASN A 284 2.39 -43.70 -23.09
N PHE A 285 3.45 -43.06 -22.58
CA PHE A 285 3.63 -41.61 -22.66
C PHE A 285 4.20 -41.14 -23.99
N GLY A 286 4.68 -42.05 -24.85
CA GLY A 286 5.22 -41.70 -26.16
C GLY A 286 6.54 -42.40 -26.45
N SER A 287 7.56 -41.61 -26.82
CA SER A 287 8.91 -42.05 -27.20
C SER A 287 9.92 -41.00 -26.79
N LYS A 288 11.22 -41.34 -26.71
CA LYS A 288 12.22 -40.30 -26.46
C LYS A 288 12.16 -39.20 -27.54
N GLU A 289 11.79 -39.57 -28.78
CA GLU A 289 11.59 -38.62 -29.86
C GLU A 289 10.45 -37.64 -29.56
N ASP A 290 9.40 -38.06 -28.85
CA ASP A 290 8.41 -37.13 -28.33
C ASP A 290 9.00 -36.27 -27.21
N PHE A 291 9.71 -36.91 -26.28
CA PHE A 291 10.24 -36.23 -25.12
C PHE A 291 11.11 -35.06 -25.57
N ASP A 292 12.02 -35.32 -26.51
CA ASP A 292 12.92 -34.30 -27.03
C ASP A 292 12.13 -33.22 -27.75
N SER A 293 11.03 -33.58 -28.43
CA SER A 293 10.22 -32.62 -29.17
C SER A 293 9.59 -31.62 -28.20
N LEU A 294 9.05 -32.16 -27.10
CA LEU A 294 8.58 -31.37 -25.96
C LEU A 294 9.70 -30.49 -25.41
N LEU A 295 10.78 -31.14 -25.02
CA LEU A 295 11.84 -30.49 -24.28
C LEU A 295 12.42 -29.31 -25.07
N GLN A 296 12.60 -29.48 -26.39
CA GLN A 296 13.03 -28.41 -27.30
C GLN A 296 11.99 -27.29 -27.37
N SER A 297 10.69 -27.63 -27.35
CA SER A 297 9.62 -26.63 -27.33
C SER A 297 9.63 -25.84 -26.03
N ALA A 298 9.85 -26.56 -24.92
CA ALA A 298 9.87 -25.94 -23.62
C ALA A 298 11.05 -24.95 -23.53
N LYS A 299 12.25 -25.33 -23.99
CA LYS A 299 13.40 -24.43 -24.09
C LYS A 299 13.04 -23.19 -24.91
N LYS A 300 12.44 -23.41 -26.09
CA LYS A 300 11.99 -22.34 -26.97
C LYS A 300 11.01 -21.39 -26.24
N LYS A 301 10.14 -21.92 -25.36
CA LYS A 301 9.15 -21.10 -24.64
C LYS A 301 9.59 -20.66 -23.22
N SER A 302 10.86 -20.89 -22.82
CA SER A 302 11.50 -20.44 -21.56
C SER A 302 10.98 -21.14 -20.28
N ILE A 303 10.36 -22.30 -20.43
CA ILE A 303 10.01 -23.20 -19.35
C ILE A 303 11.11 -24.27 -19.19
N ARG A 304 11.94 -24.16 -18.16
CA ARG A 304 12.92 -25.23 -17.95
C ARG A 304 12.16 -26.49 -17.53
N VAL A 305 12.64 -27.69 -17.86
CA VAL A 305 11.95 -28.91 -17.47
C VAL A 305 12.78 -29.86 -16.59
N ILE A 306 12.31 -30.16 -15.40
CA ILE A 306 12.79 -31.22 -14.54
C ILE A 306 12.02 -32.54 -14.72
N LEU A 307 12.71 -33.64 -14.60
CA LEU A 307 12.12 -34.96 -14.72
C LEU A 307 12.18 -35.62 -13.33
N ASP A 308 11.13 -36.35 -12.97
CA ASP A 308 11.07 -37.01 -11.67
C ASP A 308 11.57 -38.44 -11.76
N LEU A 309 12.61 -38.79 -10.99
CA LEU A 309 13.24 -40.10 -11.14
C LEU A 309 12.92 -41.07 -10.01
N THR A 310 11.92 -40.79 -9.17
CA THR A 310 11.67 -41.67 -8.03
C THR A 310 11.34 -43.06 -8.58
N PRO A 311 12.14 -44.10 -8.28
CA PRO A 311 12.08 -45.36 -9.02
C PRO A 311 10.71 -46.08 -9.11
N ASN A 312 10.12 -46.50 -7.99
CA ASN A 312 9.00 -47.42 -7.97
C ASN A 312 7.67 -46.66 -7.94
N TYR A 313 7.48 -45.70 -8.84
CA TYR A 313 6.40 -44.76 -8.70
C TYR A 313 4.99 -45.32 -8.89
N ARG A 314 4.82 -46.49 -9.50
CA ARG A 314 3.52 -47.15 -9.54
C ARG A 314 3.27 -48.03 -8.29
N GLY A 315 4.28 -48.16 -7.39
CA GLY A 315 4.19 -49.02 -6.21
C GLY A 315 3.77 -48.30 -4.93
N GLU A 316 3.94 -49.01 -3.81
CA GLU A 316 3.62 -48.52 -2.47
C GLU A 316 4.79 -47.70 -1.93
N ASN A 317 6.00 -48.29 -1.95
CA ASN A 317 7.21 -47.69 -1.43
C ASN A 317 8.10 -47.29 -2.60
N SER A 318 8.38 -45.99 -2.75
CA SER A 318 8.93 -45.48 -4.00
C SER A 318 10.41 -45.87 -4.23
N TRP A 319 11.13 -46.34 -3.20
CA TRP A 319 12.49 -46.79 -3.42
C TRP A 319 12.66 -48.33 -3.36
N PHE A 320 11.55 -49.07 -3.33
CA PHE A 320 11.50 -50.49 -3.03
C PHE A 320 12.02 -50.85 -1.61
N SER A 321 11.75 -52.08 -1.18
CA SER A 321 12.03 -52.53 0.18
C SER A 321 13.48 -53.03 0.37
N THR A 322 14.26 -53.22 -0.71
CA THR A 322 15.42 -54.12 -0.71
C THR A 322 16.56 -53.60 -1.60
N GLN A 323 17.81 -53.98 -1.25
CA GLN A 323 19.03 -53.82 -2.06
C GLN A 323 19.19 -52.41 -2.62
N VAL A 324 19.00 -51.42 -1.73
CA VAL A 324 18.87 -50.01 -2.08
C VAL A 324 20.06 -49.48 -2.88
N ASP A 325 21.27 -50.02 -2.65
CA ASP A 325 22.48 -49.58 -3.37
C ASP A 325 22.40 -49.86 -4.88
N THR A 326 21.71 -50.94 -5.30
CA THR A 326 21.44 -51.18 -6.71
C THR A 326 20.49 -50.11 -7.26
N VAL A 327 19.49 -49.71 -6.45
CA VAL A 327 18.53 -48.68 -6.84
C VAL A 327 19.24 -47.32 -6.97
N ALA A 328 20.02 -46.94 -5.96
CA ALA A 328 20.90 -45.77 -6.07
C ALA A 328 21.85 -45.83 -7.29
N THR A 329 22.38 -47.01 -7.62
CA THR A 329 23.19 -47.19 -8.81
C THR A 329 22.39 -46.88 -10.08
N LYS A 330 21.12 -47.35 -10.17
CA LYS A 330 20.25 -46.99 -11.29
C LYS A 330 20.18 -45.48 -11.44
N VAL A 331 19.93 -44.76 -10.34
CA VAL A 331 19.81 -43.32 -10.37
C VAL A 331 21.14 -42.68 -10.81
N LYS A 332 22.24 -43.13 -10.23
CA LYS A 332 23.54 -42.56 -10.52
C LYS A 332 23.82 -42.54 -12.03
N ASP A 333 23.44 -43.63 -12.72
CA ASP A 333 23.54 -43.72 -14.17
C ASP A 333 22.51 -42.83 -14.85
N ALA A 334 21.27 -42.82 -14.34
CA ALA A 334 20.14 -42.12 -14.96
C ALA A 334 20.40 -40.63 -15.07
N LEU A 335 20.96 -40.03 -14.03
CA LEU A 335 21.13 -38.59 -14.01
C LEU A 335 22.01 -38.13 -15.17
N GLU A 336 23.10 -38.87 -15.43
CA GLU A 336 24.01 -38.58 -16.52
C GLU A 336 23.29 -38.64 -17.88
N PHE A 337 22.51 -39.71 -18.11
CA PHE A 337 21.83 -39.89 -19.36
C PHE A 337 20.87 -38.73 -19.61
N TRP A 338 20.03 -38.43 -18.62
CA TRP A 338 18.99 -37.45 -18.86
C TRP A 338 19.56 -36.05 -18.95
N LEU A 339 20.66 -35.75 -18.26
CA LEU A 339 21.34 -34.48 -18.48
C LEU A 339 21.83 -34.38 -19.93
N GLN A 340 22.44 -35.46 -20.44
CA GLN A 340 22.87 -35.51 -21.83
C GLN A 340 21.69 -35.34 -22.79
N ALA A 341 20.48 -35.81 -22.40
CA ALA A 341 19.25 -35.61 -23.17
C ALA A 341 18.76 -34.16 -23.11
N GLY A 342 19.07 -33.40 -22.05
CA GLY A 342 18.91 -31.94 -22.00
C GLY A 342 17.91 -31.42 -20.97
N VAL A 343 17.46 -32.26 -20.03
CA VAL A 343 16.60 -31.82 -18.94
C VAL A 343 17.35 -30.89 -18.00
N ASP A 344 16.65 -29.99 -17.28
CA ASP A 344 17.28 -28.96 -16.47
C ASP A 344 17.47 -29.39 -15.02
N GLY A 345 17.04 -30.60 -14.63
CA GLY A 345 17.16 -30.99 -13.25
C GLY A 345 16.30 -32.18 -12.89
N PHE A 346 16.28 -32.59 -11.64
CA PHE A 346 15.58 -33.80 -11.22
C PHE A 346 14.84 -33.63 -9.90
N GLN A 347 13.67 -34.22 -9.81
CA GLN A 347 12.95 -34.31 -8.57
C GLN A 347 13.15 -35.75 -8.12
N VAL A 348 13.36 -35.92 -6.82
CA VAL A 348 13.27 -37.22 -6.19
C VAL A 348 12.41 -37.06 -4.95
N ARG A 349 11.65 -38.11 -4.61
CA ARG A 349 10.63 -38.06 -3.59
C ARG A 349 10.81 -39.12 -2.51
N ASP A 350 10.07 -38.92 -1.43
CA ASP A 350 9.90 -39.89 -0.35
C ASP A 350 11.25 -40.19 0.29
N ILE A 351 12.18 -39.25 0.38
CA ILE A 351 13.51 -39.58 0.89
C ILE A 351 13.56 -40.08 2.36
N GLU A 352 12.49 -40.02 3.13
CA GLU A 352 12.40 -40.76 4.38
C GLU A 352 12.32 -42.28 4.17
N ASN A 353 11.91 -42.76 2.99
CA ASN A 353 11.90 -44.18 2.62
C ASN A 353 13.22 -44.64 1.98
N LEU A 354 14.22 -43.75 1.89
CA LEU A 354 15.52 -44.07 1.36
C LEU A 354 16.54 -44.21 2.51
N LYS A 355 17.20 -45.37 2.62
CA LYS A 355 18.28 -45.55 3.59
C LYS A 355 19.48 -44.69 3.21
N ASP A 356 20.17 -44.09 4.21
CA ASP A 356 21.39 -43.31 4.00
C ASP A 356 21.12 -42.11 3.07
N ALA A 357 19.95 -41.49 3.25
CA ALA A 357 19.39 -40.53 2.29
C ALA A 357 20.36 -39.40 1.97
N SER A 358 20.89 -38.77 3.03
CA SER A 358 21.79 -37.62 2.90
C SER A 358 22.98 -37.90 1.96
N SER A 359 23.54 -39.11 2.01
CA SER A 359 24.71 -39.49 1.24
C SER A 359 24.38 -39.62 -0.24
N PHE A 360 23.24 -40.26 -0.55
CA PHE A 360 22.81 -40.40 -1.93
C PHE A 360 22.45 -39.05 -2.52
N LEU A 361 21.76 -38.19 -1.76
CA LEU A 361 21.49 -36.84 -2.25
C LEU A 361 22.80 -36.10 -2.51
N ALA A 362 23.79 -36.23 -1.63
CA ALA A 362 25.07 -35.57 -1.82
C ALA A 362 25.76 -36.05 -3.11
N GLU A 363 25.67 -37.35 -3.42
CA GLU A 363 26.27 -37.91 -4.63
C GLU A 363 25.55 -37.37 -5.86
N TRP A 364 24.22 -37.44 -5.89
CA TRP A 364 23.41 -37.00 -7.03
C TRP A 364 23.52 -35.48 -7.27
N GLN A 365 23.61 -34.72 -6.18
CA GLN A 365 23.85 -33.28 -6.25
C GLN A 365 25.22 -33.03 -6.87
N ASN A 366 26.27 -33.72 -6.40
CA ASN A 366 27.59 -33.60 -6.99
C ASN A 366 27.56 -33.93 -8.48
N ILE A 367 26.88 -35.02 -8.86
CA ILE A 367 26.76 -35.39 -10.26
C ILE A 367 26.12 -34.25 -11.08
N THR A 368 25.07 -33.65 -10.52
CA THR A 368 24.31 -32.62 -11.21
C THR A 368 25.14 -31.33 -11.34
N LYS A 369 25.58 -30.75 -10.22
CA LYS A 369 26.35 -29.51 -10.28
C LYS A 369 27.68 -29.70 -11.01
N GLY A 370 28.26 -30.91 -10.94
CA GLY A 370 29.45 -31.28 -11.69
C GLY A 370 29.22 -31.32 -13.20
N PHE A 371 27.96 -31.48 -13.65
CA PHE A 371 27.64 -31.31 -15.05
C PHE A 371 27.62 -29.82 -15.44
N SER A 372 26.79 -29.04 -14.76
CA SER A 372 26.71 -27.61 -14.97
C SER A 372 26.08 -26.92 -13.75
N GLU A 373 26.37 -25.63 -13.58
CA GLU A 373 25.93 -24.88 -12.42
C GLU A 373 24.43 -24.55 -12.50
N ASP A 374 23.83 -24.51 -13.70
CA ASP A 374 22.42 -24.18 -13.90
C ASP A 374 21.49 -25.40 -13.99
N ARG A 375 21.74 -26.43 -13.16
CA ARG A 375 20.85 -27.58 -13.02
C ARG A 375 20.62 -27.86 -11.54
N LEU A 376 19.38 -28.34 -11.21
CA LEU A 376 19.07 -28.58 -9.79
C LEU A 376 18.45 -29.93 -9.51
N LEU A 377 18.66 -30.35 -8.25
CA LEU A 377 18.00 -31.50 -7.71
C LEU A 377 17.02 -31.01 -6.60
N ILE A 378 15.72 -31.22 -6.82
CA ILE A 378 14.64 -31.00 -5.88
C ILE A 378 14.37 -32.30 -5.12
N ALA A 379 14.85 -32.41 -3.90
CA ALA A 379 14.38 -33.48 -3.04
C ALA A 379 12.99 -33.20 -2.48
N GLY A 380 12.29 -34.23 -2.04
CA GLY A 380 11.01 -34.07 -1.37
C GLY A 380 10.81 -35.14 -0.31
N THR A 381 10.19 -34.78 0.81
CA THR A 381 9.94 -35.72 1.88
C THR A 381 8.53 -35.60 2.42
N ASN A 382 7.98 -36.69 2.97
CA ASN A 382 6.67 -36.64 3.60
C ASN A 382 6.76 -35.94 4.96
N SER A 383 8.00 -35.71 5.47
CA SER A 383 8.21 -35.11 6.78
C SER A 383 7.56 -33.74 7.05
N SER A 384 7.18 -33.50 8.33
CA SER A 384 6.86 -32.15 8.80
C SER A 384 7.68 -31.75 10.04
N ASP A 385 8.79 -32.42 10.29
CA ASP A 385 9.63 -32.13 11.45
C ASP A 385 10.72 -31.15 11.07
N LEU A 386 10.76 -30.00 11.78
CA LEU A 386 11.78 -29.02 11.44
C LEU A 386 13.21 -29.58 11.51
N GLN A 387 13.48 -30.45 12.50
CA GLN A 387 14.83 -30.92 12.75
C GLN A 387 15.23 -31.93 11.69
N GLN A 388 14.36 -32.89 11.36
CA GLN A 388 14.65 -33.83 10.30
C GLN A 388 14.99 -33.07 9.00
N ILE A 389 14.16 -32.11 8.64
CA ILE A 389 14.39 -31.31 7.44
C ILE A 389 15.70 -30.54 7.54
N LEU A 390 15.99 -29.87 8.65
CA LEU A 390 17.27 -29.18 8.78
C LEU A 390 18.47 -30.13 8.67
N SER A 391 18.32 -31.42 9.07
CA SER A 391 19.40 -32.40 8.93
C SER A 391 19.66 -32.79 7.47
N LEU A 392 18.59 -33.01 6.68
CA LEU A 392 18.72 -33.28 5.23
C LEU A 392 19.27 -32.06 4.48
N LEU A 393 18.98 -30.84 4.94
CA LEU A 393 19.53 -29.60 4.42
C LEU A 393 20.89 -29.20 5.06
N GLU A 394 21.53 -30.05 5.88
CA GLU A 394 22.76 -29.62 6.53
C GLU A 394 23.96 -29.83 5.59
N SER A 395 24.08 -31.07 5.11
CA SER A 395 25.16 -31.51 4.24
C SER A 395 24.98 -31.02 2.79
N ASN A 396 23.72 -30.76 2.38
CA ASN A 396 23.36 -30.35 1.04
C ASN A 396 22.86 -28.90 1.11
N LYS A 397 23.47 -28.01 0.35
CA LYS A 397 23.38 -26.58 0.63
C LYS A 397 22.70 -25.81 -0.50
N ASP A 398 22.68 -26.38 -1.74
CA ASP A 398 21.88 -25.87 -2.84
C ASP A 398 20.94 -26.98 -3.35
N LEU A 399 20.27 -27.59 -2.37
CA LEU A 399 19.14 -28.46 -2.57
C LEU A 399 17.83 -27.75 -2.24
N LEU A 400 16.84 -27.71 -3.15
CA LEU A 400 15.48 -27.42 -2.70
C LEU A 400 14.92 -28.68 -2.08
N LEU A 401 14.35 -28.57 -0.89
CA LEU A 401 13.75 -29.73 -0.25
C LEU A 401 12.34 -29.33 0.12
N THR A 402 11.39 -29.80 -0.70
CA THR A 402 9.96 -29.65 -0.46
C THR A 402 9.55 -30.63 0.60
N SER A 403 8.52 -30.28 1.39
CA SER A 403 8.16 -31.09 2.55
C SER A 403 6.72 -30.84 2.95
N SER A 404 6.26 -31.53 3.98
CA SER A 404 4.98 -31.21 4.55
C SER A 404 5.14 -30.12 5.60
N TYR A 405 6.28 -29.42 5.71
CA TYR A 405 6.47 -28.55 6.86
C TYR A 405 5.45 -27.42 7.06
N LEU A 406 5.11 -26.66 6.00
CA LEU A 406 3.94 -25.79 6.13
C LEU A 406 2.50 -26.41 6.15
N SER A 407 2.34 -27.73 6.00
CA SER A 407 1.04 -28.36 5.85
C SER A 407 0.19 -28.29 7.13
N ASP A 408 0.82 -28.42 8.32
CA ASP A 408 0.15 -28.53 9.62
C ASP A 408 -0.20 -27.13 10.18
N SER A 409 -0.88 -26.33 9.35
CA SER A 409 -1.06 -24.89 9.50
C SER A 409 -2.00 -24.48 10.65
N GLY A 410 -2.69 -25.39 11.34
CA GLY A 410 -3.72 -25.00 12.30
C GLY A 410 -5.13 -24.79 11.74
N SER A 411 -5.27 -24.85 10.39
CA SER A 411 -6.54 -24.89 9.68
C SER A 411 -7.51 -23.72 10.00
N THR A 412 -7.03 -22.64 10.61
CA THR A 412 -7.43 -21.27 10.28
C THR A 412 -6.16 -20.42 10.28
N GLY A 413 -5.11 -20.94 9.66
CA GLY A 413 -3.88 -20.22 9.37
C GLY A 413 -3.03 -19.97 10.61
N GLU A 414 -3.55 -20.22 11.83
CA GLU A 414 -3.11 -19.44 13.00
C GLU A 414 -1.61 -19.60 13.31
N HIS A 415 -1.07 -20.77 13.01
CA HIS A 415 0.33 -21.09 13.26
C HIS A 415 1.29 -20.57 12.22
N THR A 416 0.83 -20.19 11.03
CA THR A 416 1.74 -19.92 9.95
C THR A 416 2.77 -18.82 10.20
N LYS A 417 2.43 -17.69 10.86
CA LYS A 417 3.42 -16.63 11.06
C LYS A 417 4.63 -17.27 11.71
N SER A 418 4.39 -18.35 12.51
CA SER A 418 5.40 -18.90 13.39
C SER A 418 6.10 -20.02 12.65
N LEU A 419 5.38 -20.89 11.93
CA LEU A 419 6.07 -21.92 11.15
C LEU A 419 7.03 -21.28 10.15
N VAL A 420 6.61 -20.19 9.49
CA VAL A 420 7.45 -19.58 8.48
C VAL A 420 8.61 -18.88 9.12
N THR A 421 8.41 -18.06 10.15
CA THR A 421 9.57 -17.33 10.66
C THR A 421 10.50 -18.17 11.52
N GLN A 422 10.08 -19.30 12.10
CA GLN A 422 11.06 -20.21 12.65
C GLN A 422 11.93 -20.81 11.55
N TYR A 423 11.36 -21.26 10.46
CA TYR A 423 12.16 -21.96 9.49
C TYR A 423 13.18 -21.06 8.80
N LEU A 424 12.79 -19.85 8.39
CA LEU A 424 13.74 -18.89 7.88
C LEU A 424 14.88 -18.67 8.87
N ASN A 425 14.57 -18.41 10.13
CA ASN A 425 15.56 -18.17 11.16
C ASN A 425 16.49 -19.37 11.33
N ALA A 426 15.93 -20.57 11.46
CA ALA A 426 16.73 -21.77 11.65
C ALA A 426 17.70 -22.07 10.49
N THR A 427 17.25 -21.94 9.23
CA THR A 427 18.12 -22.13 8.08
C THR A 427 19.07 -20.96 7.84
N GLY A 428 18.89 -19.83 8.51
CA GLY A 428 19.76 -18.70 8.32
C GLY A 428 19.50 -17.92 7.03
N ASN A 429 18.23 -17.91 6.58
CA ASN A 429 17.78 -17.21 5.39
C ASN A 429 18.57 -17.63 4.15
N ARG A 430 18.88 -18.93 4.04
CA ARG A 430 19.34 -19.45 2.76
C ARG A 430 18.17 -19.45 1.76
N TRP A 431 18.39 -20.07 0.61
CA TRP A 431 17.28 -20.35 -0.28
C TRP A 431 16.38 -21.51 0.22
N CYS A 432 15.10 -21.44 -0.14
CA CYS A 432 14.07 -22.33 0.36
C CYS A 432 13.14 -22.69 -0.80
N SER A 433 12.33 -23.72 -0.65
CA SER A 433 11.20 -23.91 -1.53
C SER A 433 9.88 -24.02 -0.77
N TRP A 434 9.06 -23.03 -0.82
CA TRP A 434 7.79 -23.10 -0.14
C TRP A 434 6.84 -23.98 -0.89
N SER A 435 6.18 -24.86 -0.16
CA SER A 435 5.20 -25.73 -0.75
C SER A 435 4.36 -26.33 0.33
N LEU A 436 3.06 -26.48 0.16
CA LEU A 436 2.41 -27.29 1.22
C LEU A 436 2.65 -28.81 1.10
N SER A 437 3.14 -29.37 0.00
CA SER A 437 3.56 -30.77 0.06
C SER A 437 4.59 -31.10 -1.01
N GLN A 438 5.27 -32.25 -0.86
CA GLN A 438 5.99 -32.87 -1.97
C GLN A 438 5.15 -33.32 -3.19
N ALA A 439 3.83 -33.52 -3.08
CA ALA A 439 3.04 -33.93 -4.24
C ALA A 439 1.60 -33.43 -4.25
N ARG A 440 0.84 -33.60 -3.14
CA ARG A 440 -0.59 -33.33 -3.16
C ARG A 440 -0.93 -31.84 -3.36
N LEU A 441 -2.17 -31.54 -3.80
CA LEU A 441 -2.65 -30.17 -4.04
C LEU A 441 -2.66 -29.29 -2.78
N LEU A 442 -2.58 -27.94 -2.89
CA LEU A 442 -2.86 -27.07 -1.74
C LEU A 442 -4.22 -27.43 -1.13
N THR A 443 -5.24 -27.65 -1.96
CA THR A 443 -6.58 -27.94 -1.44
C THR A 443 -6.67 -29.28 -0.72
N SER A 444 -5.61 -30.09 -0.68
CA SER A 444 -5.58 -31.26 0.17
C SER A 444 -5.42 -30.90 1.65
N PHE A 445 -5.07 -29.64 1.95
CA PHE A 445 -4.71 -29.20 3.28
C PHE A 445 -5.50 -27.97 3.67
N LEU A 446 -5.48 -26.95 2.82
CA LEU A 446 -6.23 -25.76 3.11
C LEU A 446 -7.75 -25.87 2.94
N PRO A 447 -8.54 -25.25 3.85
CA PRO A 447 -9.94 -24.96 3.58
C PRO A 447 -10.01 -23.75 2.65
N ALA A 448 -11.01 -23.72 1.77
CA ALA A 448 -10.96 -22.92 0.56
C ALA A 448 -11.02 -21.39 0.76
N GLN A 449 -11.31 -20.85 1.97
CA GLN A 449 -11.19 -19.41 2.21
C GLN A 449 -9.74 -18.94 2.28
N LEU A 450 -8.83 -19.86 2.59
CA LEU A 450 -7.41 -19.53 2.68
C LEU A 450 -6.67 -19.71 1.37
N LEU A 451 -7.18 -20.43 0.34
CA LEU A 451 -6.48 -20.56 -0.93
C LEU A 451 -6.00 -19.21 -1.41
N ARG A 452 -6.85 -18.17 -1.38
CA ARG A 452 -6.32 -16.91 -1.92
C ARG A 452 -5.17 -16.34 -1.07
N LEU A 453 -5.36 -16.53 0.22
CA LEU A 453 -4.44 -15.96 1.18
C LEU A 453 -3.09 -16.62 1.11
N TYR A 454 -3.03 -17.93 0.81
CA TYR A 454 -1.77 -18.65 0.70
C TYR A 454 -1.13 -18.30 -0.62
N GLN A 455 -1.90 -18.13 -1.69
CA GLN A 455 -1.29 -17.77 -2.96
C GLN A 455 -0.61 -16.43 -2.86
N LEU A 456 -1.10 -15.54 -2.02
CA LEU A 456 -0.46 -14.26 -1.83
C LEU A 456 0.85 -14.42 -1.11
N MET A 457 0.96 -15.44 -0.28
CA MET A 457 2.08 -15.60 0.63
C MET A 457 3.16 -16.44 -0.09
N LEU A 458 2.82 -17.59 -0.67
CA LEU A 458 3.74 -18.40 -1.39
C LEU A 458 4.42 -17.65 -2.54
N PHE A 459 3.77 -16.68 -3.13
CA PHE A 459 4.45 -15.92 -4.15
C PHE A 459 5.31 -14.77 -3.62
N THR A 460 5.47 -14.57 -2.33
CA THR A 460 6.14 -13.35 -1.83
C THR A 460 7.07 -13.59 -0.64
N LEU A 461 7.26 -14.85 -0.22
CA LEU A 461 8.36 -15.19 0.69
C LEU A 461 9.64 -15.38 -0.12
N PRO A 462 10.80 -15.22 0.55
CA PRO A 462 12.11 -15.58 0.02
C PRO A 462 12.23 -17.01 -0.39
N GLY A 463 12.41 -17.26 -1.69
CA GLY A 463 12.47 -18.66 -2.13
C GLY A 463 11.59 -18.99 -3.31
N THR A 464 11.76 -20.18 -3.81
CA THR A 464 11.11 -20.65 -5.02
C THR A 464 9.83 -21.37 -4.71
N PRO A 465 8.65 -20.81 -4.88
CA PRO A 465 7.46 -21.55 -4.56
C PRO A 465 7.16 -22.67 -5.53
N VAL A 466 6.41 -23.63 -5.06
CA VAL A 466 6.11 -24.81 -5.86
C VAL A 466 4.62 -25.17 -5.73
N PHE A 467 3.97 -25.25 -6.89
CA PHE A 467 2.60 -25.70 -6.97
C PHE A 467 2.40 -27.01 -7.72
N SER A 468 1.42 -27.81 -7.29
CA SER A 468 0.97 -28.96 -8.06
C SER A 468 -0.08 -28.47 -9.05
N TYR A 469 -0.39 -29.32 -10.03
CA TYR A 469 -1.13 -28.77 -11.15
C TYR A 469 -2.54 -28.47 -10.71
N GLY A 470 -3.04 -27.32 -11.10
CA GLY A 470 -4.40 -26.97 -10.75
C GLY A 470 -4.54 -26.26 -9.41
N ASP A 471 -3.46 -26.11 -8.65
CA ASP A 471 -3.46 -25.19 -7.52
C ASP A 471 -3.88 -23.80 -7.98
N GLU A 472 -3.48 -23.46 -9.21
CA GLU A 472 -3.68 -22.12 -9.74
C GLU A 472 -5.17 -21.89 -10.02
N ILE A 473 -6.01 -22.95 -9.99
CA ILE A 473 -7.45 -22.80 -10.15
C ILE A 473 -8.24 -23.29 -8.93
N GLY A 474 -7.55 -23.64 -7.85
CA GLY A 474 -8.22 -24.19 -6.70
C GLY A 474 -8.92 -25.51 -7.00
N LEU A 475 -8.32 -26.36 -7.81
CA LEU A 475 -8.83 -27.70 -8.04
C LEU A 475 -8.91 -28.42 -6.68
N ASP A 476 -9.82 -29.41 -6.56
CA ASP A 476 -9.96 -30.19 -5.35
C ASP A 476 -10.41 -31.61 -5.72
N ALA A 477 -9.70 -32.62 -5.23
CA ALA A 477 -10.01 -33.99 -5.60
C ALA A 477 -11.39 -34.42 -5.09
N ALA A 478 -11.86 -33.84 -3.97
CA ALA A 478 -13.12 -34.24 -3.35
C ALA A 478 -14.35 -33.70 -4.09
N ALA A 479 -14.20 -32.60 -4.84
CA ALA A 479 -15.35 -31.85 -5.38
C ALA A 479 -16.09 -32.63 -6.47
N LEU A 480 -15.37 -33.49 -7.22
CA LEU A 480 -15.90 -34.37 -8.25
C LEU A 480 -15.62 -35.81 -7.80
N PRO A 481 -16.52 -36.45 -7.00
CA PRO A 481 -16.22 -37.69 -6.27
C PRO A 481 -15.73 -38.88 -7.09
N GLY A 482 -14.90 -39.71 -6.43
CA GLY A 482 -14.47 -41.00 -6.92
C GLY A 482 -13.04 -41.03 -7.45
N GLN A 483 -12.58 -39.91 -8.04
CA GLN A 483 -11.23 -39.79 -8.61
C GLN A 483 -10.18 -39.85 -7.50
N PRO A 484 -8.95 -40.36 -7.79
CA PRO A 484 -7.94 -40.54 -6.75
C PRO A 484 -7.28 -39.23 -6.30
N MET A 485 -7.03 -39.14 -5.00
CA MET A 485 -6.36 -37.99 -4.42
C MET A 485 -4.89 -37.86 -4.86
N GLU A 486 -4.33 -38.91 -5.50
CA GLU A 486 -3.02 -38.86 -6.17
C GLU A 486 -3.01 -37.97 -7.42
N ALA A 487 -4.11 -37.95 -8.19
CA ALA A 487 -4.07 -37.50 -9.58
C ALA A 487 -5.46 -37.09 -10.07
N PRO A 488 -6.04 -35.99 -9.56
CA PRO A 488 -7.35 -35.51 -9.98
C PRO A 488 -7.33 -34.89 -11.38
N VAL A 489 -8.44 -35.08 -12.11
CA VAL A 489 -8.54 -34.70 -13.51
C VAL A 489 -8.70 -33.20 -13.60
N MET A 490 -7.85 -32.58 -14.44
CA MET A 490 -7.74 -31.13 -14.47
C MET A 490 -8.94 -30.62 -15.25
N LEU A 491 -9.58 -29.54 -14.75
CA LEU A 491 -10.79 -29.00 -15.37
C LEU A 491 -10.50 -27.80 -16.29
N TRP A 492 -10.19 -28.10 -17.55
CA TRP A 492 -9.95 -27.08 -18.55
C TRP A 492 -11.19 -26.30 -18.93
N ASP A 493 -12.28 -27.01 -19.22
CA ASP A 493 -13.57 -26.45 -19.58
C ASP A 493 -14.69 -27.41 -19.15
N GLU A 494 -15.97 -27.05 -19.36
CA GLU A 494 -17.10 -27.78 -18.80
C GLU A 494 -17.20 -29.25 -19.27
N SER A 495 -16.49 -29.61 -20.35
CA SER A 495 -16.42 -31.00 -20.81
C SER A 495 -15.56 -31.93 -19.94
N SER A 496 -14.64 -31.36 -19.13
CA SER A 496 -13.39 -32.02 -18.75
C SER A 496 -13.58 -33.23 -17.86
N PHE A 497 -14.71 -33.34 -17.13
CA PHE A 497 -15.03 -34.53 -16.35
C PHE A 497 -16.38 -35.07 -16.82
N PRO A 498 -16.39 -35.82 -17.94
CA PRO A 498 -17.63 -36.27 -18.55
C PRO A 498 -18.27 -37.47 -17.87
N ASP A 499 -17.58 -38.11 -16.91
CA ASP A 499 -18.03 -39.34 -16.24
C ASP A 499 -19.27 -39.12 -15.36
N ILE A 500 -19.53 -37.88 -14.92
CA ILE A 500 -20.75 -37.44 -14.27
C ILE A 500 -21.08 -36.07 -14.86
N PRO A 501 -21.72 -36.02 -16.06
CA PRO A 501 -21.85 -34.77 -16.79
C PRO A 501 -22.86 -33.83 -16.11
N GLY A 502 -22.57 -32.53 -16.16
CA GLY A 502 -23.33 -31.52 -15.43
C GLY A 502 -22.82 -31.22 -14.02
N ALA A 503 -21.87 -32.02 -13.47
CA ALA A 503 -21.27 -31.79 -12.16
C ALA A 503 -20.28 -30.61 -12.15
N VAL A 504 -19.60 -30.38 -13.28
CA VAL A 504 -18.67 -29.27 -13.45
C VAL A 504 -19.42 -27.96 -13.59
N SER A 505 -19.21 -27.04 -12.63
CA SER A 505 -19.65 -25.66 -12.76
C SER A 505 -18.61 -24.85 -13.56
N ALA A 506 -19.04 -23.80 -14.26
CA ALA A 506 -18.18 -22.98 -15.11
C ALA A 506 -16.97 -22.42 -14.36
N ASN A 507 -17.27 -21.74 -13.25
CA ASN A 507 -16.28 -21.15 -12.33
C ASN A 507 -15.23 -22.15 -11.78
N MET A 508 -15.45 -23.48 -11.81
CA MET A 508 -14.43 -24.47 -11.44
C MET A 508 -13.37 -24.75 -12.52
N THR A 509 -13.42 -24.13 -13.71
CA THR A 509 -12.62 -24.54 -14.85
C THR A 509 -11.71 -23.42 -15.34
N VAL A 510 -10.60 -23.81 -16.00
CA VAL A 510 -9.62 -22.83 -16.48
C VAL A 510 -10.28 -21.79 -17.38
N LYS A 511 -11.09 -22.29 -18.32
CA LYS A 511 -11.80 -21.46 -19.27
C LYS A 511 -12.71 -20.47 -18.54
N GLY A 512 -13.39 -20.97 -17.48
CA GLY A 512 -14.35 -20.19 -16.71
C GLY A 512 -13.72 -19.16 -15.77
N GLN A 513 -12.46 -19.38 -15.40
CA GLN A 513 -11.71 -18.41 -14.61
C GLN A 513 -10.95 -17.44 -15.49
N SER A 514 -10.43 -17.87 -16.64
CA SER A 514 -9.53 -17.07 -17.45
C SER A 514 -10.10 -15.70 -17.82
N GLU A 515 -11.44 -15.64 -17.89
CA GLU A 515 -12.18 -14.44 -18.30
C GLU A 515 -12.36 -13.43 -17.15
N ASP A 516 -12.28 -13.87 -15.88
CA ASP A 516 -12.86 -13.18 -14.74
C ASP A 516 -11.75 -12.58 -13.87
N PRO A 517 -11.59 -11.23 -13.78
CA PRO A 517 -10.58 -10.60 -12.91
C PRO A 517 -10.63 -10.97 -11.43
N GLY A 518 -11.82 -11.33 -10.93
CA GLY A 518 -11.97 -11.80 -9.56
C GLY A 518 -11.51 -13.23 -9.29
N SER A 519 -11.31 -14.05 -10.33
CA SER A 519 -11.08 -15.49 -10.18
C SER A 519 -9.73 -15.79 -9.57
N LEU A 520 -9.63 -16.99 -9.01
CA LEU A 520 -8.39 -17.47 -8.40
C LEU A 520 -7.23 -17.46 -9.40
N LEU A 521 -7.43 -18.00 -10.59
CA LEU A 521 -6.42 -18.00 -11.64
C LEU A 521 -6.05 -16.57 -12.09
N SER A 522 -6.97 -15.59 -12.03
CA SER A 522 -6.56 -14.21 -12.27
C SER A 522 -5.66 -13.60 -11.17
N LEU A 523 -5.74 -14.14 -9.95
CA LEU A 523 -4.83 -13.77 -8.87
C LEU A 523 -3.51 -14.50 -9.06
N PHE A 524 -3.50 -15.77 -9.42
CA PHE A 524 -2.25 -16.50 -9.59
C PHE A 524 -1.46 -15.85 -10.70
N ARG A 525 -2.11 -15.62 -11.86
CA ARG A 525 -1.42 -15.08 -13.02
C ARG A 525 -0.78 -13.77 -12.59
N ARG A 526 -1.52 -12.96 -11.80
CA ARG A 526 -1.10 -11.61 -11.53
C ARG A 526 0.12 -11.62 -10.61
N LEU A 527 0.08 -12.48 -9.60
CA LEU A 527 1.16 -12.59 -8.63
C LEU A 527 2.41 -13.16 -9.27
N SER A 528 2.21 -14.10 -10.17
CA SER A 528 3.33 -14.75 -10.80
C SER A 528 4.15 -13.68 -11.54
N ASP A 529 3.46 -12.66 -12.08
CA ASP A 529 4.08 -11.56 -12.79
C ASP A 529 5.00 -10.87 -11.82
N GLN A 530 4.45 -10.46 -10.68
CA GLN A 530 5.19 -9.61 -9.74
C GLN A 530 6.46 -10.32 -9.26
N ARG A 531 6.34 -11.57 -8.85
CA ARG A 531 7.44 -12.35 -8.33
C ARG A 531 8.47 -12.61 -9.40
N SER A 532 8.17 -12.40 -10.71
CA SER A 532 9.15 -12.76 -11.72
C SER A 532 9.78 -11.53 -12.39
N LYS A 533 9.29 -10.34 -12.09
CA LYS A 533 9.81 -9.13 -12.70
C LYS A 533 10.47 -8.23 -11.65
N GLU A 534 9.95 -8.19 -10.42
CA GLU A 534 10.25 -7.14 -9.45
C GLU A 534 11.47 -7.55 -8.63
N ARG A 535 12.49 -6.71 -8.64
CA ARG A 535 13.76 -7.16 -8.11
C ARG A 535 13.61 -7.42 -6.62
N SER A 536 12.67 -6.71 -6.00
CA SER A 536 12.44 -6.79 -4.55
C SER A 536 11.89 -8.14 -4.15
N LEU A 537 10.89 -8.67 -4.85
CA LEU A 537 10.37 -10.04 -4.59
C LEU A 537 11.30 -11.09 -5.16
N LEU A 538 12.03 -10.81 -6.23
CA LEU A 538 12.93 -11.77 -6.87
C LEU A 538 14.03 -12.19 -5.94
N HIS A 539 14.60 -11.23 -5.15
CA HIS A 539 15.65 -11.61 -4.21
C HIS A 539 15.95 -10.62 -3.10
N GLY A 540 14.98 -9.74 -2.85
CA GLY A 540 15.08 -8.94 -1.66
C GLY A 540 15.19 -9.71 -0.32
N ASP A 541 15.48 -8.92 0.71
CA ASP A 541 15.51 -9.33 2.09
C ASP A 541 14.05 -9.56 2.50
N PHE A 542 13.85 -10.04 3.75
CA PHE A 542 12.52 -10.23 4.33
C PHE A 542 12.53 -9.83 5.80
N HIS A 543 11.58 -9.00 6.24
CA HIS A 543 11.48 -8.57 7.61
C HIS A 543 10.05 -8.75 8.05
N ALA A 544 9.80 -9.71 8.93
CA ALA A 544 8.52 -9.81 9.60
C ALA A 544 8.32 -8.76 10.67
N PHE A 545 7.07 -8.31 10.87
CA PHE A 545 6.84 -7.46 12.02
C PHE A 545 5.44 -7.58 12.60
N SER A 546 5.24 -7.07 13.85
CA SER A 546 3.92 -7.25 14.49
C SER A 546 3.07 -6.08 14.08
N ALA A 547 2.18 -6.27 13.17
CA ALA A 547 1.45 -5.18 12.52
C ALA A 547 0.08 -5.05 13.12
N GLY A 548 -0.39 -6.01 13.95
CA GLY A 548 -1.83 -6.20 14.20
C GLY A 548 -2.09 -7.58 14.79
N PRO A 549 -3.27 -7.86 15.40
CA PRO A 549 -3.55 -9.14 16.05
C PRO A 549 -3.39 -10.36 15.19
N GLY A 550 -4.25 -10.62 14.24
CA GLY A 550 -4.00 -11.85 13.46
C GLY A 550 -2.82 -11.83 12.46
N LEU A 551 -2.53 -10.61 12.03
CA LEU A 551 -1.81 -10.40 10.83
C LEU A 551 -0.42 -11.05 10.95
N PHE A 552 -0.09 -11.80 9.92
CA PHE A 552 1.28 -12.08 9.52
C PHE A 552 1.63 -10.97 8.59
N SER A 553 2.62 -10.18 8.94
CA SER A 553 2.94 -9.10 8.07
C SER A 553 4.44 -8.95 7.89
N TYR A 554 4.87 -8.57 6.69
CA TYR A 554 6.30 -8.51 6.44
C TYR A 554 6.60 -7.67 5.23
N ILE A 555 7.80 -7.11 5.16
CA ILE A 555 8.24 -6.28 4.07
C ILE A 555 9.34 -7.03 3.31
N ARG A 556 9.19 -7.08 2.00
CA ARG A 556 10.25 -7.51 1.13
C ARG A 556 10.92 -6.26 0.56
N HIS A 557 12.27 -6.22 0.59
CA HIS A 557 12.96 -5.07 0.03
C HIS A 557 14.31 -5.40 -0.53
N TRP A 558 14.82 -4.57 -1.48
CA TRP A 558 16.18 -4.56 -2.01
C TRP A 558 16.71 -3.16 -2.16
N ASP A 559 18.02 -3.00 -2.38
CA ASP A 559 18.75 -1.84 -1.92
C ASP A 559 17.98 -0.52 -2.10
N GLN A 560 17.52 -0.17 -3.34
CA GLN A 560 16.76 1.08 -3.48
C GLN A 560 15.50 0.89 -4.29
N ASN A 561 15.26 -0.34 -4.78
CA ASN A 561 14.14 -0.53 -5.68
C ASN A 561 12.84 -0.44 -4.84
N GLU A 562 11.68 -0.65 -5.49
CA GLU A 562 10.38 -0.68 -4.82
C GLU A 562 10.31 -1.65 -3.62
N ARG A 563 9.61 -1.23 -2.54
CA ARG A 563 9.50 -2.01 -1.31
C ARG A 563 8.08 -2.54 -1.19
N PHE A 564 7.89 -3.81 -0.85
CA PHE A 564 6.57 -4.44 -0.85
C PHE A 564 6.26 -4.92 0.55
N LEU A 565 5.17 -4.43 1.11
CA LEU A 565 4.64 -4.82 2.39
C LEU A 565 3.50 -5.77 2.09
N VAL A 566 3.49 -6.93 2.74
CA VAL A 566 2.45 -7.91 2.64
C VAL A 566 1.75 -7.99 3.97
N VAL A 567 0.44 -8.16 3.97
CA VAL A 567 -0.31 -8.10 5.21
C VAL A 567 -1.38 -9.16 5.06
N LEU A 568 -1.22 -10.25 5.74
CA LEU A 568 -2.11 -11.39 5.62
C LEU A 568 -2.95 -11.49 6.88
N ASN A 569 -4.28 -11.44 6.77
CA ASN A 569 -5.06 -11.53 7.97
C ASN A 569 -5.51 -12.96 8.19
N PHE A 570 -4.73 -13.76 8.91
CA PHE A 570 -5.04 -15.15 9.01
C PHE A 570 -6.21 -15.41 9.94
N GLY A 571 -6.27 -14.70 11.06
CA GLY A 571 -7.44 -14.93 11.89
C GLY A 571 -8.78 -14.50 11.24
N ASP A 572 -9.88 -15.09 11.72
CA ASP A 572 -11.21 -14.88 11.17
C ASP A 572 -11.96 -13.62 11.61
N VAL A 573 -11.28 -12.62 12.14
CA VAL A 573 -11.90 -11.44 12.67
C VAL A 573 -11.30 -10.28 11.93
N GLY A 574 -12.09 -9.39 11.39
CA GLY A 574 -11.50 -8.22 10.71
C GLY A 574 -10.81 -7.21 11.62
N LEU A 575 -9.88 -6.42 11.07
CA LEU A 575 -9.32 -5.33 11.83
C LEU A 575 -9.90 -3.99 11.40
N SER A 576 -10.07 -3.12 12.39
CA SER A 576 -10.86 -1.92 12.23
C SER A 576 -10.10 -0.66 12.69
N ALA A 577 -8.78 -0.72 12.71
CA ALA A 577 -7.96 0.21 13.48
C ALA A 577 -6.56 0.38 12.87
N GLY A 578 -6.46 0.06 11.60
CA GLY A 578 -5.18 0.10 10.91
C GLY A 578 -4.17 -0.98 11.27
N LEU A 579 -3.08 -0.96 10.49
CA LEU A 579 -1.80 -1.42 10.95
C LEU A 579 -1.38 -0.55 12.11
N GLN A 580 -0.65 -1.18 13.03
CA GLN A 580 0.01 -0.40 14.03
C GLN A 580 1.24 -1.22 14.36
N ALA A 581 2.29 -1.03 13.54
CA ALA A 581 3.60 -1.65 13.65
C ALA A 581 4.36 -1.24 14.92
N SER A 582 4.57 -2.21 15.80
CA SER A 582 5.66 -2.16 16.76
C SER A 582 6.97 -2.54 16.07
N ASP A 583 8.03 -1.74 16.32
CA ASP A 583 9.43 -2.19 16.26
C ASP A 583 9.85 -2.65 14.86
N LEU A 584 9.73 -1.74 13.90
CA LEU A 584 10.29 -1.98 12.58
C LEU A 584 11.79 -1.78 12.61
N PRO A 585 12.56 -2.57 11.80
CA PRO A 585 13.97 -2.25 11.57
C PRO A 585 14.12 -0.82 11.02
N ALA A 586 15.14 -0.08 11.48
CA ALA A 586 15.21 1.36 11.23
C ALA A 586 15.43 1.69 9.75
N SER A 587 16.03 0.75 8.99
CA SER A 587 16.22 0.79 7.55
C SER A 587 14.93 0.62 6.75
N ALA A 588 13.86 0.09 7.35
CA ALA A 588 12.70 -0.43 6.65
C ALA A 588 11.37 0.17 7.13
N SER A 589 11.42 1.37 7.73
CA SER A 589 10.27 1.99 8.38
C SER A 589 9.11 2.15 7.41
N LEU A 590 7.89 1.91 7.93
CA LEU A 590 6.69 2.02 7.14
C LEU A 590 6.38 3.46 6.76
N PRO A 591 5.80 3.65 5.56
CA PRO A 591 5.32 4.97 5.16
C PRO A 591 4.02 5.34 5.87
N ALA A 592 3.59 6.58 5.67
CA ALA A 592 2.27 7.01 6.08
C ALA A 592 1.19 6.38 5.19
N LYS A 593 1.52 6.15 3.91
CA LYS A 593 0.61 5.58 2.92
C LYS A 593 1.41 4.77 1.91
N ALA A 594 0.75 3.77 1.31
CA ALA A 594 1.34 2.88 0.33
C ALA A 594 0.29 2.45 -0.70
N ASP A 595 0.75 2.09 -1.91
CA ASP A 595 -0.16 1.81 -3.03
C ASP A 595 -0.69 0.37 -3.02
N LEU A 596 -1.99 0.15 -2.90
CA LEU A 596 -2.54 -1.19 -3.08
C LEU A 596 -2.30 -1.78 -4.48
N LEU A 597 -1.41 -2.73 -4.60
CA LEU A 597 -1.13 -3.42 -5.82
C LEU A 597 -2.12 -4.57 -6.09
N LEU A 598 -2.66 -5.19 -5.05
CA LEU A 598 -3.84 -6.04 -5.17
C LEU A 598 -4.33 -6.40 -3.79
N SER A 599 -5.60 -6.80 -3.71
CA SER A 599 -6.12 -7.45 -2.51
C SER A 599 -6.66 -8.81 -2.90
N THR A 600 -6.61 -9.71 -1.92
CA THR A 600 -7.26 -11.01 -1.94
C THR A 600 -8.78 -10.90 -2.09
N GLN A 601 -9.36 -9.72 -1.86
CA GLN A 601 -10.81 -9.58 -1.91
C GLN A 601 -11.27 -8.55 -2.94
N PRO A 602 -12.47 -8.74 -3.52
CA PRO A 602 -13.10 -7.72 -4.34
C PRO A 602 -13.56 -6.51 -3.52
N GLY A 603 -13.88 -5.44 -4.23
CA GLY A 603 -14.43 -4.24 -3.60
C GLY A 603 -13.35 -3.29 -3.07
N ARG A 604 -12.13 -3.37 -3.66
CA ARG A 604 -11.00 -2.53 -3.29
C ARG A 604 -10.50 -1.66 -4.43
N GLU A 605 -9.88 -0.53 -4.07
CA GLU A 605 -9.51 0.49 -5.04
C GLU A 605 -8.07 0.25 -5.53
N GLU A 606 -7.89 -0.83 -6.32
CA GLU A 606 -6.56 -1.30 -6.71
C GLU A 606 -5.84 -0.21 -7.53
N GLY A 607 -4.57 0.04 -7.19
CA GLY A 607 -3.80 1.18 -7.68
C GLY A 607 -3.75 2.36 -6.69
N SER A 608 -4.79 2.52 -5.84
CA SER A 608 -4.88 3.73 -5.00
C SER A 608 -3.97 3.67 -3.78
N PRO A 609 -3.48 4.82 -3.24
CA PRO A 609 -2.81 4.83 -1.93
C PRO A 609 -3.78 4.66 -0.76
N LEU A 610 -3.33 3.88 0.25
CA LEU A 610 -4.07 3.59 1.47
C LEU A 610 -3.40 4.22 2.69
N GLU A 611 -4.20 4.67 3.68
CA GLU A 611 -3.68 5.14 4.96
C GLU A 611 -3.46 3.95 5.90
N LEU A 612 -2.21 3.58 6.16
CA LEU A 612 -1.94 2.41 6.96
C LEU A 612 -2.45 2.57 8.40
N GLU A 613 -2.31 3.72 9.04
CA GLU A 613 -2.88 3.88 10.39
C GLU A 613 -4.43 3.78 10.45
N ARG A 614 -5.19 3.77 9.33
CA ARG A 614 -6.66 3.82 9.32
C ARG A 614 -7.28 2.81 8.35
N LEU A 615 -6.48 1.85 7.90
CA LEU A 615 -6.83 0.74 7.02
C LEU A 615 -7.79 -0.26 7.69
N LYS A 616 -8.57 -1.02 6.91
CA LYS A 616 -9.52 -1.97 7.51
C LYS A 616 -9.51 -3.30 6.75
N LEU A 617 -8.83 -4.33 7.27
CA LEU A 617 -8.80 -5.67 6.69
C LEU A 617 -10.10 -6.41 7.09
N GLU A 618 -10.70 -7.13 6.15
CA GLU A 618 -11.75 -8.08 6.46
C GLU A 618 -11.16 -9.37 6.97
N PRO A 619 -11.91 -10.29 7.61
CA PRO A 619 -11.46 -11.67 7.87
C PRO A 619 -10.90 -12.34 6.58
N HIS A 620 -9.67 -12.79 6.67
CA HIS A 620 -9.00 -13.43 5.58
C HIS A 620 -8.59 -12.48 4.45
N GLU A 621 -8.76 -11.19 4.56
CA GLU A 621 -8.26 -10.31 3.52
C GLU A 621 -6.75 -10.16 3.60
N GLY A 622 -6.02 -10.71 2.66
CA GLY A 622 -4.67 -10.22 2.45
C GLY A 622 -4.47 -9.06 1.47
N LEU A 623 -3.52 -8.18 1.74
CA LEU A 623 -3.13 -7.08 0.89
C LEU A 623 -1.69 -7.15 0.45
N LEU A 624 -1.44 -6.70 -0.78
CA LEU A 624 -0.09 -6.53 -1.27
C LEU A 624 0.10 -5.05 -1.51
N LEU A 625 0.89 -4.38 -0.69
CA LEU A 625 1.10 -2.94 -0.77
C LEU A 625 2.49 -2.77 -1.33
N ARG A 626 2.59 -1.77 -2.20
CA ARG A 626 3.80 -1.37 -2.89
C ARG A 626 4.13 0.04 -2.34
N PHE A 627 5.37 0.32 -2.01
CA PHE A 627 5.76 1.69 -1.70
C PHE A 627 7.20 1.99 -2.11
N PRO A 628 7.49 3.27 -2.48
CA PRO A 628 8.83 3.63 -2.91
C PRO A 628 9.81 3.87 -1.76
N TYR A 629 11.10 3.81 -2.13
CA TYR A 629 12.23 3.86 -1.20
C TYR A 629 12.33 5.19 -0.44
N ALA A 630 13.13 5.18 0.64
CA ALA A 630 13.54 6.41 1.31
C ALA A 630 15.04 6.39 1.63
N ALA A 631 15.74 7.47 1.20
CA ALA A 631 17.18 7.62 1.38
C ALA A 631 17.47 8.01 2.84
N GLY B 43 29.74 44.58 -42.46
CA GLY B 43 30.56 44.46 -41.24
C GLY B 43 30.14 43.26 -40.39
N VAL B 44 28.97 43.36 -39.72
CA VAL B 44 28.51 42.36 -38.75
C VAL B 44 27.27 41.64 -39.25
N THR B 45 27.41 40.31 -39.34
CA THR B 45 26.32 39.39 -39.67
C THR B 45 26.72 37.96 -39.25
N LEU B 46 25.73 37.06 -39.19
CA LEU B 46 26.01 35.64 -39.03
C LEU B 46 26.53 35.03 -40.33
N GLN B 47 27.85 34.69 -40.36
CA GLN B 47 28.50 34.24 -41.59
C GLN B 47 28.16 32.80 -41.96
N ARG B 48 28.34 32.45 -43.24
CA ARG B 48 27.95 31.15 -43.81
C ARG B 48 29.02 30.08 -43.58
N ASN B 49 28.99 29.48 -42.37
CA ASN B 49 30.00 28.53 -41.91
C ASN B 49 29.66 27.06 -42.22
N ILE B 50 28.37 26.72 -42.43
CA ILE B 50 27.93 25.32 -42.38
C ILE B 50 28.11 24.65 -43.74
N THR B 51 29.16 23.79 -43.83
CA THR B 51 29.41 22.97 -45.00
C THR B 51 28.48 21.76 -44.97
N LEU B 52 28.23 21.16 -46.16
CA LEU B 52 27.31 20.04 -46.33
C LEU B 52 27.45 18.96 -45.25
N LEU B 53 28.67 18.48 -44.93
CA LEU B 53 28.81 17.38 -43.96
C LEU B 53 28.41 17.85 -42.56
N ASN B 54 28.67 19.12 -42.21
CA ASN B 54 28.21 19.70 -40.94
C ASN B 54 26.69 19.94 -40.96
N GLY B 55 26.12 20.22 -42.12
CA GLY B 55 24.67 20.25 -42.27
C GLY B 55 24.04 18.90 -42.04
N VAL B 56 24.67 17.83 -42.57
CA VAL B 56 24.25 16.47 -42.26
C VAL B 56 24.45 16.18 -40.76
N ALA B 57 25.51 16.69 -40.14
CA ALA B 57 25.68 16.56 -38.69
C ALA B 57 24.52 17.19 -37.90
N ILE B 58 24.11 18.40 -38.23
CA ILE B 58 23.06 19.11 -37.51
C ILE B 58 21.72 18.35 -37.60
N ILE B 59 21.47 17.61 -38.67
CA ILE B 59 20.22 16.88 -38.82
C ILE B 59 20.34 15.47 -38.26
N VAL B 60 21.36 14.68 -38.59
CA VAL B 60 21.46 13.35 -38.03
C VAL B 60 21.68 13.43 -36.52
N GLY B 61 22.44 14.42 -36.02
CA GLY B 61 22.73 14.56 -34.59
C GLY B 61 21.50 14.84 -33.74
N THR B 62 20.53 15.56 -34.32
CA THR B 62 19.32 15.90 -33.59
C THR B 62 18.19 14.91 -33.86
N ILE B 63 18.23 14.10 -34.94
CA ILE B 63 17.25 13.05 -35.15
C ILE B 63 17.59 11.85 -34.28
N ILE B 64 18.81 11.32 -34.38
CA ILE B 64 19.14 10.05 -33.75
C ILE B 64 18.91 10.10 -32.23
N GLY B 65 19.15 11.27 -31.62
CA GLY B 65 18.68 11.55 -30.26
C GLY B 65 19.03 10.50 -29.18
N SER B 66 18.17 10.44 -28.15
CA SER B 66 18.09 9.31 -27.23
C SER B 66 17.25 8.17 -27.80
N GLY B 67 16.37 8.47 -28.77
CA GLY B 67 15.19 7.65 -29.10
C GLY B 67 15.53 6.19 -29.37
N ILE B 68 16.36 5.86 -30.36
CA ILE B 68 16.59 4.48 -30.78
C ILE B 68 17.21 3.61 -29.68
N PHE B 69 17.95 4.18 -28.75
CA PHE B 69 18.49 3.40 -27.66
C PHE B 69 17.52 3.07 -26.49
N VAL B 70 16.30 3.63 -26.39
CA VAL B 70 15.35 3.39 -25.30
C VAL B 70 13.88 3.29 -25.78
N THR B 71 13.55 3.72 -27.01
CA THR B 71 12.18 3.80 -27.55
C THR B 71 11.67 2.52 -28.19
N PRO B 72 12.45 1.52 -28.65
CA PRO B 72 11.88 0.28 -29.21
C PRO B 72 10.72 -0.38 -28.43
N THR B 73 10.86 -0.45 -27.11
CA THR B 73 9.83 -0.90 -26.21
C THR B 73 8.45 -0.30 -26.56
N GLY B 74 8.36 1.01 -26.88
CA GLY B 74 7.11 1.73 -27.17
C GLY B 74 6.38 1.21 -28.42
N VAL B 75 7.17 0.79 -29.43
CA VAL B 75 6.60 0.21 -30.63
C VAL B 75 6.16 -1.24 -30.38
N LEU B 76 6.96 -2.08 -29.69
CA LEU B 76 6.51 -3.45 -29.38
C LEU B 76 5.23 -3.43 -28.53
N LYS B 77 5.07 -2.47 -27.59
CA LYS B 77 3.88 -2.41 -26.74
C LYS B 77 2.60 -2.34 -27.58
N GLU B 78 2.60 -1.53 -28.66
CA GLU B 78 1.43 -1.36 -29.51
C GLU B 78 1.41 -2.26 -30.77
N ALA B 79 2.54 -2.84 -31.18
CA ALA B 79 2.60 -3.79 -32.29
C ALA B 79 2.43 -5.25 -31.87
N GLY B 80 2.91 -5.60 -30.66
CA GLY B 80 2.96 -6.98 -30.17
C GLY B 80 4.05 -7.84 -30.81
N SER B 81 4.31 -7.62 -32.12
CA SER B 81 5.02 -8.56 -32.96
C SER B 81 6.29 -7.92 -33.49
N PRO B 82 7.49 -8.54 -33.36
CA PRO B 82 8.72 -8.04 -34.00
C PRO B 82 8.55 -7.71 -35.49
N GLY B 83 7.76 -8.48 -36.22
CA GLY B 83 7.48 -8.20 -37.62
C GLY B 83 6.72 -6.89 -37.82
N LEU B 84 5.60 -6.69 -37.12
CA LEU B 84 4.81 -5.47 -37.28
C LEU B 84 5.63 -4.27 -36.79
N ALA B 85 6.38 -4.46 -35.70
CA ALA B 85 7.26 -3.42 -35.18
C ALA B 85 8.24 -2.99 -36.28
N LEU B 86 8.96 -3.96 -36.84
CA LEU B 86 10.03 -3.62 -37.76
C LEU B 86 9.47 -2.99 -39.04
N VAL B 87 8.20 -3.27 -39.37
CA VAL B 87 7.52 -2.61 -40.48
C VAL B 87 7.17 -1.17 -40.11
N VAL B 88 6.61 -0.88 -38.92
CA VAL B 88 6.23 0.52 -38.67
C VAL B 88 7.48 1.42 -38.52
N TRP B 89 8.62 0.86 -38.08
CA TRP B 89 9.87 1.60 -38.10
C TRP B 89 10.28 2.04 -39.49
N ALA B 90 10.14 1.17 -40.48
CA ALA B 90 10.39 1.54 -41.87
C ALA B 90 9.33 2.55 -42.35
N ALA B 91 8.07 2.32 -41.98
CA ALA B 91 6.94 3.11 -42.48
C ALA B 91 7.04 4.57 -42.04
N CYS B 92 7.27 4.84 -40.75
CA CYS B 92 7.33 6.23 -40.33
C CYS B 92 8.66 6.83 -40.78
N GLY B 93 9.68 5.99 -41.13
CA GLY B 93 10.85 6.42 -41.89
C GLY B 93 10.49 7.07 -43.23
N VAL B 94 9.80 6.33 -44.11
CA VAL B 94 9.46 6.87 -45.43
C VAL B 94 8.49 8.05 -45.30
N PHE B 95 7.55 8.03 -44.34
CA PHE B 95 6.75 9.21 -44.03
C PHE B 95 7.62 10.44 -43.68
N SER B 96 8.63 10.24 -42.83
CA SER B 96 9.50 11.32 -42.43
C SER B 96 10.30 11.87 -43.63
N ILE B 97 10.77 10.97 -44.52
CA ILE B 97 11.46 11.37 -45.76
C ILE B 97 10.54 12.24 -46.58
N VAL B 98 9.30 11.81 -46.75
CA VAL B 98 8.31 12.60 -47.49
C VAL B 98 8.08 13.99 -46.88
N GLY B 99 7.97 14.10 -45.56
CA GLY B 99 7.87 15.40 -44.94
C GLY B 99 9.11 16.27 -45.15
N ALA B 100 10.29 15.67 -44.93
CA ALA B 100 11.55 16.39 -45.05
C ALA B 100 11.74 16.91 -46.50
N LEU B 101 11.27 16.14 -47.48
CA LEU B 101 11.31 16.63 -48.85
C LEU B 101 10.43 17.86 -49.09
N CYS B 102 9.41 18.09 -48.26
CA CYS B 102 8.65 19.33 -48.33
C CYS B 102 9.43 20.51 -47.72
N TYR B 103 10.20 20.26 -46.67
CA TYR B 103 11.06 21.29 -46.08
C TYR B 103 12.30 21.54 -46.94
N ALA B 104 12.78 20.52 -47.66
CA ALA B 104 13.82 20.66 -48.67
C ALA B 104 13.35 21.56 -49.82
N GLU B 105 12.04 21.53 -50.13
CA GLU B 105 11.46 22.54 -50.99
C GLU B 105 11.44 23.88 -50.24
N LEU B 106 10.62 24.01 -49.18
CA LEU B 106 10.32 25.30 -48.55
C LEU B 106 11.59 26.13 -48.34
N GLY B 107 12.63 25.55 -47.74
CA GLY B 107 13.83 26.30 -47.39
C GLY B 107 14.69 26.75 -48.57
N THR B 108 14.43 26.25 -49.79
CA THR B 108 15.01 26.83 -50.99
C THR B 108 14.10 27.93 -51.56
N THR B 109 12.79 27.88 -51.31
CA THR B 109 11.88 28.95 -51.73
C THR B 109 12.00 30.19 -50.84
N ILE B 110 12.22 29.97 -49.53
CA ILE B 110 12.36 31.03 -48.54
C ILE B 110 13.67 30.80 -47.78
N SER B 111 14.70 31.64 -48.02
CA SER B 111 16.03 31.40 -47.50
C SER B 111 16.25 31.88 -46.05
N LYS B 112 15.22 32.40 -45.36
CA LYS B 112 15.35 32.85 -43.97
C LYS B 112 15.64 31.71 -42.97
N SER B 113 16.53 31.99 -41.99
CA SER B 113 16.90 31.05 -40.94
C SER B 113 15.80 30.89 -39.86
N GLY B 114 14.62 31.50 -39.99
CA GLY B 114 13.56 31.20 -39.03
C GLY B 114 12.99 29.79 -39.14
N GLY B 115 13.34 29.04 -40.19
CA GLY B 115 12.85 27.70 -40.43
C GLY B 115 11.34 27.60 -40.32
N ASP B 116 10.90 26.69 -39.48
CA ASP B 116 9.50 26.36 -39.28
C ASP B 116 8.64 27.59 -38.95
N TYR B 117 9.24 28.63 -38.33
CA TYR B 117 8.61 29.87 -37.87
C TYR B 117 8.54 30.85 -39.03
N ALA B 118 9.65 31.04 -39.76
CA ALA B 118 9.69 31.93 -40.90
C ALA B 118 8.67 31.50 -41.95
N TYR B 119 8.56 30.19 -42.22
CA TYR B 119 7.62 29.69 -43.23
C TYR B 119 6.17 29.99 -42.83
N MET B 120 5.87 30.16 -41.54
CA MET B 120 4.55 30.59 -41.12
C MET B 120 4.43 32.09 -41.30
N LEU B 121 5.45 32.85 -40.92
CA LEU B 121 5.43 34.30 -41.02
C LEU B 121 5.21 34.77 -42.48
N GLU B 122 5.85 34.11 -43.44
CA GLU B 122 5.74 34.45 -44.86
C GLU B 122 4.43 34.01 -45.49
N VAL B 123 3.51 33.40 -44.72
CA VAL B 123 2.22 32.95 -45.23
C VAL B 123 1.10 33.55 -44.38
N TYR B 124 1.00 33.11 -43.12
CA TYR B 124 -0.10 33.42 -42.22
C TYR B 124 0.08 34.75 -41.49
N GLY B 125 1.24 35.40 -41.66
CA GLY B 125 1.48 36.73 -41.13
C GLY B 125 1.77 36.72 -39.63
N SER B 126 1.69 37.93 -39.04
CA SER B 126 2.36 38.27 -37.79
C SER B 126 1.90 37.39 -36.63
N LEU B 127 0.59 37.38 -36.33
CA LEU B 127 0.14 36.76 -35.10
C LEU B 127 0.33 35.22 -35.12
N PRO B 128 -0.12 34.43 -36.13
CA PRO B 128 0.12 32.99 -36.15
C PRO B 128 1.58 32.55 -35.97
N ALA B 129 2.52 33.31 -36.54
CA ALA B 129 3.93 33.04 -36.33
C ALA B 129 4.32 33.30 -34.86
N PHE B 130 3.81 34.36 -34.23
CA PHE B 130 4.14 34.66 -32.84
C PHE B 130 3.65 33.56 -31.91
N LEU B 131 2.43 33.10 -32.11
CA LEU B 131 1.89 32.08 -31.23
C LEU B 131 2.75 30.81 -31.25
N LYS B 132 3.44 30.53 -32.37
CA LYS B 132 4.43 29.45 -32.43
C LYS B 132 5.63 29.81 -31.57
N LEU B 133 6.22 30.97 -31.86
CA LEU B 133 7.49 31.36 -31.25
C LEU B 133 7.36 31.44 -29.72
N TRP B 134 6.20 31.90 -29.21
CA TRP B 134 5.94 31.94 -27.79
C TRP B 134 6.03 30.54 -27.15
N ILE B 135 5.41 29.54 -27.75
CA ILE B 135 5.41 28.18 -27.20
C ILE B 135 6.80 27.56 -27.29
N GLU B 136 7.51 27.78 -28.40
CA GLU B 136 8.88 27.34 -28.57
C GLU B 136 9.80 27.98 -27.52
N LEU B 137 9.62 29.28 -27.24
CA LEU B 137 10.45 30.06 -26.33
C LEU B 137 10.20 29.69 -24.88
N LEU B 138 8.92 29.61 -24.53
CA LEU B 138 8.52 29.40 -23.16
C LEU B 138 8.69 27.93 -22.74
N ILE B 139 8.35 26.99 -23.63
CA ILE B 139 8.20 25.60 -23.21
C ILE B 139 9.03 24.64 -24.05
N ILE B 140 8.75 24.53 -25.35
CA ILE B 140 9.20 23.38 -26.11
C ILE B 140 10.73 23.31 -26.18
N ARG B 141 11.40 24.38 -26.62
CA ARG B 141 12.83 24.31 -26.74
C ARG B 141 13.55 24.22 -25.37
N PRO B 142 13.27 25.02 -24.35
CA PRO B 142 13.96 24.83 -23.09
C PRO B 142 13.62 23.52 -22.39
N SER B 143 12.38 23.03 -22.43
CA SER B 143 12.12 21.71 -21.88
C SER B 143 12.86 20.61 -22.67
N SER B 144 12.74 20.59 -23.98
CA SER B 144 13.50 19.65 -24.79
C SER B 144 14.99 19.69 -24.42
N GLN B 145 15.62 20.87 -24.42
CA GLN B 145 17.06 20.98 -24.15
C GLN B 145 17.36 20.39 -22.78
N TYR B 146 16.53 20.67 -21.78
CA TYR B 146 16.79 20.20 -20.44
C TYR B 146 16.66 18.69 -20.34
N ILE B 147 15.54 18.15 -20.88
CA ILE B 147 15.25 16.75 -20.84
C ILE B 147 16.41 15.99 -21.46
N VAL B 148 16.88 16.40 -22.63
CA VAL B 148 17.88 15.58 -23.27
C VAL B 148 19.21 15.79 -22.53
N ALA B 149 19.42 16.91 -21.86
CA ALA B 149 20.63 17.06 -21.06
C ALA B 149 20.59 16.15 -19.87
N LEU B 150 19.41 15.99 -19.26
CA LEU B 150 19.25 15.10 -18.10
C LEU B 150 19.42 13.64 -18.53
N VAL B 151 19.06 13.30 -19.78
CA VAL B 151 19.35 11.99 -20.31
C VAL B 151 20.84 11.83 -20.54
N PHE B 152 21.50 12.85 -21.04
CA PHE B 152 22.96 12.84 -21.05
C PHE B 152 23.54 12.55 -19.66
N ALA B 153 23.08 13.30 -18.65
CA ALA B 153 23.62 13.19 -17.32
C ALA B 153 23.40 11.77 -16.80
N THR B 154 22.19 11.25 -16.88
CA THR B 154 21.91 9.98 -16.23
C THR B 154 22.69 8.87 -16.93
N TYR B 155 22.63 8.78 -18.24
CA TYR B 155 23.27 7.64 -18.89
C TYR B 155 24.80 7.74 -18.83
N LEU B 156 25.39 8.93 -18.84
CA LEU B 156 26.84 9.02 -18.73
C LEU B 156 27.33 8.57 -17.36
N LEU B 157 26.51 8.80 -16.32
CA LEU B 157 26.84 8.38 -14.97
C LEU B 157 26.52 6.91 -14.73
N LYS B 158 25.56 6.34 -15.47
CA LYS B 158 24.92 5.05 -15.20
C LYS B 158 25.92 3.95 -14.86
N PRO B 159 27.05 3.73 -15.54
CA PRO B 159 27.93 2.62 -15.14
C PRO B 159 28.66 2.79 -13.80
N LEU B 160 28.58 3.96 -13.13
CA LEU B 160 28.95 4.04 -11.70
C LEU B 160 27.85 3.51 -10.75
N PHE B 161 26.61 3.43 -11.26
CA PHE B 161 25.42 3.08 -10.51
C PHE B 161 24.58 2.08 -11.31
N PRO B 162 25.07 0.83 -11.56
CA PRO B 162 24.44 -0.04 -12.55
C PRO B 162 23.03 -0.52 -12.22
N THR B 163 22.72 -0.71 -10.92
CA THR B 163 21.55 -1.47 -10.51
C THR B 163 20.47 -0.57 -9.93
N CYS B 164 20.70 0.75 -9.91
CA CYS B 164 19.95 1.66 -9.04
C CYS B 164 19.87 3.06 -9.63
N PRO B 165 19.13 4.02 -9.03
CA PRO B 165 19.13 5.39 -9.51
C PRO B 165 20.51 6.04 -9.36
N VAL B 166 20.84 6.88 -10.35
CA VAL B 166 21.95 7.80 -10.26
C VAL B 166 21.47 8.95 -9.39
N PRO B 167 22.26 9.39 -8.37
CA PRO B 167 21.83 10.42 -7.39
C PRO B 167 21.27 11.70 -7.99
N GLU B 168 20.04 12.09 -7.64
CA GLU B 168 19.32 13.11 -8.42
C GLU B 168 20.00 14.49 -8.31
N GLU B 169 20.50 14.84 -7.13
CA GLU B 169 21.23 16.09 -7.00
C GLU B 169 22.53 16.08 -7.83
N ALA B 170 23.08 14.93 -8.26
CA ALA B 170 24.23 14.85 -9.18
C ALA B 170 23.75 14.93 -10.62
N ALA B 171 22.69 14.22 -10.95
CA ALA B 171 22.16 14.25 -12.29
C ALA B 171 21.80 15.67 -12.70
N LYS B 172 21.15 16.49 -11.86
CA LYS B 172 20.79 17.84 -12.28
C LYS B 172 22.02 18.72 -12.42
N LEU B 173 23.11 18.49 -11.71
CA LEU B 173 24.32 19.28 -11.92
C LEU B 173 24.94 18.89 -13.23
N VAL B 174 25.07 17.60 -13.46
CA VAL B 174 25.72 17.16 -14.69
C VAL B 174 24.86 17.50 -15.93
N ALA B 175 23.57 17.73 -15.80
CA ALA B 175 22.78 18.35 -16.85
C ALA B 175 23.14 19.81 -17.02
N CYS B 176 23.21 20.56 -15.92
CA CYS B 176 23.51 21.98 -16.01
C CYS B 176 24.92 22.27 -16.50
N LEU B 177 25.93 21.54 -16.05
CA LEU B 177 27.28 21.65 -16.59
C LEU B 177 27.32 21.46 -18.11
N CYS B 178 26.55 20.52 -18.65
CA CYS B 178 26.42 20.33 -20.09
C CYS B 178 25.82 21.56 -20.83
N VAL B 179 24.65 22.02 -20.42
CA VAL B 179 23.99 23.18 -21.04
C VAL B 179 24.89 24.42 -20.94
N LEU B 180 25.49 24.66 -19.76
CA LEU B 180 26.38 25.79 -19.60
C LEU B 180 27.58 25.65 -20.54
N LEU B 181 28.18 24.48 -20.65
CA LEU B 181 29.36 24.34 -21.48
C LEU B 181 29.01 24.57 -22.95
N LEU B 182 27.88 24.04 -23.41
CA LEU B 182 27.63 24.17 -24.83
C LEU B 182 27.17 25.59 -25.20
N THR B 183 26.57 26.35 -24.28
CA THR B 183 26.32 27.75 -24.58
C THR B 183 27.58 28.58 -24.44
N ALA B 184 28.61 28.10 -23.77
CA ALA B 184 29.91 28.73 -23.84
C ALA B 184 30.54 28.45 -25.21
N VAL B 185 30.68 27.18 -25.56
CA VAL B 185 31.22 26.82 -26.86
C VAL B 185 30.50 27.53 -28.03
N ASN B 186 29.18 27.62 -28.02
CA ASN B 186 28.47 28.23 -29.13
C ASN B 186 28.56 29.74 -29.05
N CYS B 187 29.03 30.34 -27.93
CA CYS B 187 29.46 31.75 -27.97
C CYS B 187 30.84 31.94 -28.62
N TYR B 188 31.77 31.00 -28.42
CA TYR B 188 33.16 31.17 -28.83
C TYR B 188 33.32 31.09 -30.34
N SER B 189 32.65 30.16 -31.03
CA SER B 189 32.82 30.09 -32.48
C SER B 189 31.90 29.10 -33.16
N VAL B 190 31.25 29.50 -34.26
CA VAL B 190 30.39 28.55 -34.97
C VAL B 190 31.22 27.39 -35.54
N LYS B 191 32.51 27.62 -35.80
CA LYS B 191 33.38 26.53 -36.25
C LYS B 191 33.61 25.53 -35.11
N ALA B 192 33.75 26.00 -33.87
CA ALA B 192 33.81 25.11 -32.71
C ALA B 192 32.48 24.38 -32.53
N ALA B 193 31.36 25.09 -32.57
CA ALA B 193 30.03 24.52 -32.43
C ALA B 193 29.80 23.37 -33.42
N THR B 194 30.14 23.56 -34.69
CA THR B 194 29.90 22.56 -35.72
C THR B 194 30.96 21.45 -35.69
N ARG B 195 32.19 21.73 -35.27
CA ARG B 195 33.14 20.65 -35.01
C ARG B 195 32.71 19.75 -33.83
N VAL B 196 32.11 20.32 -32.77
CA VAL B 196 31.50 19.54 -31.68
C VAL B 196 30.41 18.62 -32.21
N GLN B 197 29.51 19.15 -33.01
CA GLN B 197 28.45 18.29 -33.53
C GLN B 197 28.94 17.29 -34.61
N ASP B 198 29.98 17.57 -35.38
CA ASP B 198 30.58 16.53 -36.19
C ASP B 198 31.02 15.36 -35.28
N ALA B 199 31.75 15.68 -34.20
CA ALA B 199 32.30 14.69 -33.27
C ALA B 199 31.21 13.81 -32.67
N PHE B 200 30.13 14.43 -32.19
CA PHE B 200 29.10 13.66 -31.51
C PHE B 200 28.11 13.03 -32.50
N ALA B 201 27.82 13.63 -33.65
CA ALA B 201 27.10 12.91 -34.71
C ALA B 201 27.84 11.63 -35.11
N ALA B 202 29.18 11.67 -35.15
CA ALA B 202 29.98 10.49 -35.42
C ALA B 202 29.84 9.49 -34.29
N ALA B 203 29.95 9.91 -33.02
CA ALA B 203 29.81 9.01 -31.88
C ALA B 203 28.48 8.25 -31.92
N LYS B 204 27.41 8.93 -32.29
CA LYS B 204 26.08 8.32 -32.42
C LYS B 204 26.05 7.23 -33.49
N LEU B 205 26.50 7.51 -34.71
CA LEU B 205 26.41 6.53 -35.77
C LEU B 205 27.39 5.39 -35.49
N LEU B 206 28.55 5.66 -34.88
CA LEU B 206 29.51 4.63 -34.47
C LEU B 206 28.85 3.67 -33.47
N ALA B 207 28.14 4.22 -32.49
CA ALA B 207 27.42 3.42 -31.52
C ALA B 207 26.37 2.56 -32.20
N LEU B 208 25.60 3.08 -33.16
CA LEU B 208 24.60 2.26 -33.86
C LEU B 208 25.25 1.23 -34.77
N ALA B 209 26.39 1.54 -35.38
CA ALA B 209 27.11 0.56 -36.17
C ALA B 209 27.58 -0.60 -35.27
N LEU B 210 28.06 -0.29 -34.07
CA LEU B 210 28.53 -1.31 -33.13
C LEU B 210 27.36 -2.19 -32.74
N ILE B 211 26.20 -1.60 -32.46
CA ILE B 211 24.98 -2.33 -32.14
C ILE B 211 24.60 -3.24 -33.30
N ILE B 212 24.62 -2.73 -34.55
CA ILE B 212 24.19 -3.51 -35.70
C ILE B 212 25.15 -4.68 -35.92
N LEU B 213 26.45 -4.40 -35.80
CA LEU B 213 27.50 -5.40 -36.03
C LEU B 213 27.33 -6.58 -35.06
N LEU B 214 27.18 -6.32 -33.74
CA LEU B 214 26.98 -7.38 -32.77
C LEU B 214 25.71 -8.16 -33.08
N GLY B 215 24.65 -7.51 -33.60
CA GLY B 215 23.46 -8.20 -34.08
C GLY B 215 23.76 -9.25 -35.16
N PHE B 216 24.50 -8.84 -36.20
CA PHE B 216 24.88 -9.78 -37.25
C PHE B 216 25.81 -10.88 -36.74
N VAL B 217 26.75 -10.54 -35.83
CA VAL B 217 27.60 -11.54 -35.19
C VAL B 217 26.75 -12.59 -34.45
N GLN B 218 25.68 -12.18 -33.76
CA GLN B 218 24.82 -13.13 -33.06
C GLN B 218 24.07 -14.02 -34.05
N ILE B 219 23.69 -13.51 -35.23
CA ILE B 219 23.12 -14.38 -36.27
C ILE B 219 24.19 -15.38 -36.75
N GLY B 220 25.44 -14.92 -36.98
CA GLY B 220 26.57 -15.78 -37.36
C GLY B 220 26.88 -16.91 -36.36
N LYS B 221 26.64 -16.67 -35.06
CA LYS B 221 26.76 -17.67 -34.01
C LYS B 221 25.52 -18.58 -33.88
N GLY B 222 24.48 -18.39 -34.71
CA GLY B 222 23.40 -19.36 -34.87
C GLY B 222 22.38 -19.28 -33.75
N PHE B 233 7.45 -13.05 -38.19
CA PHE B 233 6.22 -12.50 -37.52
C PHE B 233 5.73 -13.44 -36.43
N GLU B 234 5.16 -12.83 -35.37
CA GLU B 234 4.61 -13.50 -34.19
C GLU B 234 3.21 -12.91 -33.91
N GLY B 235 2.63 -13.23 -32.74
CA GLY B 235 1.34 -12.70 -32.29
C GLY B 235 1.20 -11.19 -32.41
N THR B 236 0.35 -10.75 -33.37
CA THR B 236 0.30 -9.39 -33.87
C THR B 236 -0.97 -8.67 -33.38
N LYS B 237 -0.83 -7.45 -32.85
CA LYS B 237 -1.96 -6.64 -32.41
C LYS B 237 -2.58 -5.94 -33.64
N LEU B 238 -3.28 -6.72 -34.48
CA LEU B 238 -3.62 -6.35 -35.86
C LEU B 238 -4.79 -5.34 -35.96
N ASP B 239 -5.37 -4.91 -34.82
CA ASP B 239 -6.29 -3.78 -34.74
C ASP B 239 -5.68 -2.48 -35.27
N VAL B 240 -6.39 -1.77 -36.18
CA VAL B 240 -5.96 -0.48 -36.69
C VAL B 240 -5.75 0.54 -35.54
N GLY B 241 -6.62 0.50 -34.51
CA GLY B 241 -6.46 1.33 -33.30
C GLY B 241 -5.20 1.05 -32.48
N ASN B 242 -4.60 -0.15 -32.61
CA ASN B 242 -3.29 -0.48 -32.05
C ASN B 242 -2.18 0.02 -33.00
N ILE B 243 -2.27 -0.37 -34.28
CA ILE B 243 -1.30 0.01 -35.30
C ILE B 243 -1.08 1.53 -35.33
N VAL B 244 -2.15 2.34 -35.29
CA VAL B 244 -1.99 3.79 -35.35
C VAL B 244 -1.19 4.33 -34.14
N LEU B 245 -1.38 3.75 -32.95
CA LEU B 245 -0.62 4.17 -31.77
C LEU B 245 0.81 3.64 -31.84
N ALA B 246 1.05 2.51 -32.53
CA ALA B 246 2.41 2.03 -32.77
C ALA B 246 3.13 3.03 -33.66
N LEU B 247 2.49 3.41 -34.77
CA LEU B 247 3.09 4.35 -35.70
C LEU B 247 3.32 5.70 -35.00
N TYR B 248 2.31 6.22 -34.27
CA TYR B 248 2.42 7.53 -33.62
C TYR B 248 3.50 7.51 -32.51
N SER B 249 3.72 6.37 -31.84
CA SER B 249 4.77 6.24 -30.82
C SER B 249 6.15 6.03 -31.44
N GLY B 250 6.22 5.67 -32.73
CA GLY B 250 7.48 5.49 -33.43
C GLY B 250 7.96 6.81 -34.04
N LEU B 251 7.04 7.63 -34.57
CA LEU B 251 7.38 8.91 -35.20
C LEU B 251 8.21 9.84 -34.32
N PHE B 252 8.02 9.81 -33.00
CA PHE B 252 8.88 10.51 -32.06
C PHE B 252 10.37 10.25 -32.32
N ALA B 253 10.77 9.02 -32.67
CA ALA B 253 12.18 8.71 -32.84
C ALA B 253 12.78 9.34 -34.11
N TYR B 254 11.94 9.75 -35.06
CA TYR B 254 12.38 10.52 -36.21
C TYR B 254 12.28 12.05 -36.05
N GLY B 255 11.52 12.49 -35.04
CA GLY B 255 11.32 13.90 -34.77
C GLY B 255 12.62 14.65 -34.60
N GLY B 256 12.76 15.74 -35.38
CA GLY B 256 14.02 16.42 -35.51
C GLY B 256 14.40 16.77 -36.94
N TRP B 257 13.85 16.05 -37.94
CA TRP B 257 14.24 16.22 -39.34
C TRP B 257 14.06 17.66 -39.85
N ASN B 258 13.24 18.48 -39.18
CA ASN B 258 13.05 19.85 -39.65
C ASN B 258 14.14 20.82 -39.16
N TYR B 259 15.05 20.40 -38.29
CA TYR B 259 15.91 21.34 -37.58
C TYR B 259 16.92 22.07 -38.47
N LEU B 260 17.29 21.46 -39.62
CA LEU B 260 18.21 22.12 -40.53
C LEU B 260 17.69 23.47 -41.03
N ASN B 261 16.39 23.55 -41.25
CA ASN B 261 15.74 24.75 -41.76
C ASN B 261 15.99 25.99 -40.91
N PHE B 262 16.09 25.86 -39.58
CA PHE B 262 16.39 27.01 -38.75
C PHE B 262 17.84 27.51 -38.89
N VAL B 263 18.69 26.86 -39.72
CA VAL B 263 20.02 27.39 -39.98
C VAL B 263 20.31 27.54 -41.47
N THR B 264 19.25 27.66 -42.29
CA THR B 264 19.35 27.82 -43.73
C THR B 264 20.29 28.95 -44.11
N GLU B 265 20.20 30.04 -43.33
CA GLU B 265 20.87 31.30 -43.64
C GLU B 265 22.38 31.24 -43.40
N GLU B 266 22.87 30.23 -42.66
CA GLU B 266 24.30 30.01 -42.42
C GLU B 266 24.91 28.86 -43.24
N MET B 267 24.19 28.32 -44.22
CA MET B 267 24.72 27.32 -45.13
C MET B 267 25.65 27.97 -46.17
N ILE B 268 26.76 27.30 -46.53
CA ILE B 268 27.70 27.84 -47.52
C ILE B 268 27.02 28.02 -48.88
N ASN B 269 26.05 27.15 -49.21
CA ASN B 269 25.39 27.16 -50.51
C ASN B 269 23.99 26.57 -50.34
N PRO B 270 23.01 27.32 -49.79
CA PRO B 270 21.75 26.74 -49.34
C PRO B 270 20.97 26.06 -50.45
N TYR B 271 20.88 26.67 -51.64
CA TYR B 271 20.02 26.16 -52.70
C TYR B 271 20.44 24.75 -53.16
N ARG B 272 21.75 24.42 -53.13
CA ARG B 272 22.20 23.04 -53.30
C ARG B 272 22.14 22.24 -51.98
N ASN B 273 22.79 22.75 -50.91
CA ASN B 273 23.13 21.91 -49.76
C ASN B 273 21.92 21.67 -48.84
N LEU B 274 20.94 22.57 -48.75
CA LEU B 274 19.80 22.34 -47.86
C LEU B 274 18.94 21.14 -48.27
N PRO B 275 18.47 20.94 -49.53
CA PRO B 275 17.85 19.68 -49.90
C PRO B 275 18.82 18.49 -49.90
N LEU B 276 20.09 18.67 -50.28
CA LEU B 276 21.01 17.54 -50.25
C LEU B 276 21.25 17.03 -48.82
N ALA B 277 21.39 17.91 -47.82
CA ALA B 277 21.64 17.48 -46.44
C ALA B 277 20.48 16.71 -45.85
N ILE B 278 19.25 16.98 -46.35
CA ILE B 278 18.10 16.15 -46.00
C ILE B 278 18.24 14.76 -46.62
N ILE B 279 18.46 14.68 -47.94
CA ILE B 279 18.45 13.39 -48.62
C ILE B 279 19.69 12.56 -48.27
N ILE B 280 20.81 13.21 -47.89
CA ILE B 280 21.98 12.50 -47.40
C ILE B 280 21.74 11.97 -45.98
N SER B 281 20.73 12.46 -45.23
CA SER B 281 20.53 12.03 -43.85
C SER B 281 19.29 11.14 -43.66
N LEU B 282 18.07 11.54 -44.03
CA LEU B 282 16.92 10.77 -43.54
C LEU B 282 16.88 9.33 -44.03
N PRO B 283 17.19 9.04 -45.30
CA PRO B 283 17.40 7.66 -45.73
C PRO B 283 18.47 6.93 -44.93
N ILE B 284 19.56 7.61 -44.52
CA ILE B 284 20.59 7.00 -43.69
C ILE B 284 20.06 6.64 -42.30
N VAL B 285 19.33 7.57 -41.70
CA VAL B 285 18.67 7.33 -40.44
C VAL B 285 17.70 6.15 -40.55
N THR B 286 16.87 6.12 -41.60
CA THR B 286 15.84 5.09 -41.74
C THR B 286 16.47 3.71 -41.84
N LEU B 287 17.51 3.58 -42.67
CA LEU B 287 18.26 2.35 -42.74
C LEU B 287 18.78 1.96 -41.34
N VAL B 288 19.49 2.89 -40.69
CA VAL B 288 20.13 2.58 -39.42
C VAL B 288 19.12 2.16 -38.34
N TYR B 289 17.92 2.75 -38.38
CA TYR B 289 16.87 2.40 -37.45
C TYR B 289 16.37 0.99 -37.69
N VAL B 290 16.02 0.62 -38.92
CA VAL B 290 15.48 -0.72 -39.13
C VAL B 290 16.56 -1.78 -38.85
N LEU B 291 17.82 -1.52 -39.20
CA LEU B 291 18.90 -2.42 -38.82
C LEU B 291 19.13 -2.47 -37.31
N THR B 292 19.01 -1.34 -36.58
CA THR B 292 19.24 -1.38 -35.14
C THR B 292 18.13 -2.17 -34.45
N ASN B 293 16.86 -1.97 -34.88
CA ASN B 293 15.76 -2.76 -34.36
C ASN B 293 16.00 -4.25 -34.64
N LEU B 294 16.42 -4.58 -35.86
CA LEU B 294 16.74 -5.95 -36.23
C LEU B 294 17.76 -6.51 -35.26
N ALA B 295 18.83 -5.74 -34.98
CA ALA B 295 19.87 -6.19 -34.07
C ALA B 295 19.33 -6.52 -32.68
N TYR B 296 18.48 -5.67 -32.08
CA TYR B 296 17.86 -5.98 -30.78
C TYR B 296 17.08 -7.29 -30.82
N PHE B 297 16.27 -7.51 -31.86
CA PHE B 297 15.53 -8.75 -31.94
C PHE B 297 16.37 -10.03 -32.09
N THR B 298 17.66 -9.95 -32.42
CA THR B 298 18.53 -11.12 -32.41
C THR B 298 18.87 -11.56 -30.98
N THR B 299 18.67 -10.68 -29.97
CA THR B 299 19.24 -10.89 -28.64
C THR B 299 18.22 -10.75 -27.50
N LEU B 300 17.29 -9.81 -27.60
CA LEU B 300 16.26 -9.63 -26.59
C LEU B 300 14.95 -10.23 -27.09
N SER B 301 14.40 -11.17 -26.29
CA SER B 301 13.08 -11.74 -26.50
C SER B 301 11.99 -10.68 -26.33
N THR B 302 10.81 -10.87 -26.95
CA THR B 302 9.75 -9.86 -26.91
C THR B 302 9.37 -9.46 -25.48
N GLU B 303 9.24 -10.45 -24.59
CA GLU B 303 8.93 -10.23 -23.18
C GLU B 303 9.97 -9.33 -22.50
N GLN B 304 11.26 -9.53 -22.82
CA GLN B 304 12.35 -8.73 -22.26
C GLN B 304 12.33 -7.27 -22.75
N MET B 305 12.10 -7.01 -24.04
CA MET B 305 11.98 -5.64 -24.54
C MET B 305 10.70 -4.93 -24.08
N LEU B 306 9.61 -5.66 -23.82
CA LEU B 306 8.39 -5.08 -23.29
C LEU B 306 8.57 -4.61 -21.84
N SER B 307 9.69 -4.97 -21.17
CA SER B 307 9.84 -4.84 -19.73
C SER B 307 11.24 -4.40 -19.29
N SER B 308 12.03 -3.83 -20.22
CA SER B 308 13.35 -3.25 -19.94
C SER B 308 13.30 -1.76 -20.23
N GLU B 309 13.75 -0.94 -19.27
CA GLU B 309 13.55 0.50 -19.31
C GLU B 309 14.74 1.22 -19.92
N ALA B 310 15.66 0.49 -20.58
CA ALA B 310 16.82 1.08 -21.23
C ALA B 310 17.39 0.12 -22.27
N VAL B 311 16.63 -0.13 -23.36
CA VAL B 311 16.78 -1.29 -24.24
C VAL B 311 18.21 -1.56 -24.69
N ALA B 312 18.95 -0.52 -25.06
CA ALA B 312 20.30 -0.67 -25.55
C ALA B 312 21.23 -1.19 -24.48
N VAL B 313 20.97 -0.88 -23.21
CA VAL B 313 21.84 -1.30 -22.12
C VAL B 313 21.71 -2.81 -21.91
N ASP B 314 20.51 -3.40 -22.06
CA ASP B 314 20.34 -4.85 -21.96
C ASP B 314 21.10 -5.57 -23.07
N PHE B 315 20.98 -5.07 -24.30
CA PHE B 315 21.79 -5.57 -25.40
C PHE B 315 23.29 -5.42 -25.12
N GLY B 316 23.72 -4.33 -24.48
CA GLY B 316 25.10 -4.16 -24.05
C GLY B 316 25.53 -5.22 -23.04
N ASN B 317 24.70 -5.48 -22.02
CA ASN B 317 24.98 -6.49 -21.01
C ASN B 317 25.16 -7.89 -21.61
N TYR B 318 24.33 -8.27 -22.59
CA TYR B 318 24.38 -9.59 -23.18
C TYR B 318 25.68 -9.85 -23.95
N HIS B 319 26.15 -8.86 -24.72
CA HIS B 319 27.24 -9.07 -25.68
C HIS B 319 28.63 -8.72 -25.11
N LEU B 320 28.77 -7.66 -24.32
CA LEU B 320 30.09 -7.09 -24.04
C LEU B 320 30.60 -7.46 -22.64
N GLY B 321 29.74 -8.03 -21.77
CA GLY B 321 30.15 -8.51 -20.46
C GLY B 321 30.82 -7.43 -19.61
N VAL B 322 32.14 -7.58 -19.34
CA VAL B 322 32.91 -6.65 -18.53
C VAL B 322 32.91 -5.27 -19.19
N MET B 323 32.85 -5.22 -20.54
CA MET B 323 32.87 -3.96 -21.28
C MET B 323 31.47 -3.36 -21.55
N SER B 324 30.41 -3.86 -20.89
CA SER B 324 29.04 -3.43 -21.13
C SER B 324 28.89 -1.92 -20.97
N TRP B 325 29.66 -1.32 -20.07
CA TRP B 325 29.59 0.11 -19.76
C TRP B 325 29.77 1.03 -20.97
N ILE B 326 30.40 0.53 -22.02
CA ILE B 326 30.56 1.26 -23.27
C ILE B 326 29.23 1.76 -23.84
N ILE B 327 28.15 0.95 -23.81
CA ILE B 327 26.90 1.35 -24.45
C ILE B 327 26.19 2.45 -23.65
N PRO B 328 25.99 2.38 -22.32
CA PRO B 328 25.56 3.54 -21.55
C PRO B 328 26.33 4.83 -21.87
N VAL B 329 27.68 4.76 -21.94
CA VAL B 329 28.44 5.97 -22.17
C VAL B 329 28.14 6.48 -23.58
N PHE B 330 28.03 5.61 -24.56
CA PHE B 330 27.67 6.09 -25.90
C PHE B 330 26.25 6.70 -25.96
N VAL B 331 25.23 6.18 -25.26
CA VAL B 331 23.93 6.85 -25.15
C VAL B 331 24.10 8.25 -24.54
N GLY B 332 25.00 8.38 -23.57
CA GLY B 332 25.24 9.68 -22.98
C GLY B 332 25.81 10.64 -24.00
N LEU B 333 26.99 10.32 -24.56
CA LEU B 333 27.68 11.17 -25.51
C LEU B 333 26.79 11.47 -26.71
N SER B 334 25.98 10.49 -27.08
CA SER B 334 24.92 10.66 -28.07
C SER B 334 23.95 11.80 -27.73
N CYS B 335 23.57 11.95 -26.46
CA CYS B 335 22.63 12.99 -26.08
C CYS B 335 23.33 14.35 -25.98
N PHE B 336 24.63 14.38 -25.62
CA PHE B 336 25.38 15.61 -25.60
C PHE B 336 25.29 16.35 -26.93
N GLY B 337 25.54 15.60 -28.02
CA GLY B 337 25.35 15.99 -29.43
C GLY B 337 23.99 16.62 -29.74
N SER B 338 22.95 16.05 -29.15
CA SER B 338 21.61 16.57 -29.33
C SER B 338 21.37 17.87 -28.54
N VAL B 339 21.99 18.03 -27.37
CA VAL B 339 21.87 19.28 -26.65
C VAL B 339 22.55 20.32 -27.51
N ASN B 340 23.73 20.02 -28.05
CA ASN B 340 24.47 21.03 -28.82
C ASN B 340 23.71 21.44 -30.08
N GLY B 341 23.26 20.47 -30.83
CA GLY B 341 22.44 20.77 -31.98
C GLY B 341 21.17 21.57 -31.67
N SER B 342 20.54 21.30 -30.54
CA SER B 342 19.36 22.04 -30.17
C SER B 342 19.73 23.45 -29.74
N LEU B 343 20.76 23.65 -28.92
CA LEU B 343 21.13 24.98 -28.43
C LEU B 343 21.52 25.87 -29.59
N PHE B 344 22.25 25.29 -30.53
CA PHE B 344 22.70 26.00 -31.70
C PHE B 344 21.47 26.48 -32.44
N THR B 345 20.70 25.53 -32.93
CA THR B 345 19.54 25.79 -33.73
C THR B 345 18.58 26.74 -33.00
N SER B 346 18.31 26.50 -31.73
CA SER B 346 17.37 27.26 -30.93
C SER B 346 17.78 28.73 -30.84
N SER B 347 19.07 29.02 -30.66
CA SER B 347 19.55 30.40 -30.64
C SER B 347 19.24 31.19 -31.91
N ARG B 348 19.15 30.51 -33.04
CA ARG B 348 18.86 31.16 -34.29
C ARG B 348 17.37 31.45 -34.38
N LEU B 349 16.49 30.62 -33.82
CA LEU B 349 15.06 30.83 -33.87
C LEU B 349 14.75 32.12 -33.14
N PHE B 350 15.28 32.33 -31.93
CA PHE B 350 14.96 33.54 -31.17
C PHE B 350 15.61 34.77 -31.81
N PHE B 351 16.81 34.61 -32.37
CA PHE B 351 17.45 35.64 -33.18
C PHE B 351 16.55 36.15 -34.28
N VAL B 352 16.08 35.22 -35.12
CA VAL B 352 15.17 35.58 -36.18
C VAL B 352 13.87 36.20 -35.64
N GLY B 353 13.27 35.59 -34.61
CA GLY B 353 12.07 36.19 -34.01
C GLY B 353 12.24 37.66 -33.58
N SER B 354 13.43 38.04 -33.09
CA SER B 354 13.69 39.44 -32.71
C SER B 354 13.96 40.32 -33.93
N ARG B 355 14.58 39.77 -34.98
CA ARG B 355 14.86 40.52 -36.21
C ARG B 355 13.56 40.92 -36.88
N GLU B 356 12.56 40.01 -36.87
CA GLU B 356 11.24 40.26 -37.44
C GLU B 356 10.31 41.02 -36.48
N GLY B 357 10.84 41.49 -35.33
CA GLY B 357 10.14 42.48 -34.50
C GLY B 357 9.17 41.86 -33.50
N HIS B 358 9.02 40.52 -33.54
CA HIS B 358 8.15 39.78 -32.63
C HIS B 358 8.69 39.75 -31.19
N LEU B 359 9.99 40.02 -31.01
CA LEU B 359 10.66 39.71 -29.77
C LEU B 359 11.68 40.81 -29.44
N PRO B 360 11.93 41.14 -28.13
CA PRO B 360 12.83 42.23 -27.72
C PRO B 360 14.22 42.27 -28.38
N SER B 361 14.60 43.49 -28.81
CA SER B 361 15.61 43.74 -29.82
C SER B 361 17.00 43.27 -29.40
N ILE B 362 17.24 43.06 -28.10
CA ILE B 362 18.57 42.63 -27.64
C ILE B 362 18.96 41.30 -28.30
N LEU B 363 17.99 40.40 -28.50
CA LEU B 363 18.26 39.08 -29.05
C LEU B 363 18.74 39.09 -30.51
N SER B 364 18.65 40.23 -31.23
CA SER B 364 19.18 40.35 -32.58
C SER B 364 20.68 40.69 -32.59
N MET B 365 21.25 41.11 -31.45
CA MET B 365 22.60 41.67 -31.43
C MET B 365 23.64 40.55 -31.58
N ILE B 366 24.77 40.85 -32.18
CA ILE B 366 25.86 39.93 -32.44
C ILE B 366 27.14 40.46 -31.76
N HIS B 367 28.10 39.60 -31.42
CA HIS B 367 29.39 40.05 -30.88
C HIS B 367 30.37 40.28 -32.03
N PRO B 368 30.75 41.54 -32.36
CA PRO B 368 31.51 41.82 -33.58
C PRO B 368 32.80 41.07 -33.90
N GLN B 369 33.58 40.66 -32.88
CA GLN B 369 34.84 39.97 -33.17
C GLN B 369 34.68 38.44 -33.28
N LEU B 370 33.53 37.86 -32.85
CA LEU B 370 33.30 36.40 -32.90
C LEU B 370 32.12 36.00 -33.80
N LEU B 371 31.18 36.92 -34.06
CA LEU B 371 30.07 36.77 -35.01
C LEU B 371 29.15 35.63 -34.56
N THR B 372 28.88 35.55 -33.23
CA THR B 372 27.90 34.65 -32.62
C THR B 372 26.86 35.45 -31.86
N PRO B 373 25.57 35.08 -31.87
CA PRO B 373 24.50 35.92 -31.36
C PRO B 373 24.34 35.81 -29.84
N VAL B 374 25.41 36.25 -29.14
CA VAL B 374 25.60 36.03 -27.70
C VAL B 374 24.38 36.32 -26.82
N PRO B 375 23.62 37.41 -26.90
CA PRO B 375 22.39 37.52 -26.09
C PRO B 375 21.32 36.46 -26.34
N SER B 376 21.12 36.00 -27.59
CA SER B 376 20.19 34.90 -27.83
C SER B 376 20.63 33.57 -27.21
N LEU B 377 21.92 33.24 -27.34
CA LEU B 377 22.47 32.09 -26.64
C LEU B 377 22.31 32.13 -25.12
N VAL B 378 22.71 33.25 -24.54
CA VAL B 378 22.62 33.43 -23.11
C VAL B 378 21.16 33.29 -22.68
N PHE B 379 20.23 33.83 -23.45
CA PHE B 379 18.81 33.69 -23.12
C PHE B 379 18.37 32.23 -23.15
N THR B 380 18.79 31.52 -24.19
CA THR B 380 18.46 30.11 -24.37
C THR B 380 19.00 29.20 -23.26
N CYS B 381 20.24 29.41 -22.85
CA CYS B 381 20.76 28.72 -21.69
C CYS B 381 19.90 29.00 -20.44
N VAL B 382 19.72 30.26 -20.06
CA VAL B 382 18.96 30.60 -18.87
C VAL B 382 17.57 29.97 -18.93
N MET B 383 16.86 30.13 -20.06
CA MET B 383 15.55 29.53 -20.15
C MET B 383 15.58 27.99 -20.03
N THR B 384 16.69 27.33 -20.37
CA THR B 384 16.81 25.90 -20.16
C THR B 384 16.98 25.59 -18.68
N LEU B 385 17.83 26.35 -18.00
CA LEU B 385 18.14 25.99 -16.63
C LEU B 385 16.93 26.28 -15.75
N LEU B 386 16.04 27.21 -16.13
CA LEU B 386 14.84 27.43 -15.34
C LEU B 386 13.91 26.21 -15.31
N TYR B 387 14.13 25.19 -16.16
CA TYR B 387 13.40 23.92 -16.08
C TYR B 387 14.04 22.96 -15.08
N ALA B 388 15.30 23.19 -14.68
CA ALA B 388 15.95 22.37 -13.64
C ALA B 388 15.23 22.41 -12.27
N PHE B 389 14.39 23.42 -11.99
CA PHE B 389 13.64 23.50 -10.74
C PHE B 389 12.49 22.50 -10.64
N SER B 390 11.96 22.03 -11.78
CA SER B 390 10.67 21.34 -11.79
C SER B 390 10.82 19.87 -11.35
N LYS B 391 9.97 19.44 -10.40
CA LYS B 391 10.00 18.09 -9.85
C LYS B 391 9.56 17.06 -10.89
N ASP B 392 8.67 17.44 -11.82
CA ASP B 392 8.32 16.64 -12.99
C ASP B 392 8.47 17.51 -14.24
N ILE B 393 8.76 16.87 -15.39
CA ILE B 393 9.17 17.60 -16.59
C ILE B 393 8.54 17.04 -17.88
N PHE B 394 8.53 15.71 -18.10
CA PHE B 394 8.02 15.13 -19.35
C PHE B 394 6.57 15.56 -19.60
N SER B 395 5.75 15.64 -18.53
CA SER B 395 4.37 16.10 -18.61
C SER B 395 4.22 17.42 -19.36
N VAL B 396 5.11 18.39 -19.10
CA VAL B 396 5.00 19.73 -19.68
C VAL B 396 5.19 19.69 -21.20
N ILE B 397 5.98 18.72 -21.69
CA ILE B 397 6.17 18.49 -23.11
C ILE B 397 5.00 17.68 -23.69
N ASN B 398 4.52 16.68 -22.94
CA ASN B 398 3.42 15.82 -23.38
C ASN B 398 2.15 16.65 -23.66
N PHE B 399 1.95 17.76 -22.91
CA PHE B 399 0.90 18.73 -23.18
C PHE B 399 0.88 19.21 -24.64
N PHE B 400 2.00 19.13 -25.37
CA PHE B 400 2.11 19.64 -26.73
C PHE B 400 2.45 18.54 -27.74
N SER B 401 1.92 17.33 -27.53
CA SER B 401 2.12 16.23 -28.47
C SER B 401 1.79 16.65 -29.90
N PHE B 402 0.62 17.30 -30.03
CA PHE B 402 0.01 17.74 -31.27
C PHE B 402 0.78 18.88 -31.94
N PHE B 403 1.54 19.67 -31.17
CA PHE B 403 2.03 20.97 -31.61
C PHE B 403 3.08 20.86 -32.73
N ASN B 404 4.04 19.95 -32.58
CA ASN B 404 5.06 19.73 -33.60
C ASN B 404 4.45 19.42 -34.95
N TRP B 405 3.58 18.40 -35.00
CA TRP B 405 2.92 17.97 -36.22
C TRP B 405 1.97 19.05 -36.73
N LEU B 406 1.31 19.80 -35.84
CA LEU B 406 0.41 20.87 -36.25
C LEU B 406 1.22 21.91 -37.01
N CYS B 407 2.35 22.34 -36.46
CA CYS B 407 3.14 23.39 -37.12
C CYS B 407 3.65 22.88 -38.44
N VAL B 408 4.03 21.59 -38.52
CA VAL B 408 4.53 21.03 -39.76
C VAL B 408 3.41 21.02 -40.80
N ALA B 409 2.21 20.55 -40.41
CA ALA B 409 1.07 20.55 -41.30
C ALA B 409 0.77 21.98 -41.80
N LEU B 410 0.80 22.98 -40.91
CA LEU B 410 0.56 24.37 -41.28
C LEU B 410 1.66 24.90 -42.21
N ALA B 411 2.92 24.51 -42.02
CA ALA B 411 3.96 24.88 -42.97
C ALA B 411 3.69 24.32 -44.37
N ILE B 412 3.33 23.03 -44.48
CA ILE B 412 3.18 22.43 -45.81
C ILE B 412 1.86 22.85 -46.45
N ILE B 413 0.76 23.02 -45.68
CA ILE B 413 -0.42 23.74 -46.16
C ILE B 413 -0.01 25.11 -46.71
N GLY B 414 0.84 25.81 -45.97
CA GLY B 414 1.43 27.04 -46.45
C GLY B 414 2.09 26.88 -47.81
N MET B 415 2.83 25.77 -48.04
CA MET B 415 3.51 25.55 -49.31
C MET B 415 2.53 25.34 -50.48
N ILE B 416 1.37 24.71 -50.22
CA ILE B 416 0.31 24.63 -51.21
C ILE B 416 -0.15 26.06 -51.58
N TRP B 417 -0.54 26.85 -50.56
CA TRP B 417 -1.11 28.18 -50.72
C TRP B 417 -0.11 29.14 -51.39
N LEU B 418 1.18 28.99 -51.03
CA LEU B 418 2.28 29.75 -51.62
C LEU B 418 2.48 29.42 -53.12
N ARG B 419 2.25 28.18 -53.55
CA ARG B 419 2.28 27.85 -54.98
C ARG B 419 1.10 28.50 -55.75
N HIS B 420 -0.13 28.53 -55.19
CA HIS B 420 -1.26 29.24 -55.81
C HIS B 420 -1.02 30.76 -55.87
N ARG B 421 -0.55 31.35 -54.76
CA ARG B 421 -0.48 32.80 -54.62
C ARG B 421 0.67 33.40 -55.43
N LYS B 422 1.87 32.78 -55.45
CA LYS B 422 3.02 33.37 -56.14
C LYS B 422 3.89 32.33 -56.88
N PRO B 423 3.36 31.76 -58.00
CA PRO B 423 4.14 30.85 -58.88
C PRO B 423 5.46 31.39 -59.42
N GLU B 424 5.61 32.73 -59.47
CA GLU B 424 6.80 33.38 -60.01
C GLU B 424 7.99 33.37 -59.04
N LEU B 425 7.77 33.06 -57.75
CA LEU B 425 8.86 33.00 -56.77
C LEU B 425 9.78 31.79 -57.06
N GLU B 426 11.10 32.02 -57.00
CA GLU B 426 12.11 31.06 -57.45
C GLU B 426 12.10 29.76 -56.61
N ARG B 427 12.20 28.62 -57.33
CA ARG B 427 12.05 27.29 -56.77
C ARG B 427 13.08 26.34 -57.39
N PRO B 428 14.31 26.23 -56.85
CA PRO B 428 15.28 25.22 -57.31
C PRO B 428 14.83 23.77 -57.10
N ILE B 429 13.97 23.55 -56.09
CA ILE B 429 13.27 22.30 -55.84
C ILE B 429 11.78 22.49 -56.15
N LYS B 430 11.17 21.51 -56.86
CA LYS B 430 9.76 21.53 -57.23
C LYS B 430 9.23 20.10 -57.17
N VAL B 431 8.81 19.67 -55.97
CA VAL B 431 8.31 18.33 -55.69
C VAL B 431 6.90 18.15 -56.28
N ASN B 432 6.61 16.92 -56.77
CA ASN B 432 5.29 16.55 -57.29
C ASN B 432 4.22 16.74 -56.19
N LEU B 433 3.16 17.51 -56.50
CA LEU B 433 2.20 18.02 -55.51
C LEU B 433 1.50 16.90 -54.71
N ALA B 434 1.51 15.66 -55.25
CA ALA B 434 1.07 14.46 -54.53
C ALA B 434 1.69 14.35 -53.13
N LEU B 435 3.01 14.59 -53.00
CA LEU B 435 3.72 14.34 -51.75
C LEU B 435 3.25 15.33 -50.67
N PRO B 436 3.35 16.67 -50.81
CA PRO B 436 2.70 17.60 -49.87
C PRO B 436 1.26 17.25 -49.48
N VAL B 437 0.38 16.94 -50.42
CA VAL B 437 -1.02 16.69 -50.06
C VAL B 437 -1.14 15.39 -49.25
N PHE B 438 -0.42 14.33 -49.65
CA PHE B 438 -0.33 13.08 -48.89
C PHE B 438 0.14 13.33 -47.45
N PHE B 439 1.22 14.09 -47.33
CA PHE B 439 1.82 14.38 -46.04
C PHE B 439 0.91 15.25 -45.16
N ILE B 440 0.25 16.27 -45.72
CA ILE B 440 -0.73 17.08 -45.00
C ILE B 440 -1.86 16.18 -44.50
N LEU B 441 -2.44 15.40 -45.41
CA LEU B 441 -3.59 14.57 -45.09
C LEU B 441 -3.25 13.64 -43.92
N ALA B 442 -2.06 13.02 -43.98
CA ALA B 442 -1.54 12.17 -42.92
C ALA B 442 -1.39 12.93 -41.59
N CYS B 443 -0.81 14.15 -41.60
CA CYS B 443 -0.63 14.91 -40.37
C CYS B 443 -1.96 15.32 -39.73
N LEU B 444 -2.94 15.72 -40.54
CA LEU B 444 -4.24 16.10 -39.98
C LEU B 444 -4.90 14.92 -39.24
N PHE B 445 -4.57 13.68 -39.64
CA PHE B 445 -4.98 12.45 -38.96
C PHE B 445 -4.16 12.24 -37.68
N LEU B 446 -2.83 12.42 -37.73
CA LEU B 446 -1.97 12.25 -36.54
C LEU B 446 -2.26 13.29 -35.47
N ILE B 447 -2.59 14.54 -35.85
CA ILE B 447 -2.99 15.56 -34.89
C ILE B 447 -4.23 15.11 -34.11
N ALA B 448 -5.21 14.52 -34.81
CA ALA B 448 -6.39 13.95 -34.17
C ALA B 448 -6.03 12.77 -33.26
N VAL B 449 -5.15 11.85 -33.73
CA VAL B 449 -4.64 10.75 -32.90
C VAL B 449 -3.96 11.27 -31.61
N SER B 450 -3.20 12.37 -31.73
CA SER B 450 -2.49 12.96 -30.61
C SER B 450 -3.46 13.42 -29.52
N PHE B 451 -4.58 14.05 -29.91
CA PHE B 451 -5.68 14.33 -28.99
C PHE B 451 -6.31 13.04 -28.46
N TRP B 452 -6.72 12.11 -29.35
CA TRP B 452 -7.41 10.88 -28.98
C TRP B 452 -6.64 10.00 -27.98
N LYS B 453 -5.30 10.04 -28.00
CA LYS B 453 -4.45 9.39 -27.00
C LYS B 453 -4.69 9.92 -25.58
N THR B 454 -4.89 11.24 -25.43
CA THR B 454 -5.13 11.88 -24.13
C THR B 454 -5.85 13.22 -24.34
N PRO B 455 -7.19 13.23 -24.56
CA PRO B 455 -7.93 14.46 -24.81
C PRO B 455 -7.87 15.58 -23.76
N VAL B 456 -7.43 15.27 -22.53
CA VAL B 456 -7.20 16.27 -21.49
C VAL B 456 -5.94 17.08 -21.79
N GLU B 457 -4.80 16.39 -22.00
CA GLU B 457 -3.50 17.03 -21.99
C GLU B 457 -3.28 17.95 -23.21
N CYS B 458 -3.74 17.54 -24.40
CA CYS B 458 -3.71 18.40 -25.59
C CYS B 458 -4.60 19.64 -25.39
N GLY B 459 -5.66 19.55 -24.57
CA GLY B 459 -6.44 20.71 -24.15
C GLY B 459 -5.66 21.65 -23.23
N ILE B 460 -4.86 21.12 -22.29
CA ILE B 460 -4.01 21.94 -21.42
C ILE B 460 -3.02 22.71 -22.31
N GLY B 461 -2.33 22.00 -23.22
CA GLY B 461 -1.44 22.62 -24.22
C GLY B 461 -2.13 23.74 -24.99
N PHE B 462 -3.29 23.46 -25.57
CA PHE B 462 -4.08 24.46 -26.31
C PHE B 462 -4.44 25.66 -25.41
N THR B 463 -4.69 25.44 -24.11
CA THR B 463 -4.93 26.52 -23.14
C THR B 463 -3.68 27.41 -23.00
N ILE B 464 -2.48 26.80 -22.95
CA ILE B 464 -1.24 27.55 -22.82
C ILE B 464 -0.90 28.31 -24.12
N ILE B 465 -1.24 27.79 -25.30
CA ILE B 465 -1.08 28.53 -26.56
C ILE B 465 -1.74 29.90 -26.45
N LEU B 466 -2.94 29.97 -25.86
CA LEU B 466 -3.66 31.23 -25.73
C LEU B 466 -2.94 32.22 -24.79
N SER B 467 -2.01 31.79 -23.92
CA SER B 467 -1.11 32.69 -23.19
C SER B 467 -0.29 33.59 -24.13
N GLY B 468 -0.11 33.19 -25.40
CA GLY B 468 0.51 34.03 -26.39
C GLY B 468 -0.26 35.30 -26.75
N LEU B 469 -1.60 35.28 -26.61
CA LEU B 469 -2.41 36.42 -27.02
C LEU B 469 -2.17 37.61 -26.10
N PRO B 470 -2.25 37.52 -24.73
CA PRO B 470 -1.79 38.61 -23.85
C PRO B 470 -0.44 39.21 -24.25
N VAL B 471 0.55 38.35 -24.52
CA VAL B 471 1.90 38.82 -24.76
C VAL B 471 1.97 39.50 -26.13
N TYR B 472 1.30 38.97 -27.16
CA TYR B 472 1.29 39.60 -28.48
C TYR B 472 0.69 41.01 -28.43
N PHE B 473 -0.47 41.15 -27.78
CA PHE B 473 -1.12 42.45 -27.71
C PHE B 473 -0.28 43.45 -26.90
N PHE B 474 0.29 43.03 -25.75
CA PHE B 474 1.16 43.88 -24.95
C PHE B 474 2.48 44.22 -25.65
N GLY B 475 3.05 43.25 -26.39
CA GLY B 475 4.39 43.36 -26.95
C GLY B 475 4.44 43.87 -28.38
N VAL B 476 3.32 43.78 -29.14
CA VAL B 476 3.32 44.14 -30.57
C VAL B 476 2.23 45.17 -30.89
N TRP B 477 0.98 44.92 -30.47
CA TRP B 477 -0.14 45.77 -30.83
C TRP B 477 -0.19 47.08 -30.02
N TRP B 478 0.33 47.08 -28.78
CA TRP B 478 0.29 48.24 -27.89
C TRP B 478 1.38 49.30 -28.18
N LYS B 479 2.39 48.97 -29.01
CA LYS B 479 3.53 49.82 -29.37
C LYS B 479 4.32 50.35 -28.15
N ASN B 480 4.21 49.68 -26.97
CA ASN B 480 4.99 49.94 -25.77
C ASN B 480 4.90 51.41 -25.29
N LYS B 481 3.72 52.03 -25.45
CA LYS B 481 3.55 53.50 -25.40
C LYS B 481 3.97 54.18 -24.07
N PRO B 482 3.68 53.65 -22.85
CA PRO B 482 4.08 54.30 -21.59
C PRO B 482 5.57 54.55 -21.45
N LYS B 483 5.96 55.83 -21.25
CA LYS B 483 7.35 56.23 -21.25
C LYS B 483 8.17 55.55 -20.13
N TRP B 484 7.54 55.23 -18.99
CA TRP B 484 8.19 54.49 -17.91
C TRP B 484 8.51 53.03 -18.26
N LEU B 485 7.82 52.45 -19.26
CA LEU B 485 8.25 51.19 -19.87
C LEU B 485 9.32 51.46 -20.94
N LEU B 486 9.02 52.35 -21.90
CA LEU B 486 9.85 52.55 -23.10
C LEU B 486 11.29 52.97 -22.77
N GLN B 487 11.47 53.89 -21.81
CA GLN B 487 12.79 54.35 -21.39
C GLN B 487 13.55 53.25 -20.63
N GLY B 488 12.83 52.42 -19.84
CA GLY B 488 13.40 51.30 -19.12
C GLY B 488 13.88 50.17 -20.04
N ILE B 489 13.06 49.87 -21.08
CA ILE B 489 13.40 48.94 -22.16
C ILE B 489 14.74 49.38 -22.79
N PHE B 490 14.83 50.66 -23.16
CA PHE B 490 16.01 51.20 -23.79
C PHE B 490 17.21 51.09 -22.84
N SER B 491 17.04 51.57 -21.59
CA SER B 491 18.11 51.54 -20.58
C SER B 491 18.67 50.13 -20.36
N THR B 492 17.78 49.13 -20.30
CA THR B 492 18.17 47.73 -20.15
C THR B 492 18.89 47.22 -21.40
N THR B 493 18.41 47.62 -22.59
CA THR B 493 19.01 47.21 -23.86
C THR B 493 20.45 47.72 -23.95
N VAL B 494 20.65 49.02 -23.72
CA VAL B 494 21.98 49.64 -23.87
C VAL B 494 22.93 49.12 -22.78
N LEU B 495 22.41 48.80 -21.59
CA LEU B 495 23.20 48.11 -20.57
C LEU B 495 23.70 46.76 -21.12
N CYS B 496 22.82 45.91 -21.64
CA CYS B 496 23.25 44.60 -22.13
C CYS B 496 24.26 44.74 -23.27
N GLN B 497 24.03 45.67 -24.21
CA GLN B 497 24.98 45.90 -25.29
C GLN B 497 26.37 46.20 -24.73
N LYS B 498 26.46 47.09 -23.71
CA LYS B 498 27.68 47.51 -23.03
C LYS B 498 28.33 46.31 -22.33
N LEU B 499 27.47 45.53 -21.65
CA LEU B 499 27.87 44.50 -20.70
C LEU B 499 28.50 43.30 -21.40
N MET B 500 28.09 42.98 -22.65
CA MET B 500 28.74 41.89 -23.39
C MET B 500 29.21 42.27 -24.80
N GLN B 501 29.24 43.59 -25.12
CA GLN B 501 29.85 44.18 -26.31
C GLN B 501 29.20 43.61 -27.58
N VAL B 502 27.90 43.91 -27.76
CA VAL B 502 27.13 43.41 -28.90
C VAL B 502 26.35 44.52 -29.59
N VAL B 503 26.12 44.32 -30.90
CA VAL B 503 25.66 45.36 -31.82
C VAL B 503 24.64 44.80 -32.80
N PRO B 504 23.73 45.62 -33.37
CA PRO B 504 22.78 45.11 -34.35
C PRO B 504 23.47 44.64 -35.64
N GLN B 505 22.89 43.63 -36.29
CA GLN B 505 23.37 43.14 -37.58
C GLN B 505 23.07 44.16 -38.68
N GLU B 506 23.86 44.10 -39.76
CA GLU B 506 23.77 45.04 -40.86
C GLU B 506 23.17 44.36 -42.09
N THR B 507 22.09 44.95 -42.66
CA THR B 507 21.51 44.45 -43.90
C THR B 507 22.50 44.68 -45.06
N ASP C 1 -15.79 2.58 12.25
CA ASP C 1 -16.16 1.36 13.02
C ASP C 1 -17.61 0.99 12.73
N ILE C 2 -17.97 -0.28 13.00
CA ILE C 2 -19.39 -0.66 13.10
C ILE C 2 -20.09 0.09 14.25
N VAL C 3 -21.40 0.30 14.11
CA VAL C 3 -22.24 0.90 15.14
C VAL C 3 -23.43 -0.01 15.38
N LEU C 4 -23.77 -0.21 16.68
CA LEU C 4 -24.91 -1.07 17.05
C LEU C 4 -25.94 -0.23 17.77
N THR C 5 -27.07 0.02 17.08
CA THR C 5 -28.25 0.59 17.70
C THR C 5 -28.90 -0.51 18.53
N GLN C 6 -29.38 -0.14 19.72
CA GLN C 6 -30.16 -1.11 20.50
C GLN C 6 -31.47 -0.49 20.99
N SER C 7 -32.54 -1.30 21.03
CA SER C 7 -33.85 -0.83 21.47
C SER C 7 -34.73 -1.97 22.00
N PRO C 8 -35.75 -1.69 22.84
CA PRO C 8 -35.98 -0.37 23.45
C PRO C 8 -34.93 -0.13 24.53
N SER C 9 -34.76 1.15 24.90
CA SER C 9 -33.78 1.51 25.93
C SER C 9 -34.24 1.03 27.31
N SER C 10 -35.57 0.92 27.50
CA SER C 10 -36.18 0.37 28.71
C SER C 10 -37.17 -0.70 28.31
N LEU C 11 -37.25 -1.77 29.10
CA LEU C 11 -38.23 -2.80 28.84
C LEU C 11 -38.83 -3.30 30.15
N ALA C 12 -39.82 -2.55 30.67
CA ALA C 12 -40.46 -2.94 31.92
C ALA C 12 -41.40 -4.11 31.65
N MET C 13 -41.22 -5.27 32.34
CA MET C 13 -42.09 -6.43 32.15
C MET C 13 -42.27 -7.22 33.45
N SER C 14 -43.38 -8.00 33.50
CA SER C 14 -43.87 -8.67 34.70
C SER C 14 -43.27 -10.06 34.85
N VAL C 15 -43.18 -10.55 36.10
CA VAL C 15 -42.50 -11.81 36.38
C VAL C 15 -43.26 -12.96 35.72
N GLY C 16 -42.51 -13.90 35.12
CA GLY C 16 -43.06 -15.02 34.37
C GLY C 16 -43.23 -14.77 32.85
N GLN C 17 -43.26 -13.50 32.39
CA GLN C 17 -43.53 -13.19 30.99
C GLN C 17 -42.29 -13.30 30.11
N LYS C 18 -42.52 -13.46 28.78
CA LYS C 18 -41.49 -13.46 27.75
C LYS C 18 -41.12 -12.03 27.34
N VAL C 19 -39.80 -11.78 27.09
CA VAL C 19 -39.29 -10.46 26.74
C VAL C 19 -38.22 -10.55 25.65
N THR C 20 -38.08 -9.44 24.90
CA THR C 20 -37.27 -9.37 23.69
C THR C 20 -36.48 -8.05 23.66
N MET C 21 -35.16 -8.19 23.45
CA MET C 21 -34.23 -7.10 23.15
C MET C 21 -33.99 -7.12 21.63
N ASN C 22 -33.92 -5.96 20.98
CA ASN C 22 -33.48 -5.86 19.58
C ASN C 22 -32.14 -5.15 19.49
N CYS C 23 -31.26 -5.71 18.64
CA CYS C 23 -29.96 -5.15 18.34
C CYS C 23 -29.84 -5.05 16.83
N LYS C 24 -29.28 -3.92 16.35
CA LYS C 24 -29.34 -3.57 14.94
C LYS C 24 -27.99 -2.99 14.50
N SER C 25 -27.27 -3.73 13.63
CA SER C 25 -25.88 -3.43 13.29
C SER C 25 -25.72 -2.69 11.96
N SER C 26 -24.84 -1.66 11.94
CA SER C 26 -24.56 -0.87 10.75
C SER C 26 -23.78 -1.61 9.64
N GLN C 27 -23.44 -2.89 9.84
CA GLN C 27 -23.03 -3.79 8.76
C GLN C 27 -23.51 -5.19 9.09
N SER C 28 -23.43 -6.06 8.10
CA SER C 28 -23.73 -7.47 8.31
C SER C 28 -22.62 -8.08 9.18
N LEU C 29 -23.02 -8.97 10.07
CA LEU C 29 -22.11 -9.75 10.90
C LEU C 29 -22.34 -11.23 10.60
N LEU C 30 -22.76 -11.59 9.38
CA LEU C 30 -22.65 -12.94 8.87
C LEU C 30 -21.29 -13.08 8.17
N ASN C 31 -20.50 -14.07 8.60
CA ASN C 31 -19.25 -14.43 7.94
C ASN C 31 -19.59 -15.46 6.86
N ASN C 32 -19.59 -15.03 5.59
CA ASN C 32 -19.96 -15.83 4.42
C ASN C 32 -19.21 -17.17 4.35
N ASN C 33 -17.91 -17.12 4.68
CA ASN C 33 -17.00 -18.26 4.58
C ASN C 33 -17.38 -19.39 5.55
N ASN C 34 -18.19 -19.09 6.58
CA ASN C 34 -18.36 -20.00 7.71
C ASN C 34 -19.81 -20.15 8.18
N GLN C 35 -20.75 -19.30 7.71
CA GLN C 35 -22.18 -19.47 7.94
C GLN C 35 -22.49 -19.45 9.44
N LYS C 36 -21.91 -18.46 10.14
CA LYS C 36 -22.38 -18.07 11.47
C LYS C 36 -22.19 -16.57 11.66
N ASN C 37 -22.95 -16.08 12.66
CA ASN C 37 -23.19 -14.67 12.85
C ASN C 37 -22.49 -14.26 14.13
N TYR C 38 -21.66 -13.24 14.03
CA TYR C 38 -20.84 -12.82 15.16
C TYR C 38 -21.56 -11.77 15.99
N LEU C 39 -22.17 -12.18 17.10
CA LEU C 39 -22.74 -11.28 18.09
C LEU C 39 -22.80 -11.93 19.47
N ALA C 40 -22.75 -11.09 20.50
CA ALA C 40 -22.84 -11.56 21.86
C ALA C 40 -23.65 -10.61 22.69
N TRP C 41 -24.25 -11.16 23.75
CA TRP C 41 -25.08 -10.49 24.73
C TRP C 41 -24.46 -10.56 26.12
N TYR C 42 -24.34 -9.42 26.80
CA TYR C 42 -23.85 -9.43 28.16
C TYR C 42 -24.90 -8.81 29.05
N GLN C 43 -25.11 -9.41 30.22
CA GLN C 43 -25.99 -8.93 31.27
C GLN C 43 -25.11 -8.20 32.28
N GLN C 44 -25.50 -7.02 32.71
CA GLN C 44 -24.76 -6.35 33.78
C GLN C 44 -25.76 -5.93 34.87
N LYS C 45 -25.68 -6.70 35.97
CA LYS C 45 -26.55 -6.45 37.09
C LYS C 45 -26.04 -5.17 37.75
N PRO C 46 -26.92 -4.45 38.49
CA PRO C 46 -26.49 -3.21 39.14
C PRO C 46 -25.43 -3.58 40.19
N GLY C 47 -24.29 -2.85 40.12
CA GLY C 47 -23.18 -2.98 41.05
C GLY C 47 -22.21 -4.13 40.75
N GLN C 48 -22.24 -4.72 39.54
CA GLN C 48 -21.37 -5.84 39.17
C GLN C 48 -20.76 -5.67 37.77
N SER C 49 -19.86 -6.60 37.40
CA SER C 49 -19.19 -6.66 36.10
C SER C 49 -20.12 -7.19 35.04
N PRO C 50 -19.85 -7.02 33.72
CA PRO C 50 -20.61 -7.75 32.69
C PRO C 50 -20.43 -9.28 32.78
N LYS C 51 -21.53 -10.05 32.60
CA LYS C 51 -21.50 -11.50 32.45
C LYS C 51 -21.86 -11.82 31.00
N LEU C 52 -21.10 -12.71 30.34
CA LEU C 52 -21.34 -13.08 28.97
C LEU C 52 -22.47 -14.09 28.97
N LEU C 53 -23.49 -13.89 28.11
CA LEU C 53 -24.65 -14.80 28.04
C LEU C 53 -24.51 -15.72 26.85
N VAL C 54 -24.51 -15.11 25.69
CA VAL C 54 -24.41 -15.87 24.46
C VAL C 54 -23.41 -15.20 23.54
N TYR C 55 -22.76 -16.02 22.73
CA TYR C 55 -21.92 -15.54 21.67
C TYR C 55 -22.15 -16.30 20.39
N PHE C 56 -21.54 -15.86 19.30
CA PHE C 56 -21.92 -16.27 17.96
C PHE C 56 -23.45 -16.35 17.77
N THR C 57 -24.13 -15.31 18.21
CA THR C 57 -25.59 -15.11 18.19
C THR C 57 -26.40 -16.08 19.05
N SER C 58 -25.98 -17.33 19.28
CA SER C 58 -26.89 -18.25 19.91
C SER C 58 -26.26 -19.14 20.98
N THR C 59 -24.93 -19.33 20.94
CA THR C 59 -24.23 -20.30 21.75
C THR C 59 -24.23 -19.76 23.16
N ARG C 60 -24.96 -20.45 24.04
CA ARG C 60 -24.99 -20.13 25.44
C ARG C 60 -23.62 -20.44 26.05
N GLU C 61 -23.15 -19.51 26.91
CA GLU C 61 -21.99 -19.78 27.73
C GLU C 61 -22.34 -20.82 28.81
N SER C 62 -21.35 -21.58 29.31
CA SER C 62 -21.61 -22.46 30.44
C SER C 62 -21.97 -21.66 31.71
N GLY C 63 -22.91 -22.20 32.50
CA GLY C 63 -23.41 -21.52 33.69
C GLY C 63 -24.46 -20.44 33.41
N VAL C 64 -25.10 -20.53 32.24
CA VAL C 64 -26.14 -19.62 31.83
C VAL C 64 -27.45 -20.38 31.81
N PRO C 65 -28.50 -19.90 32.54
CA PRO C 65 -29.83 -20.51 32.48
C PRO C 65 -30.42 -20.57 31.08
N ASP C 66 -31.14 -21.65 30.76
CA ASP C 66 -31.55 -21.89 29.38
C ASP C 66 -32.78 -21.07 28.97
N ARG C 67 -33.25 -20.16 29.85
CA ARG C 67 -34.26 -19.17 29.46
C ARG C 67 -33.72 -18.07 28.55
N PHE C 68 -32.40 -17.89 28.41
CA PHE C 68 -31.84 -16.94 27.44
C PHE C 68 -31.65 -17.63 26.08
N ILE C 69 -32.47 -17.21 25.10
CA ILE C 69 -32.36 -17.71 23.75
C ILE C 69 -32.03 -16.51 22.85
N GLY C 70 -30.90 -16.65 22.14
CA GLY C 70 -30.51 -15.65 21.15
C GLY C 70 -30.71 -16.12 19.71
N SER C 71 -31.10 -15.19 18.83
CA SER C 71 -31.54 -15.53 17.49
C SER C 71 -31.47 -14.33 16.55
N GLY C 72 -31.56 -14.60 15.25
CA GLY C 72 -31.46 -13.59 14.21
C GLY C 72 -30.33 -13.91 13.24
N SER C 73 -30.22 -13.09 12.17
CA SER C 73 -29.08 -13.14 11.26
C SER C 73 -28.92 -11.82 10.52
N GLY C 74 -27.75 -11.61 9.91
CA GLY C 74 -27.49 -10.44 9.08
C GLY C 74 -27.27 -9.21 9.94
N THR C 75 -28.36 -8.49 10.23
CA THR C 75 -28.33 -7.27 11.03
C THR C 75 -29.47 -7.18 12.06
N ASP C 76 -30.55 -7.95 11.92
CA ASP C 76 -31.61 -7.98 12.92
C ASP C 76 -31.33 -9.10 13.89
N PHE C 77 -30.97 -8.77 15.14
CA PHE C 77 -30.66 -9.75 16.17
C PHE C 77 -31.49 -9.52 17.42
N THR C 78 -31.86 -10.64 18.08
CA THR C 78 -32.68 -10.60 19.28
C THR C 78 -32.22 -11.59 20.35
N LEU C 79 -32.03 -11.05 21.57
CA LEU C 79 -31.97 -11.85 22.77
C LEU C 79 -33.38 -11.88 23.34
N THR C 80 -33.85 -13.09 23.69
CA THR C 80 -35.16 -13.27 24.30
C THR C 80 -35.02 -14.02 25.61
N ILE C 81 -35.87 -13.67 26.59
CA ILE C 81 -35.91 -14.38 27.86
C ILE C 81 -37.30 -15.00 27.89
N SER C 82 -37.38 -16.33 27.95
CA SER C 82 -38.64 -17.05 27.77
C SER C 82 -39.62 -16.81 28.92
N SER C 83 -39.08 -16.59 30.14
CA SER C 83 -39.91 -16.41 31.32
C SER C 83 -39.10 -15.72 32.42
N VAL C 84 -39.18 -14.37 32.40
CA VAL C 84 -38.44 -13.44 33.26
C VAL C 84 -38.59 -13.78 34.74
N GLN C 85 -37.45 -13.84 35.43
CA GLN C 85 -37.41 -13.99 36.87
C GLN C 85 -37.02 -12.66 37.52
N ALA C 86 -37.30 -12.54 38.82
CA ALA C 86 -36.97 -11.34 39.58
C ALA C 86 -35.45 -11.09 39.56
N GLU C 87 -34.64 -12.17 39.41
CA GLU C 87 -33.18 -12.03 39.40
C GLU C 87 -32.65 -11.44 38.10
N ASP C 88 -33.49 -11.21 37.08
CA ASP C 88 -33.03 -10.85 35.73
C ASP C 88 -32.96 -9.34 35.49
N LEU C 89 -33.36 -8.47 36.42
CA LEU C 89 -33.29 -7.04 36.15
C LEU C 89 -31.83 -6.58 36.07
N ALA C 90 -31.49 -5.85 34.98
CA ALA C 90 -30.11 -5.61 34.52
C ALA C 90 -30.11 -4.64 33.34
N LEU C 91 -28.93 -4.15 32.92
CA LEU C 91 -28.75 -3.63 31.57
C LEU C 91 -28.19 -4.78 30.77
N TYR C 92 -28.66 -4.90 29.52
CA TYR C 92 -28.16 -5.92 28.60
C TYR C 92 -27.50 -5.20 27.45
N TYR C 93 -26.25 -5.53 27.12
CA TYR C 93 -25.59 -4.96 25.96
C TYR C 93 -25.37 -6.00 24.86
N CYS C 94 -25.61 -5.60 23.60
CA CYS C 94 -25.13 -6.43 22.50
C CYS C 94 -23.73 -5.95 22.15
N GLN C 95 -22.86 -6.85 21.68
CA GLN C 95 -21.53 -6.54 21.14
C GLN C 95 -21.29 -7.35 19.87
N GLN C 96 -20.73 -6.70 18.83
CA GLN C 96 -20.26 -7.44 17.69
C GLN C 96 -18.89 -8.01 18.02
N HIS C 97 -18.61 -9.21 17.51
CA HIS C 97 -17.23 -9.60 17.41
C HIS C 97 -16.77 -9.93 15.99
N TYR C 98 -17.27 -9.21 15.04
CA TYR C 98 -16.80 -9.41 13.71
C TYR C 98 -15.64 -8.48 13.48
N THR C 99 -15.45 -7.41 14.24
CA THR C 99 -14.13 -6.79 14.14
C THR C 99 -13.51 -6.46 15.47
N ILE C 100 -12.19 -6.46 15.51
CA ILE C 100 -11.47 -5.95 16.66
C ILE C 100 -10.86 -4.66 16.18
N PRO C 101 -11.09 -3.49 16.87
CA PRO C 101 -11.77 -3.39 18.17
C PRO C 101 -13.28 -3.66 18.05
N PRO C 102 -13.90 -4.30 19.05
CA PRO C 102 -15.33 -4.46 19.08
C PRO C 102 -16.04 -3.18 19.46
N THR C 103 -17.37 -3.16 19.37
CA THR C 103 -18.20 -2.05 19.81
C THR C 103 -19.50 -2.55 20.42
N PHE C 104 -20.11 -1.76 21.27
CA PHE C 104 -21.26 -2.24 21.99
C PHE C 104 -22.49 -1.33 21.81
N GLY C 105 -23.68 -1.92 21.95
CA GLY C 105 -24.93 -1.20 22.14
C GLY C 105 -24.97 -0.33 23.39
N GLY C 106 -25.87 0.64 23.37
CA GLY C 106 -26.09 1.50 24.51
C GLY C 106 -26.92 0.81 25.58
N GLY C 107 -27.41 -0.39 25.30
CA GLY C 107 -27.92 -1.25 26.38
C GLY C 107 -29.42 -1.04 26.69
N THR C 108 -30.11 -2.15 26.98
CA THR C 108 -31.53 -2.16 27.32
C THR C 108 -31.65 -2.35 28.81
N LYS C 109 -32.30 -1.41 29.52
CA LYS C 109 -32.59 -1.56 30.95
C LYS C 109 -33.87 -2.38 31.13
N LEU C 110 -33.75 -3.63 31.56
CA LEU C 110 -34.93 -4.41 31.91
C LEU C 110 -35.33 -3.98 33.32
N GLU C 111 -36.63 -3.74 33.51
CA GLU C 111 -37.25 -3.38 34.79
C GLU C 111 -38.40 -4.35 35.06
N ILE C 112 -38.73 -4.58 36.32
CA ILE C 112 -39.76 -5.53 36.68
C ILE C 112 -41.03 -4.77 37.11
N LYS C 113 -42.19 -5.32 36.70
CA LYS C 113 -43.50 -4.86 37.16
C LYS C 113 -44.05 -5.85 38.20
N ARG C 114 -44.55 -5.29 39.31
CA ARG C 114 -45.16 -6.05 40.39
C ARG C 114 -46.42 -5.33 40.89
N ALA C 115 -47.18 -6.03 41.75
CA ALA C 115 -48.29 -5.44 42.49
C ALA C 115 -47.79 -4.27 43.34
N ASP C 116 -48.45 -3.11 43.21
CA ASP C 116 -48.06 -1.89 43.89
C ASP C 116 -48.07 -2.08 45.41
N ALA C 117 -47.17 -1.38 46.13
CA ALA C 117 -47.06 -1.49 47.58
C ALA C 117 -46.57 -0.18 48.21
N ALA C 118 -47.14 0.17 49.36
CA ALA C 118 -46.86 1.43 50.03
C ALA C 118 -45.54 1.35 50.79
N PRO C 119 -44.79 2.48 50.92
CA PRO C 119 -43.50 2.47 51.62
C PRO C 119 -43.66 2.27 53.13
N THR C 120 -42.79 1.43 53.71
CA THR C 120 -42.47 1.55 55.12
C THR C 120 -41.72 2.86 55.32
N VAL C 121 -42.25 3.77 56.15
CA VAL C 121 -41.63 5.07 56.36
C VAL C 121 -41.08 5.12 57.80
N SER C 122 -39.82 5.57 57.92
CA SER C 122 -39.11 5.72 59.18
C SER C 122 -38.27 7.00 59.18
N ILE C 123 -38.18 7.66 60.35
CA ILE C 123 -37.42 8.89 60.47
C ILE C 123 -36.47 8.80 61.66
N PHE C 124 -35.24 9.31 61.47
CA PHE C 124 -34.15 9.16 62.41
C PHE C 124 -33.69 10.53 62.90
N PRO C 125 -33.85 10.86 64.20
CA PRO C 125 -33.25 12.08 64.76
C PRO C 125 -31.74 12.13 64.59
N PRO C 126 -31.11 13.34 64.43
CA PRO C 126 -29.65 13.48 64.32
C PRO C 126 -28.80 12.72 65.34
N SER C 127 -27.69 12.15 64.84
CA SER C 127 -26.75 11.37 65.62
C SER C 127 -26.07 12.25 66.66
N SER C 128 -26.03 11.82 67.93
CA SER C 128 -25.50 12.65 69.03
C SER C 128 -24.04 13.04 68.79
N GLU C 129 -23.28 12.21 68.06
CA GLU C 129 -21.89 12.52 67.68
C GLU C 129 -21.84 13.65 66.65
N GLN C 130 -22.79 13.66 65.68
CA GLN C 130 -22.80 14.67 64.63
C GLN C 130 -22.98 16.07 65.21
N LEU C 131 -23.74 16.20 66.30
CA LEU C 131 -24.01 17.47 66.96
C LEU C 131 -22.73 18.17 67.45
N THR C 132 -21.59 17.45 67.55
CA THR C 132 -20.30 18.06 67.84
C THR C 132 -19.78 18.94 66.68
N SER C 133 -20.24 18.70 65.44
CA SER C 133 -19.66 19.26 64.22
C SER C 133 -20.08 20.71 63.93
N GLY C 134 -21.04 21.28 64.67
CA GLY C 134 -21.67 22.53 64.27
C GLY C 134 -22.77 22.35 63.22
N GLY C 135 -22.96 21.13 62.71
CA GLY C 135 -24.09 20.77 61.84
C GLY C 135 -24.86 19.56 62.35
N ALA C 136 -25.98 19.27 61.67
CA ALA C 136 -26.81 18.11 61.93
C ALA C 136 -27.52 17.69 60.64
N SER C 137 -27.73 16.37 60.46
CA SER C 137 -28.45 15.85 59.30
C SER C 137 -29.60 14.97 59.78
N VAL C 138 -30.83 15.32 59.38
CA VAL C 138 -32.03 14.54 59.65
C VAL C 138 -32.29 13.66 58.44
N VAL C 139 -32.66 12.38 58.67
CA VAL C 139 -32.78 11.38 57.60
C VAL C 139 -34.09 10.61 57.71
N CYS C 140 -34.77 10.48 56.56
CA CYS C 140 -36.03 9.76 56.41
C CYS C 140 -35.84 8.65 55.37
N PHE C 141 -36.12 7.40 55.78
CA PHE C 141 -36.03 6.25 54.90
C PHE C 141 -37.42 5.75 54.52
N LEU C 142 -37.59 5.51 53.21
CA LEU C 142 -38.80 4.97 52.62
C LEU C 142 -38.42 3.62 52.02
N ASN C 143 -38.91 2.52 52.60
CA ASN C 143 -38.43 1.19 52.22
C ASN C 143 -39.52 0.37 51.52
N ASN C 144 -39.12 -0.34 50.46
CA ASN C 144 -39.83 -1.46 49.84
C ASN C 144 -41.19 -1.06 49.30
N PHE C 145 -41.18 -0.26 48.22
CA PHE C 145 -42.41 0.18 47.57
C PHE C 145 -42.34 -0.03 46.06
N TYR C 146 -43.49 0.11 45.39
CA TYR C 146 -43.56 0.04 43.94
C TYR C 146 -44.79 0.81 43.49
N PRO C 147 -44.80 1.57 42.37
CA PRO C 147 -43.65 1.85 41.50
C PRO C 147 -42.76 2.95 42.04
N LYS C 148 -41.73 3.26 41.23
CA LYS C 148 -40.65 4.19 41.57
C LYS C 148 -41.14 5.60 41.91
N ASP C 149 -42.21 6.11 41.29
CA ASP C 149 -42.64 7.49 41.48
C ASP C 149 -43.12 7.73 42.93
N ILE C 150 -42.52 8.75 43.57
CA ILE C 150 -42.79 9.12 44.96
C ILE C 150 -42.40 10.59 45.15
N ASN C 151 -42.96 11.26 46.17
CA ASN C 151 -42.43 12.56 46.60
C ASN C 151 -42.52 12.68 48.12
N VAL C 152 -41.69 13.59 48.66
CA VAL C 152 -41.51 13.79 50.08
C VAL C 152 -41.69 15.27 50.43
N LYS C 153 -42.47 15.53 51.49
CA LYS C 153 -42.55 16.84 52.14
C LYS C 153 -41.81 16.79 53.47
N TRP C 154 -40.90 17.75 53.68
CA TRP C 154 -40.33 17.99 54.99
C TRP C 154 -41.04 19.17 55.64
N LYS C 155 -41.50 18.96 56.89
CA LYS C 155 -42.09 20.02 57.71
C LYS C 155 -41.28 20.19 58.99
N ILE C 156 -41.12 21.45 59.41
CA ILE C 156 -40.27 21.85 60.53
C ILE C 156 -41.06 22.90 61.31
N ASP C 157 -41.50 22.55 62.53
CA ASP C 157 -42.50 23.28 63.30
C ASP C 157 -43.70 23.67 62.43
N GLY C 158 -44.10 22.80 61.48
CA GLY C 158 -45.20 23.08 60.56
C GLY C 158 -44.82 23.82 59.27
N SER C 159 -43.68 24.52 59.24
CA SER C 159 -43.21 25.21 58.04
C SER C 159 -42.68 24.21 57.01
N GLU C 160 -43.03 24.38 55.73
CA GLU C 160 -42.58 23.49 54.66
C GLU C 160 -41.15 23.84 54.23
N ARG C 161 -40.28 22.81 54.14
CA ARG C 161 -38.86 22.97 53.83
C ARG C 161 -38.55 22.45 52.42
N GLN C 162 -37.89 23.31 51.62
CA GLN C 162 -37.54 23.01 50.22
C GLN C 162 -36.09 23.38 49.86
N ASN C 163 -35.37 24.14 50.72
CA ASN C 163 -33.92 24.30 50.64
C ASN C 163 -33.20 23.14 51.34
N GLY C 164 -32.06 22.69 50.76
CA GLY C 164 -31.16 21.74 51.41
C GLY C 164 -31.75 20.36 51.66
N VAL C 165 -32.69 19.93 50.77
CA VAL C 165 -33.28 18.60 50.77
C VAL C 165 -32.71 17.81 49.59
N LEU C 166 -32.31 16.56 49.88
CA LEU C 166 -31.69 15.67 48.92
C LEU C 166 -32.36 14.29 48.98
N ASN C 167 -32.36 13.60 47.84
CA ASN C 167 -32.99 12.30 47.70
C ASN C 167 -32.08 11.34 46.95
N SER C 168 -32.19 10.04 47.29
CA SER C 168 -31.54 9.00 46.49
C SER C 168 -32.39 7.73 46.51
N TRP C 169 -32.71 7.22 45.32
CA TRP C 169 -33.40 5.95 45.14
C TRP C 169 -32.40 4.82 45.02
N THR C 170 -32.71 3.65 45.59
CA THR C 170 -31.98 2.46 45.17
C THR C 170 -32.43 2.04 43.76
N ASP C 171 -31.55 1.31 43.06
CA ASP C 171 -31.95 0.41 42.00
C ASP C 171 -32.90 -0.64 42.60
N GLN C 172 -33.70 -1.25 41.75
CA GLN C 172 -34.80 -2.11 42.17
C GLN C 172 -34.26 -3.43 42.72
N ASP C 173 -34.77 -3.89 43.88
CA ASP C 173 -34.17 -5.00 44.63
C ASP C 173 -34.46 -6.34 43.95
N SER C 174 -33.43 -7.09 43.54
CA SER C 174 -33.60 -8.36 42.82
C SER C 174 -34.34 -9.48 43.58
N LYS C 175 -34.51 -9.42 44.90
CA LYS C 175 -35.24 -10.45 45.64
C LYS C 175 -36.77 -10.24 45.59
N ASP C 176 -37.21 -8.97 45.52
CA ASP C 176 -38.60 -8.59 45.75
C ASP C 176 -39.12 -7.54 44.77
N SER C 177 -38.25 -7.02 43.89
CA SER C 177 -38.58 -6.08 42.83
C SER C 177 -39.16 -4.75 43.34
N THR C 178 -38.87 -4.39 44.61
CA THR C 178 -39.28 -3.11 45.17
C THR C 178 -38.15 -2.07 45.06
N TYR C 179 -38.55 -0.79 44.94
CA TYR C 179 -37.63 0.32 45.18
C TYR C 179 -37.57 0.63 46.68
N SER C 180 -36.54 1.40 47.07
CA SER C 180 -36.46 2.09 48.35
C SER C 180 -35.82 3.46 48.11
N MET C 181 -36.06 4.43 49.01
CA MET C 181 -35.52 5.77 48.83
C MET C 181 -35.13 6.38 50.18
N SER C 182 -34.00 7.09 50.18
CA SER C 182 -33.55 7.89 51.28
C SER C 182 -33.80 9.36 50.95
N SER C 183 -34.28 10.10 51.96
CA SER C 183 -34.39 11.55 51.91
C SER C 183 -33.64 12.18 53.09
N THR C 184 -32.91 13.28 52.83
CA THR C 184 -31.96 13.87 53.76
C THR C 184 -32.18 15.37 53.81
N LEU C 185 -32.18 15.93 55.03
CA LEU C 185 -32.22 17.37 55.26
C LEU C 185 -31.04 17.74 56.17
N THR C 186 -30.17 18.68 55.72
CA THR C 186 -29.00 19.10 56.48
C THR C 186 -29.18 20.53 56.99
N LEU C 187 -28.87 20.70 58.29
CA LEU C 187 -29.11 21.91 59.07
C LEU C 187 -27.81 22.33 59.76
N THR C 188 -27.66 23.62 60.08
CA THR C 188 -26.67 24.03 61.08
C THR C 188 -27.15 23.58 62.47
N LYS C 189 -26.24 23.50 63.45
CA LYS C 189 -26.61 23.12 64.81
C LYS C 189 -27.64 24.09 65.37
N ASP C 190 -27.41 25.41 65.18
CA ASP C 190 -28.31 26.46 65.66
C ASP C 190 -29.66 26.47 64.92
N GLU C 191 -29.68 25.98 63.67
CA GLU C 191 -30.90 25.77 62.89
C GLU C 191 -31.68 24.55 63.40
N TYR C 192 -30.99 23.49 63.85
CA TYR C 192 -31.62 22.36 64.53
C TYR C 192 -32.03 22.70 65.98
N GLU C 193 -31.42 23.73 66.59
CA GLU C 193 -31.70 24.13 67.97
C GLU C 193 -32.99 24.93 68.07
N ARG C 194 -33.19 25.89 67.14
CA ARG C 194 -34.28 26.87 67.21
C ARG C 194 -35.67 26.30 66.92
N HIS C 195 -35.76 25.07 66.36
CA HIS C 195 -37.03 24.42 66.01
C HIS C 195 -37.17 23.06 66.71
N ASN C 196 -38.41 22.68 67.04
CA ASN C 196 -38.70 21.62 68.01
C ASN C 196 -39.19 20.32 67.37
N SER C 197 -40.11 20.40 66.38
CA SER C 197 -40.84 19.26 65.81
C SER C 197 -40.53 19.08 64.32
N TYR C 198 -39.98 17.90 63.97
CA TYR C 198 -39.54 17.59 62.62
C TYR C 198 -40.41 16.47 62.04
N THR C 199 -40.88 16.68 60.79
CA THR C 199 -41.81 15.78 60.12
C THR C 199 -41.33 15.43 58.72
N CYS C 200 -41.37 14.13 58.37
CA CYS C 200 -41.21 13.64 57.01
C CYS C 200 -42.55 13.03 56.60
N GLU C 201 -43.13 13.48 55.47
CA GLU C 201 -44.38 12.89 54.99
C GLU C 201 -44.26 12.59 53.49
N ALA C 202 -44.72 11.39 53.10
CA ALA C 202 -44.45 10.81 51.80
C ALA C 202 -45.76 10.53 51.07
N THR C 203 -45.88 11.02 49.83
CA THR C 203 -47.03 10.75 48.99
C THR C 203 -46.65 9.74 47.91
N HIS C 204 -47.38 8.63 47.86
CA HIS C 204 -47.16 7.55 46.92
C HIS C 204 -48.49 7.09 46.36
N LYS C 205 -48.54 6.67 45.07
CA LYS C 205 -49.79 6.45 44.36
C LYS C 205 -50.70 5.38 44.96
N THR C 206 -50.22 4.58 45.94
CA THR C 206 -51.02 3.59 46.65
C THR C 206 -51.94 4.17 47.74
N SER C 207 -51.81 5.46 48.09
CA SER C 207 -52.65 6.08 49.11
C SER C 207 -53.04 7.52 48.73
N THR C 208 -54.29 7.90 49.01
CA THR C 208 -54.78 9.24 48.79
C THR C 208 -54.11 10.22 49.77
N SER C 209 -54.14 9.85 51.06
CA SER C 209 -53.48 10.59 52.14
C SER C 209 -51.98 10.28 52.17
N PRO C 210 -51.08 11.27 52.50
CA PRO C 210 -49.67 10.97 52.76
C PRO C 210 -49.47 10.09 53.99
N ILE C 211 -48.38 9.30 53.97
CA ILE C 211 -47.89 8.60 55.15
C ILE C 211 -46.99 9.58 55.90
N VAL C 212 -47.02 9.51 57.25
CA VAL C 212 -46.36 10.50 58.11
C VAL C 212 -45.52 9.78 59.17
N LYS C 213 -44.32 10.33 59.39
CA LYS C 213 -43.55 10.09 60.62
C LYS C 213 -42.90 11.41 61.07
N SER C 214 -42.69 11.52 62.39
CA SER C 214 -42.19 12.76 62.99
C SER C 214 -41.53 12.49 64.34
N PHE C 215 -40.74 13.47 64.82
CA PHE C 215 -40.20 13.44 66.17
C PHE C 215 -40.06 14.87 66.73
N ASN C 216 -40.07 14.97 68.07
CA ASN C 216 -39.85 16.21 68.80
C ASN C 216 -38.55 16.07 69.61
N ARG C 217 -37.62 17.03 69.44
CA ARG C 217 -36.27 16.91 70.02
C ARG C 217 -36.33 17.10 71.55
N GLU D 1 -11.22 -22.46 38.31
CA GLU D 1 -11.29 -21.00 38.49
C GLU D 1 -10.48 -20.28 37.42
N VAL D 2 -11.04 -19.19 36.85
CA VAL D 2 -10.28 -18.11 36.23
C VAL D 2 -10.72 -16.82 36.90
N GLN D 3 -9.78 -15.96 37.30
CA GLN D 3 -10.14 -14.74 38.03
C GLN D 3 -9.11 -13.64 37.79
N LEU D 4 -9.62 -12.51 37.27
CA LEU D 4 -8.87 -11.27 37.13
C LEU D 4 -9.28 -10.39 38.30
N GLN D 5 -8.34 -9.63 38.86
CA GLN D 5 -8.70 -8.66 39.88
C GLN D 5 -7.86 -7.39 39.77
N GLN D 6 -8.46 -6.30 40.27
CA GLN D 6 -7.97 -4.95 40.08
C GLN D 6 -8.15 -4.13 41.36
N SER D 7 -7.26 -3.14 41.52
CA SER D 7 -7.43 -2.07 42.47
C SER D 7 -8.79 -1.41 42.28
N GLY D 8 -9.35 -0.88 43.40
CA GLY D 8 -10.76 -0.51 43.51
C GLY D 8 -11.08 0.87 42.92
N ALA D 9 -10.13 1.79 43.15
CA ALA D 9 -10.40 3.20 43.01
C ALA D 9 -9.10 3.96 42.80
N GLU D 10 -9.18 4.96 41.93
CA GLU D 10 -8.03 5.83 41.64
C GLU D 10 -8.55 7.24 41.47
N LEU D 11 -7.81 8.17 42.08
CA LEU D 11 -8.07 9.58 41.93
C LEU D 11 -6.92 10.19 41.12
N VAL D 12 -7.30 11.01 40.13
CA VAL D 12 -6.32 11.60 39.23
C VAL D 12 -6.55 13.10 39.13
N LYS D 13 -5.51 13.92 39.44
CA LYS D 13 -5.61 15.36 39.20
C LYS D 13 -5.54 15.62 37.69
N PRO D 14 -6.48 16.39 37.08
CA PRO D 14 -6.57 16.52 35.62
C PRO D 14 -5.23 16.73 34.91
N GLY D 15 -5.07 16.02 33.79
CA GLY D 15 -3.85 16.05 32.99
C GLY D 15 -2.80 15.01 33.40
N ALA D 16 -2.88 14.45 34.63
CA ALA D 16 -1.85 13.52 35.09
C ALA D 16 -2.08 12.13 34.48
N SER D 17 -1.05 11.27 34.50
CA SER D 17 -1.20 9.87 34.12
C SER D 17 -1.72 9.05 35.30
N VAL D 18 -2.20 7.84 35.00
CA VAL D 18 -2.48 6.83 36.00
C VAL D 18 -2.14 5.42 35.51
N ASN D 19 -1.75 4.55 36.45
CA ASN D 19 -1.59 3.13 36.20
C ASN D 19 -2.75 2.37 36.84
N LEU D 20 -3.50 1.60 36.02
CA LEU D 20 -4.55 0.69 36.45
C LEU D 20 -4.01 -0.71 36.24
N SER D 21 -4.23 -1.62 37.18
CA SER D 21 -3.42 -2.85 37.22
C SER D 21 -4.30 -4.07 37.49
N CYS D 22 -3.97 -5.19 36.88
CA CYS D 22 -4.89 -6.32 36.77
C CYS D 22 -4.12 -7.62 36.89
N LYS D 23 -4.34 -8.34 37.97
CA LYS D 23 -3.62 -9.57 38.20
C LYS D 23 -4.53 -10.75 37.84
N ALA D 24 -4.03 -11.56 36.91
CA ALA D 24 -4.66 -12.80 36.52
C ALA D 24 -4.32 -13.93 37.47
N SER D 25 -5.21 -14.91 37.48
CA SER D 25 -4.97 -16.18 38.16
C SER D 25 -5.79 -17.28 37.50
N GLY D 26 -5.32 -18.50 37.66
CA GLY D 26 -6.07 -19.70 37.31
C GLY D 26 -5.83 -20.18 35.89
N TYR D 27 -4.85 -19.60 35.18
CA TYR D 27 -4.53 -20.05 33.81
C TYR D 27 -3.10 -19.63 33.44
N THR D 28 -2.60 -20.29 32.37
CA THR D 28 -1.29 -20.03 31.79
C THR D 28 -1.23 -18.66 31.14
N PHE D 29 -0.61 -17.66 31.77
CA PHE D 29 -0.90 -16.27 31.45
C PHE D 29 -0.54 -15.86 30.02
N THR D 30 0.49 -16.44 29.43
CA THR D 30 0.92 -16.11 28.08
C THR D 30 0.00 -16.65 26.97
N ASN D 31 -0.95 -17.56 27.26
CA ASN D 31 -1.75 -18.17 26.21
C ASN D 31 -2.85 -17.24 25.73
N TYR D 32 -3.21 -16.19 26.49
CA TYR D 32 -4.41 -15.44 26.15
C TYR D 32 -4.27 -13.93 26.27
N TRP D 33 -4.86 -13.23 25.29
CA TRP D 33 -4.55 -11.83 25.30
C TRP D 33 -5.45 -11.14 26.29
N MET D 34 -5.01 -9.97 26.77
CA MET D 34 -5.72 -9.24 27.79
C MET D 34 -6.30 -7.96 27.23
N HIS D 35 -7.57 -7.74 27.45
CA HIS D 35 -8.26 -6.60 26.90
C HIS D 35 -8.64 -5.62 28.03
N TRP D 36 -8.64 -4.34 27.70
CA TRP D 36 -9.12 -3.27 28.55
C TRP D 36 -10.38 -2.63 27.98
N VAL D 37 -11.47 -2.60 28.73
CA VAL D 37 -12.70 -1.98 28.28
C VAL D 37 -13.09 -0.95 29.35
N ARG D 38 -13.87 0.03 28.95
CA ARG D 38 -14.23 1.16 29.80
C ARG D 38 -15.75 1.33 29.80
N LEU D 39 -16.31 1.91 30.84
CA LEU D 39 -17.74 2.18 30.89
C LEU D 39 -17.97 3.62 31.46
N ARG D 40 -18.03 4.59 30.54
CA ARG D 40 -18.43 5.95 30.85
C ARG D 40 -19.84 5.86 31.45
N PRO D 41 -20.19 6.57 32.54
CA PRO D 41 -21.57 6.53 33.05
C PRO D 41 -22.65 6.95 32.05
N GLY D 42 -23.71 6.14 31.97
CA GLY D 42 -24.89 6.37 31.15
C GLY D 42 -24.65 6.40 29.64
N GLN D 43 -23.56 5.79 29.16
CA GLN D 43 -23.06 6.00 27.81
C GLN D 43 -22.57 4.70 27.14
N GLY D 44 -22.67 3.54 27.81
CA GLY D 44 -22.35 2.27 27.17
C GLY D 44 -20.86 1.95 27.11
N LEU D 45 -20.56 0.65 27.03
CA LEU D 45 -19.18 0.16 27.08
C LEU D 45 -18.35 0.64 25.87
N GLU D 46 -17.04 0.77 26.05
CA GLU D 46 -16.09 1.16 24.99
C GLU D 46 -14.78 0.41 25.19
N TRP D 47 -14.17 -0.11 24.13
CA TRP D 47 -13.01 -0.99 24.29
C TRP D 47 -11.76 -0.21 23.96
N ILE D 48 -10.76 -0.39 24.82
CA ILE D 48 -9.55 0.40 24.71
C ILE D 48 -8.57 -0.30 23.75
N GLY D 49 -8.28 -1.52 24.06
CA GLY D 49 -7.20 -2.18 23.40
C GLY D 49 -6.82 -3.46 24.16
N GLU D 50 -5.89 -4.16 23.55
CA GLU D 50 -5.45 -5.40 24.09
C GLU D 50 -3.97 -5.60 23.87
N ILE D 51 -3.44 -6.55 24.63
CA ILE D 51 -2.03 -6.74 24.82
C ILE D 51 -1.82 -8.23 24.81
N ASP D 52 -0.71 -8.65 24.24
CA ASP D 52 -0.31 -10.02 24.21
C ASP D 52 0.80 -10.27 25.23
N PRO D 53 0.56 -11.03 26.31
CA PRO D 53 1.60 -11.23 27.27
C PRO D 53 2.81 -12.01 26.76
N SER D 54 2.68 -12.71 25.63
CA SER D 54 3.81 -13.46 25.12
C SER D 54 4.93 -12.60 24.47
N ASP D 55 4.67 -11.35 24.09
CA ASP D 55 5.67 -10.50 23.45
C ASP D 55 5.41 -9.00 23.60
N SER D 56 4.45 -8.65 24.45
CA SER D 56 4.13 -7.25 24.73
C SER D 56 3.65 -6.38 23.54
N TYR D 57 3.33 -6.97 22.37
CA TYR D 57 2.57 -6.30 21.31
C TYR D 57 1.20 -5.86 21.81
N SER D 58 0.73 -4.69 21.41
CA SER D 58 -0.60 -4.25 21.81
C SER D 58 -1.27 -3.39 20.72
N TYR D 59 -2.58 -3.46 20.70
CA TYR D 59 -3.39 -3.02 19.59
C TYR D 59 -4.49 -2.16 20.20
N TYR D 60 -4.74 -0.97 19.65
CA TYR D 60 -5.56 -0.04 20.40
C TYR D 60 -6.60 0.62 19.55
N SER D 61 -7.75 1.00 20.18
CA SER D 61 -8.80 1.51 19.31
C SER D 61 -8.32 2.85 18.79
N GLN D 62 -8.86 3.34 17.68
CA GLN D 62 -8.40 4.61 17.12
C GLN D 62 -8.54 5.78 18.12
N ASN D 63 -9.57 5.74 18.98
CA ASN D 63 -9.86 6.77 19.97
C ASN D 63 -8.79 6.85 21.05
N PHE D 64 -8.04 5.77 21.31
CA PHE D 64 -7.09 5.75 22.40
C PHE D 64 -5.62 5.79 21.96
N LYS D 65 -5.35 5.90 20.67
CA LYS D 65 -4.03 5.56 20.17
C LYS D 65 -3.08 6.65 20.67
N GLY D 66 -2.05 6.25 21.44
CA GLY D 66 -1.13 7.22 22.01
C GLY D 66 -1.59 7.83 23.34
N LYS D 67 -2.91 7.99 23.54
CA LYS D 67 -3.51 8.33 24.83
C LYS D 67 -3.37 7.21 25.88
N ALA D 68 -3.51 5.94 25.48
CA ALA D 68 -3.27 4.77 26.31
C ALA D 68 -1.87 4.19 26.10
N THR D 69 -1.52 3.23 26.96
CA THR D 69 -0.30 2.47 26.84
C THR D 69 -0.39 1.23 27.72
N LEU D 70 -0.47 0.07 27.08
CA LEU D 70 -0.58 -1.20 27.80
C LEU D 70 0.81 -1.75 27.91
N THR D 71 1.09 -2.35 29.06
CA THR D 71 2.24 -3.26 29.19
C THR D 71 1.81 -4.46 29.99
N VAL D 72 2.82 -5.30 30.28
CA VAL D 72 2.58 -6.53 30.97
C VAL D 72 3.82 -6.99 31.75
N ASP D 73 3.59 -7.85 32.75
CA ASP D 73 4.62 -8.44 33.60
C ASP D 73 4.34 -9.94 33.77
N GLN D 74 5.06 -10.74 32.98
CA GLN D 74 4.89 -12.19 32.95
C GLN D 74 5.31 -12.86 34.27
N SER D 75 6.13 -12.17 35.09
CA SER D 75 6.65 -12.74 36.32
C SER D 75 5.56 -12.84 37.39
N SER D 76 4.46 -12.06 37.25
CA SER D 76 3.39 -12.03 38.25
C SER D 76 1.99 -12.26 37.68
N ASN D 77 1.89 -12.56 36.38
CA ASN D 77 0.61 -12.56 35.67
C ASN D 77 -0.11 -11.22 35.77
N THR D 78 0.59 -10.09 35.71
CA THR D 78 -0.07 -8.79 35.80
C THR D 78 -0.03 -8.07 34.46
N ALA D 79 -1.15 -7.45 34.12
CA ALA D 79 -1.26 -6.52 33.01
C ALA D 79 -1.49 -5.11 33.55
N TYR D 80 -0.87 -4.11 32.92
CA TYR D 80 -0.98 -2.73 33.36
C TYR D 80 -1.47 -1.85 32.23
N LEU D 81 -2.51 -1.07 32.49
CA LEU D 81 -2.90 -0.03 31.57
C LEU D 81 -2.42 1.31 32.12
N GLN D 82 -1.47 1.96 31.43
CA GLN D 82 -1.27 3.39 31.66
C GLN D 82 -2.26 4.19 30.84
N LEU D 83 -2.87 5.18 31.49
CA LEU D 83 -3.62 6.18 30.77
C LEU D 83 -2.99 7.54 31.01
N THR D 84 -3.10 8.44 30.02
CA THR D 84 -2.41 9.73 30.06
C THR D 84 -3.31 10.86 29.56
N SER D 85 -3.00 12.10 29.96
CA SER D 85 -3.73 13.33 29.62
C SER D 85 -5.20 13.33 30.07
N LEU D 86 -5.52 12.59 31.16
CA LEU D 86 -6.89 12.39 31.62
C LEU D 86 -7.64 13.71 31.92
N THR D 87 -8.79 13.87 31.25
CA THR D 87 -9.73 14.97 31.44
C THR D 87 -10.87 14.50 32.34
N SER D 88 -11.76 15.41 32.75
CA SER D 88 -12.93 15.04 33.55
C SER D 88 -13.78 14.05 32.77
N GLU D 89 -13.92 14.24 31.44
CA GLU D 89 -14.71 13.30 30.63
C GLU D 89 -14.03 11.94 30.39
N ASP D 90 -12.82 11.68 30.90
CA ASP D 90 -12.23 10.34 30.93
C ASP D 90 -12.45 9.63 32.28
N SER D 91 -13.23 10.23 33.19
CA SER D 91 -13.65 9.61 34.42
C SER D 91 -14.58 8.49 34.01
N ALA D 92 -14.38 7.30 34.59
CA ALA D 92 -15.09 6.10 34.17
C ALA D 92 -14.79 4.92 35.08
N VAL D 93 -15.38 3.77 34.74
CA VAL D 93 -14.89 2.52 35.27
C VAL D 93 -14.09 1.80 34.20
N TYR D 94 -12.91 1.28 34.58
CA TYR D 94 -12.01 0.60 33.68
C TYR D 94 -11.98 -0.86 34.07
N TYR D 95 -12.34 -1.70 33.09
CA TYR D 95 -12.43 -3.13 33.28
C TYR D 95 -11.35 -3.85 32.50
N CYS D 96 -10.69 -4.77 33.20
CA CYS D 96 -9.75 -5.72 32.64
C CYS D 96 -10.50 -6.99 32.25
N ALA D 97 -10.29 -7.53 31.06
CA ALA D 97 -11.06 -8.65 30.53
C ALA D 97 -10.14 -9.63 29.78
N ARG D 98 -10.50 -10.91 29.77
CA ARG D 98 -9.82 -11.99 29.08
C ARG D 98 -10.69 -12.56 27.96
N GLY D 99 -10.04 -12.97 26.90
CA GLY D 99 -10.75 -13.56 25.78
C GLY D 99 -10.96 -15.04 26.00
N ARG D 100 -11.83 -15.58 25.14
CA ARG D 100 -11.99 -17.03 25.15
C ARG D 100 -10.95 -17.72 24.28
N GLN D 101 -11.00 -17.46 22.97
CA GLN D 101 -9.97 -17.87 22.04
C GLN D 101 -8.82 -16.88 22.16
N THR D 102 -7.64 -17.24 21.59
CA THR D 102 -6.38 -16.54 21.86
C THR D 102 -6.37 -15.20 21.18
N TYR D 103 -6.84 -14.13 21.86
CA TYR D 103 -7.06 -12.75 21.33
C TYR D 103 -8.46 -12.35 20.75
N TYR D 104 -9.32 -13.28 20.31
CA TYR D 104 -10.59 -12.88 19.73
C TYR D 104 -11.50 -12.19 20.74
N PRO D 105 -12.13 -11.06 20.38
CA PRO D 105 -12.85 -10.24 21.35
C PRO D 105 -14.27 -10.66 21.71
N TRP D 106 -14.40 -11.70 22.53
CA TRP D 106 -15.59 -11.80 23.35
C TRP D 106 -15.20 -12.28 24.71
N PHE D 107 -15.89 -11.74 25.72
CA PHE D 107 -15.21 -11.61 27.00
C PHE D 107 -15.89 -12.40 28.11
N PRO D 108 -15.52 -13.66 28.36
CA PRO D 108 -16.15 -14.38 29.40
C PRO D 108 -15.68 -13.92 30.76
N TYR D 109 -14.39 -13.53 30.92
CA TYR D 109 -13.88 -13.26 32.25
C TYR D 109 -13.54 -11.78 32.39
N TRP D 110 -14.20 -11.06 33.30
CA TRP D 110 -13.88 -9.70 33.60
C TRP D 110 -13.43 -9.53 35.06
N GLY D 111 -12.41 -8.68 35.25
CA GLY D 111 -12.08 -8.16 36.56
C GLY D 111 -13.12 -7.16 37.04
N GLN D 112 -13.37 -7.11 38.35
CA GLN D 112 -14.23 -6.13 38.98
C GLN D 112 -13.61 -4.76 38.70
N GLY D 113 -14.40 -3.74 38.31
CA GLY D 113 -13.88 -2.53 37.65
C GLY D 113 -13.08 -1.60 38.58
N THR D 114 -12.06 -0.89 38.05
CA THR D 114 -11.35 0.16 38.78
C THR D 114 -12.00 1.49 38.50
N LEU D 115 -12.50 2.16 39.54
CA LEU D 115 -13.25 3.39 39.33
C LEU D 115 -12.27 4.55 39.33
N VAL D 116 -12.09 5.16 38.15
CA VAL D 116 -11.19 6.29 37.95
C VAL D 116 -11.93 7.61 37.94
N THR D 117 -11.70 8.42 38.98
CA THR D 117 -12.30 9.76 39.08
C THR D 117 -11.24 10.82 38.79
N VAL D 118 -11.56 11.77 37.90
CA VAL D 118 -10.61 12.82 37.54
C VAL D 118 -11.12 14.14 38.11
N SER D 119 -10.44 14.65 39.16
CA SER D 119 -10.87 15.83 39.90
C SER D 119 -9.70 16.40 40.70
N ALA D 120 -9.70 17.73 40.84
CA ALA D 120 -8.68 18.43 41.61
C ALA D 120 -8.97 18.38 43.13
N ALA D 121 -10.25 18.16 43.51
CA ALA D 121 -10.66 18.09 44.90
C ALA D 121 -9.98 16.90 45.59
N LYS D 122 -9.57 17.11 46.84
CA LYS D 122 -8.67 16.21 47.55
C LYS D 122 -9.43 15.00 48.11
N THR D 123 -8.70 13.89 48.24
CA THR D 123 -9.09 12.72 49.02
C THR D 123 -9.56 13.17 50.40
N THR D 124 -10.70 12.62 50.85
CA THR D 124 -11.32 13.06 52.09
C THR D 124 -11.94 11.83 52.75
N PRO D 125 -11.34 11.27 53.83
CA PRO D 125 -11.95 10.13 54.51
C PRO D 125 -13.36 10.39 55.03
N PRO D 126 -14.21 9.34 55.10
CA PRO D 126 -15.61 9.49 55.47
C PRO D 126 -15.85 9.74 56.95
N SER D 127 -16.94 10.46 57.25
CA SER D 127 -17.45 10.61 58.59
C SER D 127 -18.76 9.84 58.70
N ASP D 128 -18.84 8.89 59.67
CA ASP D 128 -19.94 7.93 59.78
C ASP D 128 -20.79 8.26 61.01
N TYR D 129 -22.10 8.26 60.83
CA TYR D 129 -23.02 8.70 61.86
C TYR D 129 -24.19 7.72 61.91
N PRO D 130 -24.33 6.94 63.01
CA PRO D 130 -25.38 5.93 63.10
C PRO D 130 -26.74 6.54 63.40
N LEU D 131 -27.79 5.82 62.96
CA LEU D 131 -29.18 6.25 63.08
C LEU D 131 -29.99 5.20 63.84
N ALA D 132 -30.64 5.62 64.93
CA ALA D 132 -31.52 4.74 65.70
C ALA D 132 -32.89 5.42 65.89
N PRO D 133 -34.01 4.67 65.90
CA PRO D 133 -35.35 5.26 65.73
C PRO D 133 -35.85 6.27 66.76
N GLY D 134 -35.37 6.22 68.02
CA GLY D 134 -35.78 7.16 69.06
C GLY D 134 -37.13 6.79 69.69
N SER D 135 -38.12 7.71 69.60
CA SER D 135 -39.46 7.55 70.17
C SER D 135 -40.23 6.40 69.52
N ALA D 136 -40.95 5.62 70.35
CA ALA D 136 -41.86 4.54 69.94
C ALA D 136 -41.17 3.45 69.09
N ALA D 137 -39.86 3.23 69.30
CA ALA D 137 -39.05 2.33 68.47
C ALA D 137 -39.56 0.89 68.52
N GLN D 138 -39.74 0.36 69.74
CA GLN D 138 -40.09 -1.03 69.98
C GLN D 138 -41.60 -1.29 69.89
N THR D 139 -42.41 -0.28 69.53
CA THR D 139 -43.86 -0.43 69.36
C THR D 139 -44.22 -1.28 68.13
N ASN D 140 -43.25 -1.58 67.23
CA ASN D 140 -43.47 -2.40 66.05
C ASN D 140 -42.53 -3.63 66.06
N SER D 141 -42.97 -4.71 65.40
CA SER D 141 -42.32 -6.02 65.48
C SER D 141 -40.96 -6.06 64.77
N MET D 142 -40.82 -5.30 63.66
CA MET D 142 -39.57 -5.13 62.93
C MET D 142 -39.10 -3.68 63.05
N VAL D 143 -37.77 -3.49 63.26
CA VAL D 143 -37.19 -2.16 63.49
C VAL D 143 -36.04 -1.91 62.52
N THR D 144 -36.03 -0.70 61.95
CA THR D 144 -35.04 -0.28 60.96
C THR D 144 -33.91 0.46 61.67
N LEU D 145 -32.68 0.26 61.17
CA LEU D 145 -31.47 0.90 61.66
C LEU D 145 -30.69 1.47 60.47
N GLY D 146 -29.88 2.51 60.72
CA GLY D 146 -29.26 3.22 59.61
C GLY D 146 -27.87 3.76 59.96
N CYS D 147 -27.20 4.22 58.90
CA CYS D 147 -25.82 4.67 58.97
C CYS D 147 -25.66 5.71 57.87
N LEU D 148 -25.66 6.99 58.26
CA LEU D 148 -25.25 8.06 57.37
C LEU D 148 -23.72 8.06 57.19
N VAL D 149 -23.26 8.26 55.94
CA VAL D 149 -21.87 8.41 55.56
C VAL D 149 -21.75 9.77 54.87
N LYS D 150 -20.97 10.69 55.42
CA LYS D 150 -21.07 12.09 55.03
C LYS D 150 -19.71 12.67 54.63
N GLY D 151 -19.74 13.61 53.68
CA GLY D 151 -18.61 14.46 53.32
C GLY D 151 -17.34 13.74 52.84
N TYR D 152 -17.46 12.50 52.34
CA TYR D 152 -16.31 11.68 51.96
C TYR D 152 -15.93 11.91 50.48
N PHE D 153 -14.76 11.38 50.06
CA PHE D 153 -14.31 11.40 48.68
C PHE D 153 -13.15 10.42 48.48
N PRO D 154 -12.92 9.78 47.30
CA PRO D 154 -13.79 9.75 46.13
C PRO D 154 -14.98 8.80 46.27
N GLU D 155 -15.68 8.57 45.14
CA GLU D 155 -16.99 7.93 45.02
C GLU D 155 -17.15 6.59 45.77
N PRO D 156 -16.24 5.60 45.67
CA PRO D 156 -16.54 4.24 46.15
C PRO D 156 -16.32 4.10 47.65
N VAL D 157 -17.44 4.03 48.37
CA VAL D 157 -17.48 3.59 49.76
C VAL D 157 -18.43 2.41 49.80
N THR D 158 -18.09 1.44 50.66
CA THR D 158 -18.81 0.19 50.74
C THR D 158 -19.36 0.07 52.15
N VAL D 159 -20.57 -0.49 52.28
CA VAL D 159 -21.14 -0.78 53.59
C VAL D 159 -21.61 -2.23 53.58
N THR D 160 -21.26 -2.92 54.68
CA THR D 160 -21.84 -4.20 55.04
C THR D 160 -22.15 -4.14 56.53
N TRP D 161 -23.17 -4.91 56.94
CA TRP D 161 -23.63 -4.89 58.32
C TRP D 161 -23.24 -6.17 59.05
N ASN D 162 -22.67 -6.02 60.26
CA ASN D 162 -22.13 -7.11 61.07
C ASN D 162 -21.19 -7.99 60.24
N SER D 163 -20.18 -7.36 59.61
CA SER D 163 -19.14 -8.04 58.84
C SER D 163 -19.71 -8.93 57.73
N GLY D 164 -20.81 -8.51 57.10
CA GLY D 164 -21.46 -9.26 56.04
C GLY D 164 -22.46 -10.33 56.51
N SER D 165 -22.64 -10.49 57.84
CA SER D 165 -23.57 -11.46 58.41
C SER D 165 -25.03 -11.08 58.11
N LEU D 166 -25.35 -9.78 58.21
CA LEU D 166 -26.69 -9.27 57.91
C LEU D 166 -26.80 -8.90 56.42
N SER D 167 -26.51 -9.86 55.53
CA SER D 167 -26.59 -9.65 54.09
C SER D 167 -28.04 -9.68 53.57
N SER D 168 -29.03 -10.00 54.44
CA SER D 168 -30.44 -10.04 54.09
C SER D 168 -31.18 -8.80 54.62
N GLY D 169 -31.92 -8.12 53.72
CA GLY D 169 -32.73 -6.96 54.05
C GLY D 169 -31.91 -5.69 54.25
N VAL D 170 -30.84 -5.48 53.46
CA VAL D 170 -30.04 -4.26 53.46
C VAL D 170 -30.31 -3.45 52.19
N HIS D 171 -30.58 -2.15 52.40
CA HIS D 171 -30.69 -1.15 51.35
C HIS D 171 -29.61 -0.09 51.54
N THR D 172 -28.74 0.09 50.54
CA THR D 172 -27.76 1.14 50.56
C THR D 172 -28.04 2.06 49.38
N PHE D 173 -28.30 3.33 49.69
CA PHE D 173 -28.75 4.27 48.70
C PHE D 173 -27.53 4.85 47.97
N PRO D 174 -27.56 4.97 46.64
CA PRO D 174 -26.53 5.67 45.88
C PRO D 174 -26.13 7.01 46.46
N ALA D 175 -24.85 7.35 46.27
CA ALA D 175 -24.27 8.57 46.82
C ALA D 175 -24.75 9.82 46.06
N VAL D 176 -24.83 10.93 46.83
CA VAL D 176 -25.16 12.27 46.37
C VAL D 176 -23.89 13.10 46.48
N LEU D 177 -23.52 13.84 45.42
CA LEU D 177 -22.33 14.68 45.44
C LEU D 177 -22.71 16.14 45.73
N GLN D 178 -22.09 16.73 46.77
CA GLN D 178 -22.36 18.08 47.24
C GLN D 178 -21.06 18.81 47.56
N SER D 179 -20.87 20.01 47.01
CA SER D 179 -19.69 20.83 47.22
C SER D 179 -18.40 19.99 47.10
N ASP D 180 -18.34 19.15 46.06
CA ASP D 180 -17.22 18.27 45.73
C ASP D 180 -16.85 17.30 46.88
N LEU D 181 -17.85 16.89 47.70
CA LEU D 181 -17.79 15.78 48.66
C LEU D 181 -19.07 14.93 48.60
N TYR D 182 -18.96 13.61 48.75
CA TYR D 182 -20.08 12.68 48.59
C TYR D 182 -20.79 12.46 49.93
N THR D 183 -22.08 12.10 49.85
CA THR D 183 -22.90 11.69 50.98
C THR D 183 -23.68 10.43 50.57
N LEU D 184 -23.78 9.43 51.47
CA LEU D 184 -24.43 8.15 51.20
C LEU D 184 -25.06 7.69 52.49
N SER D 185 -26.06 6.81 52.43
CA SER D 185 -26.61 6.23 53.65
C SER D 185 -27.02 4.79 53.42
N SER D 186 -26.97 4.01 54.49
CA SER D 186 -27.22 2.58 54.42
C SER D 186 -28.19 2.24 55.52
N SER D 187 -28.98 1.20 55.28
CA SER D 187 -30.08 0.85 56.16
C SER D 187 -30.30 -0.66 56.16
N VAL D 188 -30.78 -1.14 57.30
CA VAL D 188 -31.02 -2.54 57.55
C VAL D 188 -32.24 -2.66 58.46
N THR D 189 -32.98 -3.77 58.37
CA THR D 189 -34.13 -4.01 59.24
C THR D 189 -33.96 -5.38 59.91
N VAL D 190 -34.27 -5.41 61.22
CA VAL D 190 -34.06 -6.58 62.07
C VAL D 190 -35.26 -6.80 62.98
N PRO D 191 -35.45 -8.02 63.55
CA PRO D 191 -36.48 -8.23 64.57
C PRO D 191 -36.30 -7.32 65.79
N SER D 192 -37.42 -6.86 66.36
CA SER D 192 -37.42 -6.01 67.55
C SER D 192 -36.79 -6.72 68.77
N SER D 193 -36.74 -8.06 68.78
CA SER D 193 -35.98 -8.84 69.76
C SER D 193 -34.46 -8.65 69.64
N THR D 194 -33.96 -8.48 68.40
CA THR D 194 -32.53 -8.46 68.10
C THR D 194 -31.88 -7.16 68.56
N TRP D 195 -32.38 -5.98 68.13
CA TRP D 195 -31.54 -4.78 68.12
C TRP D 195 -31.02 -4.40 69.52
N PRO D 196 -31.84 -4.16 70.58
CA PRO D 196 -31.29 -3.89 71.92
C PRO D 196 -30.50 -5.03 72.58
N SER D 197 -30.65 -6.27 72.07
CA SER D 197 -30.09 -7.49 72.65
C SER D 197 -28.71 -7.88 72.09
N GLU D 198 -28.33 -7.34 70.91
CA GLU D 198 -27.22 -7.84 70.12
C GLU D 198 -26.36 -6.71 69.54
N THR D 199 -25.16 -7.06 69.07
CA THR D 199 -24.30 -6.14 68.32
C THR D 199 -24.92 -5.83 66.96
N VAL D 200 -24.98 -4.53 66.61
CA VAL D 200 -25.23 -4.12 65.22
C VAL D 200 -24.23 -3.03 64.83
N THR D 201 -23.48 -3.24 63.72
CA THR D 201 -22.52 -2.28 63.20
C THR D 201 -22.64 -2.12 61.67
N CYS D 202 -22.62 -0.86 61.19
CA CYS D 202 -22.25 -0.62 59.80
C CYS D 202 -20.71 -0.67 59.69
N ASN D 203 -20.20 -1.69 58.97
CA ASN D 203 -18.78 -1.87 58.70
C ASN D 203 -18.37 -1.08 57.46
N VAL D 204 -18.36 0.25 57.56
CA VAL D 204 -18.04 1.14 56.44
C VAL D 204 -16.57 0.96 56.06
N ALA D 205 -16.29 0.96 54.75
CA ALA D 205 -14.96 0.70 54.24
C ALA D 205 -14.71 1.56 53.00
N HIS D 206 -13.48 2.08 52.89
CA HIS D 206 -13.15 3.08 51.89
C HIS D 206 -11.80 2.73 51.24
N PRO D 207 -11.77 2.07 50.06
CA PRO D 207 -10.52 1.68 49.40
C PRO D 207 -9.50 2.78 49.13
N ALA D 208 -9.96 4.00 48.83
CA ALA D 208 -9.09 5.06 48.35
C ALA D 208 -8.42 5.85 49.48
N SER D 209 -8.83 5.70 50.75
CA SER D 209 -8.08 6.26 51.88
C SER D 209 -7.92 5.29 53.06
N SER D 210 -8.09 3.96 52.83
CA SER D 210 -7.71 2.87 53.71
C SER D 210 -8.42 2.85 55.08
N THR D 211 -9.48 3.68 55.29
CA THR D 211 -10.19 3.72 56.57
C THR D 211 -11.29 2.66 56.62
N LYS D 212 -11.33 1.91 57.74
CA LYS D 212 -12.33 0.89 58.02
C LYS D 212 -12.90 1.17 59.41
N VAL D 213 -14.24 1.28 59.51
CA VAL D 213 -14.88 1.80 60.71
C VAL D 213 -16.18 1.01 60.99
N ASP D 214 -16.38 0.65 62.26
CA ASP D 214 -17.47 -0.21 62.72
C ASP D 214 -18.26 0.51 63.83
N LYS D 215 -19.08 1.51 63.45
CA LYS D 215 -19.93 2.23 64.40
C LYS D 215 -21.07 1.33 64.89
N LYS D 216 -21.22 1.21 66.22
CA LYS D 216 -22.31 0.45 66.82
C LYS D 216 -23.56 1.31 66.93
N ILE D 217 -24.73 0.71 66.65
CA ILE D 217 -26.01 1.42 66.66
C ILE D 217 -26.60 1.33 68.07
N VAL D 218 -26.33 2.34 68.91
CA VAL D 218 -26.69 2.36 70.32
C VAL D 218 -27.96 3.20 70.52
N PRO D 219 -28.98 2.74 71.31
CA PRO D 219 -30.17 3.54 71.59
C PRO D 219 -29.93 4.91 72.25
N ARG D 220 -30.90 5.82 72.09
CA ARG D 220 -30.77 7.19 72.57
C ARG D 220 -30.96 7.24 74.09
#